data_8K7Y
#
_entry.id   8K7Y
#
_cell.length_a   75.231
_cell.length_b   83.510
_cell.length_c   102.034
_cell.angle_alpha   90.00
_cell.angle_beta   90.66
_cell.angle_gamma   90.00
#
_symmetry.space_group_name_H-M   'P 1 21 1'
#
loop_
_entity.id
_entity.type
_entity.pdbx_description
1 polymer beta1,3-L-arabinofuranoside
2 non-polymer 'ZINC ION'
3 water water
#
_entity_poly.entity_id   1
_entity_poly.type   'polypeptide(L)'
_entity_poly.pdbx_seq_one_letter_code
;MENVTVADEYLQNAGKKEVEYLLSFEPDRLLVEFRAQAGLDTKGAKNYGGWENGPDESRNPDGSSKPGRFTGHFVGHWIS
AASQAQRSTFATADQKAQLSANLTAVVKGIREAQEAYAKKDTANAGFFPAFSASVVPNGGGGLIVPFYNLHKVEAGMVQA
YDYSTDAETRETAKAAAVDFAKWVVNWKSAHASTDMLRTEYGGMNDALYQVAEIADASDKQTVLTAAHLFDETALFQKLA
NGQDPLNGLHANTTIPKLTGAMQRYVAYTEDEDLYNSLSADERGKLTSLYLKAAQNFFDIVVKDHTYVNGGNSQSEHFHV
AGELWKDATQNGDQNGGYRNFSTVETCNEYNMLKLARILFQVTKDSKYSEYYEHTFINAIVASQNPETGMTTYFQPMKAG
YPKVFGITGTDYDADWFGGAIGEYWCCQGTGIENFAKLNDSFYFTDENNVYVNMFWSSTYTDTRHNLTITQTANVPKTED
VTFEVSGTGSANLKLRVPDWAITNGVKLVVDGTEQALTKDENGWVTVAIKDGAKITYTLPAKLQAIDAADNKDWVAFQYG
PVVLAGALTDTNYKTNYSYGGVKVRVANYDSEANAKAAVIPTSGSVTDWLKGIKEDASEGSNLVRTDDPNTGNRETLSFK
FANVDGDAADLTLQPYYSTYKTTYAIYWDMAEVLEHHHHHH
;
_entity_poly.pdbx_strand_id   A,E
#
loop_
_chem_comp.id
_chem_comp.type
_chem_comp.name
_chem_comp.formula
ZN non-polymer 'ZINC ION' 'Zn 2'
#
# COMPACT_ATOMS: atom_id res chain seq x y z
N MET A 1 13.09 -13.04 4.84
CA MET A 1 13.37 -12.24 6.08
C MET A 1 12.58 -12.83 7.24
N GLU A 2 13.21 -12.87 8.43
CA GLU A 2 12.47 -12.97 9.67
C GLU A 2 11.42 -11.86 9.67
N ASN A 3 10.19 -12.17 10.06
CA ASN A 3 9.24 -11.10 10.25
C ASN A 3 8.23 -11.52 11.30
N VAL A 4 7.69 -10.48 11.91
CA VAL A 4 6.62 -10.64 12.86
C VAL A 4 5.50 -9.76 12.32
N THR A 5 4.52 -10.42 11.72
CA THR A 5 3.30 -9.73 11.36
C THR A 5 2.44 -9.78 12.60
N VAL A 6 1.85 -8.64 12.94
CA VAL A 6 1.18 -8.46 14.20
C VAL A 6 -0.32 -8.50 13.92
N ALA A 7 -1.04 -9.33 14.65
CA ALA A 7 -2.46 -9.53 14.43
C ALA A 7 -3.26 -8.63 15.36
N ASP A 8 -2.69 -8.26 16.52
CA ASP A 8 -3.40 -7.49 17.51
C ASP A 8 -3.94 -6.20 16.88
N GLU A 9 -5.24 -5.92 17.04
CA GLU A 9 -5.85 -4.78 16.37
C GLU A 9 -5.32 -3.45 16.93
N TYR A 10 -5.20 -3.36 18.26
CA TYR A 10 -4.71 -2.14 18.88
C TYR A 10 -3.29 -1.79 18.44
N LEU A 11 -2.40 -2.80 18.40
CA LEU A 11 -1.03 -2.59 18.01
C LEU A 11 -0.95 -2.34 16.50
N GLN A 12 -1.76 -3.04 15.71
CA GLN A 12 -1.78 -2.78 14.28
C GLN A 12 -2.12 -1.30 14.03
N ASN A 13 -3.11 -0.78 14.75
CA ASN A 13 -3.53 0.60 14.58
C ASN A 13 -2.38 1.55 14.93
N ALA A 14 -1.75 1.26 16.08
CA ALA A 14 -0.69 2.10 16.63
C ALA A 14 0.46 2.17 15.63
N GLY A 15 0.82 1.03 15.03
CA GLY A 15 1.89 0.97 14.04
C GLY A 15 1.54 1.63 12.70
N LYS A 16 0.26 1.49 12.30
CA LYS A 16 -0.20 2.08 11.04
C LYS A 16 -0.12 3.61 11.13
N LYS A 17 -0.64 4.17 12.21
CA LYS A 17 -0.60 5.61 12.41
C LYS A 17 0.83 6.13 12.29
N GLU A 18 1.81 5.38 12.85
CA GLU A 18 3.19 5.84 12.77
C GLU A 18 3.69 5.89 11.34
N VAL A 19 3.37 4.85 10.55
CA VAL A 19 3.81 4.77 9.15
C VAL A 19 3.23 5.96 8.41
N GLU A 20 1.95 6.27 8.69
CA GLU A 20 1.29 7.41 8.09
C GLU A 20 1.97 8.72 8.50
N TYR A 21 2.30 8.87 9.80
CA TYR A 21 2.99 10.07 10.22
C TYR A 21 4.34 10.19 9.52
N LEU A 22 5.08 9.07 9.46
CA LEU A 22 6.43 9.08 8.91
C LEU A 22 6.41 9.53 7.46
N LEU A 23 5.39 9.08 6.70
CA LEU A 23 5.26 9.38 5.28
C LEU A 23 4.97 10.87 5.01
N SER A 24 4.65 11.64 6.05
CA SER A 24 4.12 12.99 5.87
C SER A 24 5.23 14.02 5.83
N PHE A 25 6.47 13.57 6.12
CA PHE A 25 7.62 14.44 6.11
C PHE A 25 8.23 14.48 4.71
N GLU A 26 8.59 15.68 4.27
CA GLU A 26 9.21 15.91 2.99
C GLU A 26 10.72 15.90 3.19
N PRO A 27 11.50 15.06 2.49
CA PRO A 27 12.95 15.09 2.63
C PRO A 27 13.55 16.50 2.54
N ASP A 28 13.10 17.35 1.61
CA ASP A 28 13.74 18.64 1.42
C ASP A 28 13.65 19.48 2.69
N ARG A 29 12.58 19.32 3.47
CA ARG A 29 12.39 20.09 4.68
C ARG A 29 13.24 19.54 5.84
N LEU A 30 13.25 18.20 5.97
CA LEU A 30 14.09 17.51 6.92
C LEU A 30 15.56 17.89 6.67
N LEU A 31 15.93 18.14 5.40
CA LEU A 31 17.32 18.33 5.00
C LEU A 31 17.82 19.78 5.05
N VAL A 32 16.91 20.75 5.28
CA VAL A 32 17.18 22.18 5.07
C VAL A 32 18.43 22.66 5.82
N GLU A 33 18.55 22.35 7.12
CA GLU A 33 19.58 22.96 7.94
C GLU A 33 20.95 22.37 7.62
N PHE A 34 21.00 21.09 7.23
CA PHE A 34 22.23 20.46 6.78
C PHE A 34 22.76 21.15 5.52
N ARG A 35 21.85 21.42 4.60
CA ARG A 35 22.24 22.02 3.34
C ARG A 35 22.67 23.46 3.57
N ALA A 36 21.92 24.19 4.40
CA ALA A 36 22.25 25.57 4.72
C ALA A 36 23.66 25.65 5.28
N GLN A 37 23.95 24.83 6.32
CA GLN A 37 25.23 24.91 7.01
C GLN A 37 26.37 24.51 6.09
N ALA A 38 26.06 23.65 5.11
CA ALA A 38 27.07 23.15 4.18
C ALA A 38 27.18 24.07 2.96
N GLY A 39 26.38 25.14 2.91
CA GLY A 39 26.44 26.10 1.84
C GLY A 39 25.87 25.55 0.53
N LEU A 40 24.92 24.61 0.65
CA LEU A 40 24.22 24.00 -0.47
C LEU A 40 22.84 24.62 -0.62
N ASP A 41 22.22 24.33 -1.77
CA ASP A 41 20.92 24.85 -2.17
C ASP A 41 19.84 24.27 -1.25
N THR A 42 19.13 25.13 -0.52
CA THR A 42 18.06 24.70 0.36
C THR A 42 16.74 24.57 -0.39
N LYS A 43 16.77 24.93 -1.69
CA LYS A 43 15.62 24.85 -2.58
C LYS A 43 14.40 25.59 -2.03
N GLY A 44 14.61 26.69 -1.31
CA GLY A 44 13.51 27.50 -0.82
C GLY A 44 12.69 26.85 0.31
N ALA A 45 13.20 25.77 0.93
CA ALA A 45 12.41 24.99 1.87
C ALA A 45 12.52 25.59 3.25
N LYS A 46 11.45 25.47 4.03
CA LYS A 46 11.52 25.74 5.45
C LYS A 46 11.86 24.43 6.19
N ASN A 47 12.54 24.54 7.33
CA ASN A 47 12.68 23.41 8.24
C ASN A 47 11.34 23.17 8.94
N TYR A 48 11.25 22.07 9.66
CA TYR A 48 10.00 21.68 10.31
C TYR A 48 9.73 22.49 11.56
N GLY A 49 10.73 23.26 12.05
CA GLY A 49 10.56 24.21 13.14
C GLY A 49 10.65 23.53 14.50
N GLY A 50 10.26 24.27 15.54
CA GLY A 50 10.30 23.77 16.90
C GLY A 50 11.71 23.39 17.33
N TRP A 51 11.91 22.14 17.77
CA TRP A 51 13.25 21.74 18.14
C TRP A 51 14.11 21.63 16.90
N GLU A 52 13.48 21.62 15.73
CA GLU A 52 14.21 21.52 14.47
C GLU A 52 14.32 22.87 13.76
N ASN A 53 14.01 23.96 14.49
CA ASN A 53 14.45 25.28 14.06
C ASN A 53 15.97 25.31 13.91
N GLY A 54 16.43 26.21 13.04
CA GLY A 54 17.83 26.56 12.96
C GLY A 54 18.05 27.98 13.45
N PRO A 55 19.23 28.58 13.22
CA PRO A 55 19.49 29.96 13.66
C PRO A 55 18.80 31.05 12.85
N ASP A 56 18.27 30.69 11.68
CA ASP A 56 17.90 31.64 10.65
C ASP A 56 16.37 31.82 10.57
N GLU A 57 15.91 33.07 10.73
CA GLU A 57 14.49 33.38 10.76
C GLU A 57 13.82 33.11 9.40
N SER A 58 14.59 33.05 8.30
CA SER A 58 14.02 32.80 7.00
C SER A 58 13.63 31.34 6.84
N ARG A 59 14.40 30.42 7.43
CA ARG A 59 14.18 28.98 7.24
C ARG A 59 13.27 28.41 8.32
N ASN A 60 13.07 29.18 9.38
CA ASN A 60 12.29 28.78 10.54
C ASN A 60 10.83 29.13 10.34
N PRO A 61 9.87 28.17 10.30
CA PRO A 61 8.47 28.53 10.10
C PRO A 61 7.99 29.66 11.02
N ASP A 62 8.49 29.68 12.25
CA ASP A 62 7.98 30.60 13.26
C ASP A 62 8.66 31.96 13.15
N GLY A 63 9.52 32.12 12.14
CA GLY A 63 10.20 33.38 11.90
C GLY A 63 11.17 33.75 13.02
N SER A 64 11.34 32.87 14.02
CA SER A 64 12.20 33.17 15.14
C SER A 64 13.65 33.15 14.69
N SER A 65 14.49 33.88 15.43
CA SER A 65 15.91 34.03 15.14
C SER A 65 16.75 33.47 16.29
N LYS A 66 17.69 32.57 15.99
CA LYS A 66 18.49 31.87 16.98
C LYS A 66 17.66 31.40 18.19
N PRO A 67 16.55 30.67 18.01
CA PRO A 67 15.82 30.14 19.15
C PRO A 67 16.59 28.94 19.70
N GLY A 68 16.35 28.70 20.99
CA GLY A 68 16.65 27.46 21.66
C GLY A 68 16.14 26.30 20.83
N ARG A 69 17.09 25.49 20.39
CA ARG A 69 16.80 24.47 19.41
C ARG A 69 17.80 23.33 19.56
N PHE A 70 17.45 22.19 18.92
CA PHE A 70 18.14 20.93 19.09
C PHE A 70 18.35 20.33 17.72
N THR A 71 18.88 21.15 16.82
CA THR A 71 18.75 20.90 15.40
C THR A 71 19.39 19.57 15.04
N GLY A 72 18.58 18.76 14.38
CA GLY A 72 19.04 17.53 13.78
C GLY A 72 18.63 16.32 14.59
N HIS A 73 18.09 16.53 15.80
CA HIS A 73 17.83 15.41 16.69
C HIS A 73 16.62 14.61 16.21
N PHE A 74 15.60 15.31 15.69
CA PHE A 74 14.38 14.65 15.26
C PHE A 74 14.57 14.09 13.85
N VAL A 75 15.36 14.78 13.03
CA VAL A 75 15.72 14.22 11.73
C VAL A 75 16.40 12.86 11.96
N GLY A 76 17.34 12.80 12.91
CA GLY A 76 18.01 11.56 13.25
C GLY A 76 17.03 10.46 13.62
N HIS A 77 16.08 10.77 14.49
CA HIS A 77 15.07 9.82 14.89
C HIS A 77 14.20 9.42 13.70
N TRP A 78 13.97 10.37 12.79
CA TRP A 78 13.16 10.06 11.63
C TRP A 78 13.90 9.07 10.73
N ILE A 79 15.23 9.25 10.56
CA ILE A 79 16.02 8.28 9.85
C ILE A 79 15.88 6.93 10.53
N SER A 80 16.03 6.86 11.85
CA SER A 80 15.88 5.59 12.55
C SER A 80 14.51 4.96 12.28
N ALA A 81 13.45 5.74 12.48
CA ALA A 81 12.08 5.24 12.43
C ALA A 81 11.71 4.87 11.00
N ALA A 82 12.08 5.71 10.03
CA ALA A 82 11.84 5.37 8.63
C ALA A 82 12.58 4.10 8.20
N SER A 83 13.82 3.92 8.68
CA SER A 83 14.56 2.68 8.44
C SER A 83 13.80 1.51 9.03
N GLN A 84 13.40 1.61 10.30
CA GLN A 84 12.70 0.54 11.00
C GLN A 84 11.40 0.18 10.27
N ALA A 85 10.61 1.19 9.87
CA ALA A 85 9.30 0.97 9.27
C ALA A 85 9.41 0.30 7.89
N GLN A 86 10.44 0.64 7.11
CA GLN A 86 10.46 0.10 5.75
C GLN A 86 11.10 -1.28 5.79
N ARG A 87 11.24 -1.85 7.00
CA ARG A 87 11.68 -3.22 7.21
C ARG A 87 10.73 -3.97 8.13
N SER A 88 9.74 -3.30 8.72
CA SER A 88 8.80 -3.98 9.60
C SER A 88 7.58 -4.37 8.76
N THR A 89 6.46 -4.69 9.42
CA THR A 89 5.32 -5.23 8.71
C THR A 89 4.06 -4.40 8.89
N PHE A 90 4.16 -3.19 9.45
CA PHE A 90 2.99 -2.33 9.60
C PHE A 90 2.69 -1.61 8.29
N ALA A 91 3.73 -1.28 7.52
CA ALA A 91 3.54 -0.55 6.28
C ALA A 91 3.23 -1.53 5.14
N THR A 92 2.23 -1.17 4.32
CA THR A 92 1.92 -1.87 3.08
C THR A 92 3.13 -1.78 2.16
N ALA A 93 3.10 -2.51 1.04
CA ALA A 93 4.20 -2.50 0.10
C ALA A 93 4.41 -1.11 -0.47
N ASP A 94 3.29 -0.43 -0.73
CA ASP A 94 3.31 0.89 -1.33
C ASP A 94 3.88 1.92 -0.36
N GLN A 95 3.45 1.84 0.90
CA GLN A 95 3.94 2.71 1.95
C GLN A 95 5.45 2.54 2.14
N LYS A 96 5.91 1.28 2.16
CA LYS A 96 7.33 0.96 2.34
C LYS A 96 8.18 1.51 1.21
N ALA A 97 7.69 1.36 -0.04
CA ALA A 97 8.44 1.86 -1.20
C ALA A 97 8.59 3.38 -1.14
N GLN A 98 7.54 4.09 -0.72
CA GLN A 98 7.61 5.55 -0.64
C GLN A 98 8.49 5.96 0.54
N LEU A 99 8.32 5.29 1.69
CA LEU A 99 9.07 5.61 2.90
C LEU A 99 10.54 5.34 2.63
N SER A 100 10.84 4.22 1.96
CA SER A 100 12.21 3.84 1.64
C SER A 100 12.81 4.84 0.64
N ALA A 101 12.00 5.33 -0.31
CA ALA A 101 12.47 6.38 -1.21
C ALA A 101 12.84 7.65 -0.44
N ASN A 102 11.99 8.08 0.50
CA ASN A 102 12.23 9.29 1.26
C ASN A 102 13.43 9.10 2.18
N LEU A 103 13.53 7.94 2.84
CA LEU A 103 14.71 7.61 3.64
C LEU A 103 15.96 7.81 2.81
N THR A 104 15.93 7.24 1.60
CA THR A 104 17.08 7.28 0.71
C THR A 104 17.45 8.73 0.40
N ALA A 105 16.43 9.57 0.15
CA ALA A 105 16.66 10.97 -0.17
C ALA A 105 17.38 11.66 0.99
N VAL A 106 16.94 11.35 2.22
CA VAL A 106 17.45 12.03 3.40
C VAL A 106 18.87 11.56 3.68
N VAL A 107 19.09 10.24 3.67
CA VAL A 107 20.40 9.67 3.93
C VAL A 107 21.40 10.23 2.91
N LYS A 108 21.04 10.24 1.63
CA LYS A 108 21.94 10.80 0.63
C LYS A 108 22.08 12.32 0.79
N GLY A 109 21.00 13.02 1.17
CA GLY A 109 21.07 14.46 1.35
C GLY A 109 22.08 14.86 2.44
N ILE A 110 22.03 14.14 3.57
CA ILE A 110 22.96 14.39 4.68
C ILE A 110 24.39 14.07 4.25
N ARG A 111 24.57 12.93 3.60
CA ARG A 111 25.90 12.59 3.11
C ARG A 111 26.41 13.68 2.17
N GLU A 112 25.58 14.15 1.24
CA GLU A 112 26.01 15.20 0.34
C GLU A 112 26.39 16.46 1.15
N ALA A 113 25.61 16.81 2.17
CA ALA A 113 25.93 17.97 3.00
C ALA A 113 27.22 17.77 3.79
N GLN A 114 27.42 16.53 4.28
CA GLN A 114 28.62 16.15 5.01
C GLN A 114 29.85 16.30 4.11
N GLU A 115 29.74 15.89 2.84
CA GLU A 115 30.88 15.98 1.92
C GLU A 115 31.16 17.44 1.55
N ALA A 116 30.11 18.23 1.28
CA ALA A 116 30.29 19.65 0.97
C ALA A 116 30.89 20.39 2.17
N TYR A 117 30.38 20.07 3.37
CA TYR A 117 30.86 20.74 4.57
C TYR A 117 32.34 20.43 4.79
N ALA A 118 32.76 19.20 4.46
CA ALA A 118 34.13 18.75 4.62
C ALA A 118 35.09 19.59 3.76
N LYS A 119 34.62 20.08 2.63
CA LYS A 119 35.43 20.94 1.77
C LYS A 119 35.47 22.36 2.34
N LYS A 120 34.37 22.82 2.95
CA LYS A 120 34.24 24.19 3.40
C LYS A 120 35.01 24.41 4.71
N ASP A 121 35.19 23.35 5.51
CA ASP A 121 35.83 23.43 6.81
C ASP A 121 36.54 22.11 7.02
N THR A 122 37.76 22.01 6.48
CA THR A 122 38.44 20.72 6.37
C THR A 122 38.83 20.19 7.75
N ALA A 123 38.99 21.08 8.74
CA ALA A 123 39.34 20.69 10.10
C ALA A 123 38.27 19.75 10.66
N ASN A 124 37.01 20.03 10.29
CA ASN A 124 35.86 19.29 10.78
C ASN A 124 35.24 18.44 9.67
N ALA A 125 36.07 17.91 8.76
CA ALA A 125 35.58 16.93 7.79
C ALA A 125 34.94 15.76 8.52
N GLY A 126 33.69 15.44 8.15
CA GLY A 126 32.97 14.32 8.71
C GLY A 126 31.85 14.75 9.65
N PHE A 127 31.96 15.97 10.19
CA PHE A 127 30.90 16.57 10.97
C PHE A 127 29.60 16.53 10.17
N PHE A 128 28.49 16.24 10.85
CA PHE A 128 27.17 16.31 10.23
C PHE A 128 26.71 17.75 10.41
N PRO A 129 26.55 18.55 9.33
CA PRO A 129 26.33 20.00 9.45
C PRO A 129 24.89 20.41 9.80
N ALA A 130 24.41 19.89 10.94
CA ALA A 130 23.08 20.25 11.43
C ALA A 130 23.10 21.65 12.04
N PHE A 131 24.26 22.10 12.49
CA PHE A 131 24.42 23.37 13.13
C PHE A 131 25.90 23.71 13.11
N SER A 132 26.28 24.82 13.75
CA SER A 132 27.68 25.25 13.73
C SER A 132 28.59 24.31 14.53
N ALA A 133 29.69 23.88 13.92
CA ALA A 133 30.68 23.09 14.63
C ALA A 133 31.31 23.86 15.79
N SER A 134 31.31 25.20 15.70
CA SER A 134 31.97 26.05 16.69
C SER A 134 31.32 25.89 18.05
N VAL A 135 30.05 25.43 18.09
CA VAL A 135 29.36 25.35 19.36
C VAL A 135 29.45 23.97 19.99
N VAL A 136 30.27 23.07 19.41
CA VAL A 136 30.55 21.79 20.02
C VAL A 136 31.57 22.04 21.12
N PRO A 137 31.47 21.45 22.34
CA PRO A 137 30.42 20.50 22.72
C PRO A 137 29.33 20.96 23.70
N ASN A 138 29.34 22.23 24.10
CA ASN A 138 28.44 22.68 25.16
C ASN A 138 27.25 23.48 24.65
N GLY A 139 27.23 23.75 23.35
CA GLY A 139 26.13 24.49 22.77
C GLY A 139 26.47 25.98 22.73
N GLY A 140 25.57 26.75 22.11
CA GLY A 140 25.84 28.17 21.87
C GLY A 140 24.85 28.70 20.86
N GLY A 141 24.52 30.00 20.99
CA GLY A 141 23.67 30.68 20.03
C GLY A 141 22.28 30.05 19.92
N GLY A 142 21.81 29.45 21.02
CA GLY A 142 20.48 28.83 21.05
C GLY A 142 20.51 27.32 20.79
N LEU A 143 21.61 26.80 20.21
CA LEU A 143 21.78 25.38 19.93
C LEU A 143 22.14 24.66 21.23
N ILE A 144 21.24 23.75 21.66
CA ILE A 144 21.35 23.05 22.94
C ILE A 144 21.83 21.62 22.68
N VAL A 145 22.73 21.10 23.54
CA VAL A 145 23.21 19.72 23.55
C VAL A 145 23.62 19.22 22.15
N PRO A 146 24.65 19.83 21.55
CA PRO A 146 25.08 19.47 20.21
C PRO A 146 25.35 17.97 20.01
N PHE A 147 26.05 17.31 20.94
CA PHE A 147 26.36 15.91 20.72
C PHE A 147 25.13 15.03 20.86
N TYR A 148 24.16 15.42 21.71
CA TYR A 148 22.91 14.72 21.79
C TYR A 148 22.25 14.72 20.41
N ASN A 149 22.29 15.88 19.77
CA ASN A 149 21.58 16.06 18.52
C ASN A 149 22.28 15.22 17.46
N LEU A 150 23.62 15.25 17.45
CA LEU A 150 24.39 14.54 16.46
C LEU A 150 24.25 13.03 16.63
N HIS A 151 24.19 12.60 17.90
CA HIS A 151 23.99 11.21 18.24
C HIS A 151 22.79 10.64 17.49
N LYS A 152 21.70 11.41 17.38
CA LYS A 152 20.51 10.88 16.73
C LYS A 152 20.80 10.66 15.25
N VAL A 153 21.60 11.55 14.64
CA VAL A 153 21.89 11.40 13.22
C VAL A 153 22.77 10.16 13.03
N GLU A 154 23.78 9.99 13.89
CA GLU A 154 24.71 8.88 13.77
C GLU A 154 23.96 7.55 13.97
N ALA A 155 23.05 7.50 14.94
CA ALA A 155 22.32 6.27 15.24
C ALA A 155 21.35 5.98 14.09
N GLY A 156 20.70 7.03 13.61
CA GLY A 156 19.86 6.94 12.43
C GLY A 156 20.60 6.29 11.27
N MET A 157 21.84 6.74 10.99
CA MET A 157 22.63 6.19 9.90
C MET A 157 22.82 4.68 10.08
N VAL A 158 23.12 4.26 11.32
CA VAL A 158 23.28 2.83 11.57
C VAL A 158 21.98 2.09 11.26
N GLN A 159 20.84 2.67 11.62
CA GLN A 159 19.59 1.98 11.34
C GLN A 159 19.37 1.84 9.82
N ALA A 160 19.76 2.86 9.07
CA ALA A 160 19.66 2.86 7.63
C ALA A 160 20.58 1.82 6.98
N TYR A 161 21.80 1.71 7.49
CA TYR A 161 22.66 0.62 7.09
C TYR A 161 22.03 -0.74 7.37
N ASP A 162 21.43 -0.90 8.55
CA ASP A 162 20.90 -2.19 8.97
C ASP A 162 19.67 -2.58 8.13
N TYR A 163 18.83 -1.61 7.77
CA TYR A 163 17.47 -1.95 7.37
C TYR A 163 17.05 -1.39 6.02
N SER A 164 17.80 -0.45 5.44
CA SER A 164 17.41 0.02 4.11
C SER A 164 17.44 -1.17 3.14
N THR A 165 16.36 -1.32 2.37
CA THR A 165 16.32 -2.30 1.30
C THR A 165 17.17 -1.88 0.10
N ASP A 166 17.67 -0.62 0.06
CA ASP A 166 18.50 -0.13 -1.05
C ASP A 166 19.99 -0.19 -0.72
N ALA A 167 20.79 -0.88 -1.56
CA ALA A 167 22.19 -1.16 -1.27
C ALA A 167 23.04 0.12 -1.25
N GLU A 168 22.84 0.99 -2.24
CA GLU A 168 23.48 2.29 -2.26
C GLU A 168 23.24 3.06 -0.97
N THR A 169 21.99 3.04 -0.51
CA THR A 169 21.61 3.80 0.67
C THR A 169 22.36 3.24 1.88
N ARG A 170 22.43 1.90 2.00
CA ARG A 170 23.17 1.25 3.07
C ARG A 170 24.64 1.70 3.06
N GLU A 171 25.25 1.72 1.87
CA GLU A 171 26.68 1.99 1.82
C GLU A 171 26.94 3.45 2.14
N THR A 172 26.04 4.34 1.72
CA THR A 172 26.15 5.76 2.00
C THR A 172 26.02 6.02 3.49
N ALA A 173 25.01 5.41 4.14
CA ALA A 173 24.81 5.54 5.59
C ALA A 173 26.06 5.08 6.35
N LYS A 174 26.65 3.97 5.94
CA LYS A 174 27.85 3.48 6.59
C LYS A 174 29.00 4.47 6.43
N ALA A 175 29.23 4.96 5.21
CA ALA A 175 30.31 5.92 4.98
C ALA A 175 30.09 7.18 5.81
N ALA A 176 28.88 7.70 5.80
CA ALA A 176 28.51 8.87 6.58
C ALA A 176 28.85 8.63 8.05
N ALA A 177 28.50 7.45 8.54
CA ALA A 177 28.60 7.14 9.96
C ALA A 177 30.06 6.98 10.39
N VAL A 178 30.83 6.28 9.57
CA VAL A 178 32.25 6.06 9.83
C VAL A 178 32.99 7.39 9.72
N ASP A 179 32.64 8.22 8.73
CA ASP A 179 33.34 9.49 8.58
C ASP A 179 33.04 10.44 9.74
N PHE A 180 31.83 10.34 10.32
CA PHE A 180 31.49 11.12 11.50
C PHE A 180 32.32 10.68 12.72
N ALA A 181 32.40 9.37 12.92
CA ALA A 181 33.29 8.82 13.95
C ALA A 181 34.69 9.40 13.80
N LYS A 182 35.17 9.51 12.56
CA LYS A 182 36.52 9.98 12.32
C LYS A 182 36.66 11.45 12.67
N TRP A 183 35.63 12.22 12.34
CA TRP A 183 35.55 13.62 12.76
C TRP A 183 35.68 13.70 14.28
N VAL A 184 34.99 12.84 15.04
CA VAL A 184 34.98 12.92 16.49
C VAL A 184 36.43 12.82 17.00
N VAL A 185 37.20 11.92 16.41
CA VAL A 185 38.55 11.67 16.89
C VAL A 185 39.45 12.85 16.54
N ASN A 186 39.36 13.33 15.30
CA ASN A 186 40.03 14.53 14.86
C ASN A 186 39.72 15.70 15.77
N TRP A 187 38.41 15.94 15.97
CA TRP A 187 37.97 17.08 16.75
C TRP A 187 38.61 17.03 18.13
N LYS A 188 38.54 15.86 18.76
CA LYS A 188 39.04 15.70 20.11
C LYS A 188 40.55 15.94 20.09
N SER A 189 41.23 15.45 19.06
CA SER A 189 42.67 15.63 18.97
C SER A 189 43.06 17.11 18.94
N ALA A 190 42.24 17.91 18.25
CA ALA A 190 42.46 19.34 18.13
C ALA A 190 41.85 20.10 19.31
N HIS A 191 41.13 19.40 20.20
CA HIS A 191 40.65 20.03 21.42
C HIS A 191 40.95 19.12 22.60
N ALA A 192 42.23 18.72 22.75
CA ALA A 192 42.60 17.65 23.67
C ALA A 192 42.12 17.96 25.08
N SER A 193 42.15 19.23 25.47
CA SER A 193 41.88 19.58 26.86
C SER A 193 40.42 19.99 27.07
N THR A 194 39.54 19.81 26.06
CA THR A 194 38.14 20.15 26.24
C THR A 194 37.35 18.91 26.69
N ASP A 195 36.51 19.04 27.73
CA ASP A 195 35.74 17.91 28.21
C ASP A 195 34.49 17.74 27.34
N MET A 196 34.17 16.48 27.03
CA MET A 196 33.13 16.21 26.05
C MET A 196 31.83 15.71 26.70
N LEU A 197 31.87 15.39 28.01
CA LEU A 197 30.84 14.60 28.68
C LEU A 197 30.05 15.45 29.67
N ARG A 198 30.44 16.70 29.84
CA ARG A 198 29.77 17.59 30.76
C ARG A 198 28.34 17.85 30.28
N THR A 199 28.19 18.04 28.98
CA THR A 199 26.89 18.33 28.40
C THR A 199 26.29 17.03 27.89
N GLU A 200 24.96 16.90 28.00
CA GLU A 200 24.30 15.66 27.60
C GLU A 200 24.73 15.33 26.17
N TYR A 201 25.13 14.07 25.96
CA TYR A 201 25.52 13.63 24.63
C TYR A 201 24.64 12.46 24.16
N GLY A 202 23.49 12.23 24.81
CA GLY A 202 22.66 11.08 24.49
C GLY A 202 23.39 9.75 24.63
N GLY A 203 23.05 8.80 23.75
CA GLY A 203 23.76 7.52 23.68
C GLY A 203 24.91 7.51 22.65
N MET A 204 25.69 8.58 22.60
CA MET A 204 26.71 8.69 21.57
C MET A 204 27.71 7.51 21.62
N ASN A 205 28.06 7.05 22.82
CA ASN A 205 28.97 5.92 22.91
C ASN A 205 28.32 4.68 22.29
N ASP A 206 27.06 4.41 22.64
CA ASP A 206 26.27 3.34 22.06
C ASP A 206 26.35 3.39 20.54
N ALA A 207 25.99 4.56 19.98
CA ALA A 207 25.89 4.67 18.54
C ALA A 207 27.24 4.40 17.89
N LEU A 208 28.33 4.94 18.48
CA LEU A 208 29.62 4.80 17.84
C LEU A 208 30.12 3.36 17.91
N TYR A 209 29.84 2.64 18.99
CA TYR A 209 30.12 1.21 19.06
C TYR A 209 29.34 0.46 17.98
N GLN A 210 28.13 0.90 17.65
CA GLN A 210 27.35 0.27 16.58
C GLN A 210 28.06 0.46 15.25
N VAL A 211 28.56 1.70 15.04
CA VAL A 211 29.33 2.01 13.84
C VAL A 211 30.57 1.14 13.81
N ALA A 212 31.23 0.96 14.94
CA ALA A 212 32.44 0.12 14.94
C ALA A 212 32.08 -1.29 14.49
N GLU A 213 30.88 -1.75 14.86
CA GLU A 213 30.41 -3.08 14.47
C GLU A 213 30.23 -3.20 12.95
N ILE A 214 29.78 -2.15 12.26
CA ILE A 214 29.52 -2.26 10.84
C ILE A 214 30.72 -1.80 10.01
N ALA A 215 31.69 -1.11 10.63
CA ALA A 215 32.77 -0.49 9.88
C ALA A 215 33.67 -1.57 9.26
N ASP A 216 34.30 -1.22 8.12
CA ASP A 216 35.36 -2.02 7.54
C ASP A 216 36.42 -2.28 8.59
N ALA A 217 37.09 -3.42 8.47
CA ALA A 217 38.09 -3.87 9.43
C ALA A 217 39.06 -2.74 9.76
N SER A 218 39.55 -2.07 8.71
CA SER A 218 40.62 -1.10 8.81
C SER A 218 40.17 0.17 9.53
N ASP A 219 38.85 0.38 9.63
CA ASP A 219 38.32 1.56 10.32
C ASP A 219 37.94 1.25 11.77
N LYS A 220 37.82 -0.02 12.16
CA LYS A 220 37.20 -0.36 13.43
C LYS A 220 37.90 0.32 14.60
N GLN A 221 39.25 0.36 14.62
CA GLN A 221 39.93 0.93 15.76
C GLN A 221 39.66 2.43 15.87
N THR A 222 39.58 3.14 14.74
CA THR A 222 39.36 4.58 14.77
C THR A 222 38.00 4.86 15.42
N VAL A 223 37.00 4.07 15.04
CA VAL A 223 35.64 4.26 15.52
C VAL A 223 35.53 3.86 17.00
N LEU A 224 36.23 2.80 17.42
CA LEU A 224 36.23 2.41 18.82
C LEU A 224 36.81 3.50 19.72
N THR A 225 37.85 4.17 19.21
CA THR A 225 38.44 5.32 19.89
C THR A 225 37.42 6.43 20.04
N ALA A 226 36.70 6.76 18.95
CA ALA A 226 35.67 7.77 19.04
C ALA A 226 34.63 7.35 20.09
N ALA A 227 34.22 6.09 20.05
CA ALA A 227 33.19 5.59 20.95
C ALA A 227 33.61 5.70 22.41
N HIS A 228 34.81 5.20 22.71
CA HIS A 228 35.33 5.19 24.07
C HIS A 228 35.51 6.61 24.65
N LEU A 229 35.68 7.64 23.80
CA LEU A 229 35.63 9.01 24.28
C LEU A 229 34.31 9.33 25.02
N PHE A 230 33.24 8.62 24.66
CA PHE A 230 31.92 8.93 25.20
C PHE A 230 31.53 7.94 26.29
N ASP A 231 32.50 7.15 26.78
CA ASP A 231 32.27 6.29 27.93
C ASP A 231 32.56 7.05 29.22
N GLU A 232 31.53 7.21 30.06
CA GLU A 232 31.68 7.95 31.29
C GLU A 232 32.05 6.99 32.42
N THR A 233 33.32 6.59 32.44
CA THR A 233 33.75 5.46 33.26
C THR A 233 33.67 5.79 34.75
N ALA A 234 33.69 7.08 35.13
CA ALA A 234 33.52 7.46 36.53
C ALA A 234 32.12 7.08 37.00
N LEU A 235 31.12 7.36 36.14
CA LEU A 235 29.75 6.99 36.44
C LEU A 235 29.64 5.48 36.53
N PHE A 236 30.18 4.78 35.54
CA PHE A 236 30.08 3.34 35.44
C PHE A 236 30.79 2.67 36.61
N GLN A 237 31.88 3.26 37.08
CA GLN A 237 32.64 2.62 38.13
C GLN A 237 31.79 2.62 39.40
N LYS A 238 31.09 3.71 39.63
CA LYS A 238 30.26 3.89 40.81
C LYS A 238 29.09 2.90 40.77
N LEU A 239 28.47 2.77 39.59
CA LEU A 239 27.38 1.84 39.42
C LEU A 239 27.89 0.41 39.56
N ALA A 240 29.04 0.12 39.01
CA ALA A 240 29.57 -1.24 39.08
C ALA A 240 29.93 -1.59 40.53
N ASN A 241 30.23 -0.58 41.36
CA ASN A 241 30.51 -0.81 42.77
C ASN A 241 29.23 -1.04 43.57
N GLY A 242 28.07 -0.79 42.96
CA GLY A 242 26.80 -1.02 43.63
C GLY A 242 26.32 0.22 44.36
N GLN A 243 26.95 1.36 44.04
CA GLN A 243 26.50 2.63 44.53
C GLN A 243 25.31 3.11 43.69
N ASP A 244 24.40 3.84 44.36
CA ASP A 244 23.33 4.57 43.69
C ASP A 244 23.67 6.06 43.63
N PRO A 245 24.25 6.56 42.53
CA PRO A 245 24.59 7.99 42.43
C PRO A 245 23.62 8.81 41.61
N LEU A 246 22.36 8.35 41.52
CA LEU A 246 21.44 8.89 40.54
C LEU A 246 20.74 10.17 41.01
N ASN A 247 20.72 10.42 42.33
CA ASN A 247 19.99 11.57 42.82
C ASN A 247 20.59 12.83 42.19
N GLY A 248 19.75 13.57 41.47
CA GLY A 248 20.14 14.83 40.87
C GLY A 248 20.61 14.69 39.44
N LEU A 249 20.80 13.45 38.95
CA LEU A 249 21.24 13.26 37.56
C LEU A 249 20.03 13.39 36.64
N HIS A 250 20.22 13.97 35.45
CA HIS A 250 19.22 13.96 34.39
C HIS A 250 18.97 12.49 33.98
N ALA A 251 17.71 12.01 34.02
CA ALA A 251 17.46 10.57 33.88
C ALA A 251 17.69 10.13 32.44
N ASN A 252 17.05 10.81 31.46
CA ASN A 252 17.19 10.40 30.07
C ASN A 252 18.61 10.63 29.59
N THR A 253 19.34 11.56 30.20
CA THR A 253 20.75 11.76 29.87
C THR A 253 21.57 10.51 30.22
N THR A 254 21.31 9.97 31.41
CA THR A 254 22.09 8.88 32.00
C THR A 254 21.78 7.51 31.37
N ILE A 255 20.50 7.18 31.23
CA ILE A 255 20.09 5.82 30.86
C ILE A 255 20.83 5.37 29.60
N PRO A 256 20.85 6.13 28.48
CA PRO A 256 21.55 5.65 27.28
C PRO A 256 23.06 5.45 27.34
N LYS A 257 23.71 6.03 28.36
CA LYS A 257 25.14 5.80 28.59
C LYS A 257 25.33 4.34 28.98
N LEU A 258 24.41 3.76 29.75
CA LEU A 258 24.52 2.36 30.16
C LEU A 258 24.20 1.40 29.01
N THR A 259 23.31 1.80 28.08
CA THR A 259 23.11 1.01 26.89
C THR A 259 24.41 1.02 26.10
N GLY A 260 25.12 2.17 26.12
CA GLY A 260 26.39 2.28 25.44
C GLY A 260 27.48 1.37 26.05
N ALA A 261 27.52 1.32 27.37
CA ALA A 261 28.39 0.40 28.09
C ALA A 261 28.14 -1.03 27.59
N MET A 262 26.85 -1.40 27.49
CA MET A 262 26.47 -2.70 27.00
C MET A 262 26.90 -2.88 25.54
N GLN A 263 26.81 -1.83 24.70
CA GLN A 263 27.25 -1.94 23.32
C GLN A 263 28.77 -2.13 23.24
N ARG A 264 29.53 -1.51 24.14
CA ARG A 264 30.96 -1.79 24.20
C ARG A 264 31.20 -3.27 24.47
N TYR A 265 30.46 -3.84 25.43
CA TYR A 265 30.56 -5.25 25.76
C TYR A 265 30.28 -6.11 24.53
N VAL A 266 29.23 -5.78 23.76
CA VAL A 266 28.79 -6.62 22.67
C VAL A 266 29.72 -6.46 21.48
N ALA A 267 30.23 -5.24 21.26
CA ALA A 267 31.09 -4.96 20.12
C ALA A 267 32.38 -5.77 20.22
N TYR A 268 32.99 -5.77 21.40
CA TYR A 268 34.28 -6.43 21.61
C TYR A 268 34.10 -7.96 21.70
N THR A 269 33.05 -8.43 22.38
CA THR A 269 32.86 -9.87 22.58
C THR A 269 32.33 -10.58 21.35
N GLU A 270 31.75 -9.86 20.40
CA GLU A 270 31.18 -10.51 19.24
C GLU A 270 32.22 -10.63 18.13
N ASP A 271 33.34 -9.88 18.23
CA ASP A 271 34.38 -9.87 17.23
C ASP A 271 35.72 -10.19 17.88
N GLU A 272 36.22 -11.41 17.65
CA GLU A 272 37.46 -11.85 18.26
C GLU A 272 38.59 -10.88 17.95
N ASP A 273 38.63 -10.33 16.73
CA ASP A 273 39.70 -9.42 16.35
C ASP A 273 39.70 -8.22 17.30
N LEU A 274 38.50 -7.69 17.61
CA LEU A 274 38.45 -6.52 18.49
C LEU A 274 38.85 -6.93 19.90
N TYR A 275 38.29 -8.03 20.38
CA TYR A 275 38.59 -8.57 21.69
C TYR A 275 40.11 -8.77 21.86
N ASN A 276 40.76 -9.36 20.85
CA ASN A 276 42.19 -9.63 20.90
C ASN A 276 42.96 -8.31 20.91
N SER A 277 42.35 -7.25 20.38
CA SER A 277 42.97 -5.94 20.38
C SER A 277 43.15 -5.39 21.79
N LEU A 278 42.36 -5.86 22.77
CA LEU A 278 42.38 -5.25 24.09
C LEU A 278 43.48 -5.86 24.96
N SER A 279 43.96 -5.07 25.93
CA SER A 279 44.72 -5.57 27.08
C SER A 279 43.85 -6.52 27.90
N ALA A 280 44.46 -7.56 28.50
CA ALA A 280 43.69 -8.55 29.24
C ALA A 280 42.93 -7.91 30.39
N ASP A 281 43.45 -6.80 30.93
CA ASP A 281 42.75 -6.03 31.95
C ASP A 281 41.45 -5.47 31.37
N GLU A 282 41.55 -4.65 30.31
CA GLU A 282 40.39 -4.06 29.65
C GLU A 282 39.42 -5.15 29.17
N ARG A 283 39.94 -6.34 28.85
CA ARG A 283 39.07 -7.44 28.49
C ARG A 283 38.19 -7.78 29.69
N GLY A 284 38.82 -7.82 30.87
CA GLY A 284 38.13 -8.11 32.12
C GLY A 284 37.10 -7.05 32.45
N LYS A 285 37.46 -5.78 32.21
CA LYS A 285 36.61 -4.65 32.54
C LYS A 285 35.32 -4.69 31.73
N LEU A 286 35.31 -5.33 30.57
CA LEU A 286 34.08 -5.46 29.79
C LEU A 286 32.99 -6.03 30.71
N THR A 287 33.39 -6.99 31.56
CA THR A 287 32.48 -7.59 32.52
C THR A 287 32.40 -6.86 33.84
N SER A 288 33.56 -6.51 34.43
CA SER A 288 33.60 -5.99 35.79
C SER A 288 33.20 -4.52 35.82
N LEU A 289 33.39 -3.80 34.70
CA LEU A 289 33.04 -2.39 34.68
C LEU A 289 31.74 -2.20 33.91
N TYR A 290 31.73 -2.65 32.66
CA TYR A 290 30.77 -2.16 31.68
C TYR A 290 29.45 -2.90 31.85
N LEU A 291 29.52 -4.23 31.83
CA LEU A 291 28.33 -5.05 32.01
C LEU A 291 27.79 -4.89 33.42
N LYS A 292 28.67 -4.88 34.41
CA LYS A 292 28.22 -4.72 35.79
C LYS A 292 27.57 -3.36 36.00
N ALA A 293 28.13 -2.29 35.42
CA ALA A 293 27.50 -0.99 35.59
C ALA A 293 26.06 -1.05 35.09
N ALA A 294 25.87 -1.63 33.91
CA ALA A 294 24.56 -1.69 33.29
C ALA A 294 23.60 -2.55 34.13
N GLN A 295 24.07 -3.72 34.58
CA GLN A 295 23.29 -4.61 35.40
C GLN A 295 22.82 -3.93 36.69
N ASN A 296 23.75 -3.23 37.34
CA ASN A 296 23.48 -2.60 38.62
C ASN A 296 22.58 -1.39 38.41
N PHE A 297 22.86 -0.62 37.33
CA PHE A 297 22.07 0.58 37.05
C PHE A 297 20.60 0.18 36.88
N PHE A 298 20.39 -0.82 36.02
CA PHE A 298 19.05 -1.35 35.76
C PHE A 298 18.36 -1.72 37.07
N ASP A 299 19.05 -2.54 37.90
CA ASP A 299 18.48 -3.01 39.15
C ASP A 299 18.12 -1.85 40.07
N ILE A 300 19.06 -0.90 40.24
CA ILE A 300 18.88 0.27 41.09
C ILE A 300 17.70 1.12 40.61
N VAL A 301 17.60 1.30 39.29
CA VAL A 301 16.52 2.13 38.74
C VAL A 301 15.16 1.45 38.99
N VAL A 302 15.05 0.15 38.72
CA VAL A 302 13.77 -0.51 38.82
C VAL A 302 13.34 -0.59 40.29
N LYS A 303 14.27 -0.90 41.19
CA LYS A 303 13.96 -1.07 42.60
C LYS A 303 13.62 0.26 43.25
N ASP A 304 14.39 1.32 42.97
CA ASP A 304 14.37 2.49 43.83
C ASP A 304 13.97 3.77 43.09
N HIS A 305 13.71 3.69 41.78
CA HIS A 305 13.44 4.89 41.01
C HIS A 305 12.33 4.74 39.98
N THR A 306 11.51 3.67 40.07
CA THR A 306 10.54 3.38 39.02
C THR A 306 9.11 3.41 39.54
N TYR A 307 8.22 4.08 38.81
CA TYR A 307 6.78 4.08 39.10
C TYR A 307 6.10 2.83 38.56
N VAL A 308 4.83 2.63 38.95
CA VAL A 308 4.12 1.39 38.68
C VAL A 308 4.10 1.05 37.18
N ASN A 309 4.23 2.05 36.28
CA ASN A 309 4.12 1.80 34.86
C ASN A 309 5.47 1.47 34.24
N GLY A 310 6.55 1.27 35.02
CA GLY A 310 7.87 0.96 34.47
C GLY A 310 8.73 2.21 34.23
N GLY A 311 8.14 3.40 34.40
CA GLY A 311 8.81 4.63 34.05
C GLY A 311 9.51 5.27 35.24
N ASN A 312 10.39 6.24 34.95
CA ASN A 312 11.15 6.88 36.00
C ASN A 312 11.25 8.39 35.75
N SER A 313 11.65 9.08 36.82
CA SER A 313 12.10 10.47 36.82
C SER A 313 10.94 11.41 37.09
N GLN A 314 11.31 12.62 37.54
CA GLN A 314 10.41 13.75 37.70
C GLN A 314 11.22 15.02 37.45
N SER A 315 10.64 15.95 36.68
CA SER A 315 11.35 17.12 36.15
C SER A 315 12.61 16.69 35.39
N GLU A 316 12.54 15.53 34.68
CA GLU A 316 13.62 15.00 33.85
C GLU A 316 14.78 14.41 34.63
N HIS A 317 14.69 14.34 35.98
CA HIS A 317 15.79 13.89 36.81
C HIS A 317 15.41 12.70 37.69
N PHE A 318 16.43 11.93 38.04
CA PHE A 318 16.35 11.02 39.18
C PHE A 318 16.46 11.82 40.47
N HIS A 319 15.78 11.34 41.51
CA HIS A 319 15.80 11.96 42.83
C HIS A 319 16.21 10.89 43.84
N VAL A 320 15.79 11.04 45.11
CA VAL A 320 16.26 10.18 46.18
C VAL A 320 15.63 8.79 46.00
N ALA A 321 16.45 7.75 46.19
CA ALA A 321 15.97 6.38 46.14
C ALA A 321 14.70 6.24 46.98
N GLY A 322 13.65 5.64 46.41
CA GLY A 322 12.44 5.32 47.17
C GLY A 322 11.43 6.47 47.28
N GLU A 323 11.79 7.69 46.88
CA GLU A 323 10.94 8.85 47.14
C GLU A 323 10.00 9.13 45.95
N LEU A 324 9.37 8.09 45.42
CA LEU A 324 8.54 8.24 44.24
C LEU A 324 7.29 9.10 44.50
N TRP A 325 6.59 8.83 45.60
CA TRP A 325 5.36 9.57 45.84
C TRP A 325 5.66 11.06 46.03
N LYS A 326 6.77 11.33 46.71
CA LYS A 326 7.13 12.70 47.04
C LYS A 326 7.37 13.46 45.73
N ASP A 327 8.16 12.85 44.85
CA ASP A 327 8.54 13.48 43.59
C ASP A 327 7.29 13.76 42.75
N ALA A 328 6.29 12.85 42.81
CA ALA A 328 5.11 12.95 41.97
C ALA A 328 4.01 13.83 42.58
N THR A 329 4.10 14.16 43.88
CA THR A 329 2.99 14.87 44.52
C THR A 329 3.41 16.12 45.30
N GLN A 330 4.69 16.30 45.64
CA GLN A 330 5.09 17.42 46.48
C GLN A 330 5.79 18.51 45.67
N ASN A 331 5.47 18.64 44.38
CA ASN A 331 6.21 19.58 43.53
C ASN A 331 5.28 20.57 42.83
N GLY A 332 4.00 20.60 43.22
CA GLY A 332 3.08 21.65 42.80
C GLY A 332 2.21 21.20 41.63
N ASP A 333 1.01 21.75 41.54
CA ASP A 333 0.08 21.45 40.46
C ASP A 333 -0.27 22.70 39.67
N GLN A 334 0.59 23.72 39.74
CA GLN A 334 0.38 24.94 39.00
C GLN A 334 0.47 24.65 37.50
N ASN A 335 -0.21 25.45 36.69
CA ASN A 335 -0.06 25.44 35.25
C ASN A 335 1.37 25.84 34.86
N GLY A 336 1.99 25.06 33.96
CA GLY A 336 3.23 25.46 33.29
C GLY A 336 4.47 25.07 34.10
N GLY A 337 5.64 25.19 33.45
CA GLY A 337 6.90 24.72 33.98
C GLY A 337 6.97 23.19 34.04
N TYR A 338 7.82 22.69 34.93
CA TYR A 338 7.89 21.27 35.26
C TYR A 338 7.57 21.07 36.74
N ARG A 339 6.43 20.46 37.04
CA ARG A 339 5.97 20.31 38.42
C ARG A 339 5.52 18.86 38.68
N ASN A 340 4.42 18.66 39.43
CA ASN A 340 4.01 17.30 39.76
C ASN A 340 3.79 16.49 38.48
N PHE A 341 3.28 17.17 37.43
CA PHE A 341 2.85 16.50 36.22
C PHE A 341 4.05 15.99 35.43
N SER A 342 5.26 16.43 35.81
CA SER A 342 6.44 16.18 35.01
C SER A 342 7.09 14.85 35.37
N THR A 343 6.30 13.87 35.87
CA THR A 343 6.82 12.52 36.06
C THR A 343 6.93 11.78 34.71
N VAL A 344 7.94 10.89 34.63
CA VAL A 344 8.00 9.85 33.62
C VAL A 344 7.97 10.50 32.23
N GLU A 345 9.04 11.25 31.96
CA GLU A 345 9.39 11.54 30.59
C GLU A 345 9.38 10.23 29.81
N THR A 346 8.90 10.24 28.55
CA THR A 346 8.66 9.02 27.80
C THR A 346 9.95 8.47 27.16
N CYS A 347 10.86 9.36 26.74
CA CYS A 347 12.14 8.92 26.21
C CYS A 347 12.81 7.91 27.13
N ASN A 348 12.62 8.11 28.44
CA ASN A 348 13.34 7.36 29.44
C ASN A 348 12.98 5.89 29.26
N GLU A 349 11.73 5.59 28.90
CA GLU A 349 11.26 4.20 28.79
C GLU A 349 11.70 3.60 27.45
N TYR A 350 11.79 4.40 26.39
CA TYR A 350 12.42 3.96 25.15
C TYR A 350 13.82 3.45 25.51
N ASN A 351 14.52 4.23 26.33
CA ASN A 351 15.93 3.93 26.59
C ASN A 351 16.01 2.77 27.60
N MET A 352 15.09 2.71 28.57
CA MET A 352 15.06 1.61 29.53
C MET A 352 14.74 0.31 28.79
N LEU A 353 13.88 0.40 27.77
CA LEU A 353 13.53 -0.79 27.03
C LEU A 353 14.74 -1.28 26.24
N LYS A 354 15.52 -0.37 25.64
CA LYS A 354 16.69 -0.79 24.89
C LYS A 354 17.75 -1.40 25.80
N LEU A 355 17.79 -0.93 27.04
CA LEU A 355 18.75 -1.43 28.01
C LEU A 355 18.30 -2.80 28.47
N ALA A 356 17.02 -2.97 28.83
CA ALA A 356 16.48 -4.29 29.16
C ALA A 356 16.74 -5.29 28.03
N ARG A 357 16.56 -4.84 26.78
CA ARG A 357 16.71 -5.67 25.58
C ARG A 357 18.14 -6.20 25.42
N ILE A 358 19.10 -5.29 25.52
CA ILE A 358 20.47 -5.72 25.30
C ILE A 358 20.98 -6.53 26.51
N LEU A 359 20.49 -6.25 27.72
CA LEU A 359 20.81 -7.07 28.87
C LEU A 359 20.15 -8.43 28.76
N PHE A 360 18.93 -8.49 28.21
CA PHE A 360 18.33 -9.76 27.92
C PHE A 360 19.18 -10.52 26.92
N GLN A 361 19.62 -9.86 25.84
CA GLN A 361 20.32 -10.59 24.79
C GLN A 361 21.60 -11.22 25.33
N VAL A 362 22.28 -10.50 26.22
CA VAL A 362 23.55 -10.97 26.74
C VAL A 362 23.31 -12.06 27.81
N THR A 363 22.38 -11.81 28.73
CA THR A 363 22.24 -12.67 29.91
C THR A 363 21.15 -13.73 29.77
N LYS A 364 20.10 -13.44 28.98
CA LYS A 364 18.91 -14.27 28.85
C LYS A 364 18.08 -14.32 30.14
N ASP A 365 18.35 -13.43 31.09
CA ASP A 365 17.63 -13.48 32.35
C ASP A 365 16.19 -13.02 32.11
N SER A 366 15.25 -13.85 32.56
CA SER A 366 13.84 -13.59 32.30
C SER A 366 13.39 -12.28 32.93
N LYS A 367 14.11 -11.76 33.93
CA LYS A 367 13.61 -10.59 34.63
C LYS A 367 13.57 -9.39 33.69
N TYR A 368 14.49 -9.37 32.70
CA TYR A 368 14.53 -8.30 31.70
C TYR A 368 13.32 -8.41 30.77
N SER A 369 12.86 -9.63 30.49
CA SER A 369 11.66 -9.83 29.69
C SER A 369 10.42 -9.40 30.46
N GLU A 370 10.35 -9.76 31.75
CA GLU A 370 9.26 -9.35 32.63
C GLU A 370 9.14 -7.82 32.64
N TYR A 371 10.30 -7.13 32.76
CA TYR A 371 10.30 -5.68 32.75
C TYR A 371 9.88 -5.15 31.39
N TYR A 372 10.47 -5.71 30.33
CA TYR A 372 10.24 -5.28 28.98
C TYR A 372 8.73 -5.28 28.68
N GLU A 373 8.10 -6.43 28.85
CA GLU A 373 6.67 -6.56 28.65
C GLU A 373 5.93 -5.44 29.38
N HIS A 374 6.21 -5.33 30.70
CA HIS A 374 5.50 -4.41 31.58
C HIS A 374 5.59 -2.97 31.06
N THR A 375 6.80 -2.54 30.73
CA THR A 375 7.09 -1.15 30.38
C THR A 375 6.64 -0.89 28.94
N PHE A 376 6.79 -1.87 28.06
CA PHE A 376 6.23 -1.79 26.72
C PHE A 376 4.74 -1.43 26.78
N ILE A 377 3.98 -2.18 27.59
CA ILE A 377 2.52 -2.00 27.65
C ILE A 377 2.19 -0.68 28.37
N ASN A 378 2.83 -0.45 29.53
CA ASN A 378 2.35 0.50 30.51
C ASN A 378 2.97 1.89 30.36
N ALA A 379 4.05 2.00 29.59
CA ALA A 379 4.70 3.29 29.35
C ALA A 379 4.78 3.60 27.87
N ILE A 380 5.04 2.58 27.03
CA ILE A 380 5.28 2.88 25.65
C ILE A 380 3.95 2.85 24.90
N VAL A 381 3.22 1.73 24.94
CA VAL A 381 1.98 1.66 24.20
C VAL A 381 1.04 2.71 24.77
N ALA A 382 1.24 3.00 26.07
CA ALA A 382 0.43 3.94 26.81
C ALA A 382 0.71 5.38 26.40
N SER A 383 1.82 5.60 25.69
CA SER A 383 2.24 6.94 25.36
C SER A 383 1.50 7.47 24.14
N GLN A 384 0.79 6.61 23.40
CA GLN A 384 0.28 7.03 22.10
C GLN A 384 -1.24 7.29 22.10
N ASN A 385 -1.59 8.38 21.40
CA ASN A 385 -2.97 8.69 21.11
C ASN A 385 -3.43 7.77 19.98
N PRO A 386 -4.39 6.87 20.20
CA PRO A 386 -4.76 5.90 19.18
C PRO A 386 -5.46 6.53 17.95
N GLU A 387 -6.02 7.73 18.11
CA GLU A 387 -6.73 8.37 17.01
C GLU A 387 -5.78 9.21 16.16
N THR A 388 -4.79 9.88 16.79
CA THR A 388 -3.86 10.74 16.09
C THR A 388 -2.51 10.07 15.82
N GLY A 389 -2.14 9.06 16.61
CA GLY A 389 -0.81 8.47 16.55
C GLY A 389 0.27 9.26 17.28
N MET A 390 -0.06 10.43 17.86
CA MET A 390 0.95 11.27 18.48
C MET A 390 1.24 10.78 19.89
N THR A 391 2.35 11.24 20.49
CA THR A 391 2.83 10.61 21.70
C THR A 391 3.17 11.65 22.76
N THR A 392 3.35 11.13 23.98
CA THR A 392 3.48 11.93 25.18
C THR A 392 4.93 12.38 25.40
N TYR A 393 5.03 13.45 26.21
CA TYR A 393 6.29 13.80 26.83
C TYR A 393 6.26 13.21 28.23
N PHE A 394 5.63 13.91 29.20
CA PHE A 394 5.48 13.38 30.54
C PHE A 394 4.23 12.50 30.64
N GLN A 395 4.28 11.65 31.67
CA GLN A 395 3.20 10.78 32.06
C GLN A 395 2.93 11.04 33.54
N PRO A 396 2.00 11.98 33.80
CA PRO A 396 1.63 12.31 35.18
C PRO A 396 1.22 11.08 35.97
N MET A 397 1.73 11.01 37.20
CA MET A 397 1.49 9.88 38.09
C MET A 397 0.46 10.27 39.17
N LYS A 398 0.41 11.53 39.57
CA LYS A 398 -0.64 11.99 40.49
C LYS A 398 -1.98 12.04 39.77
N ALA A 399 -3.06 11.69 40.49
CA ALA A 399 -4.38 11.65 39.86
C ALA A 399 -4.80 13.06 39.46
N GLY A 400 -5.55 13.14 38.36
CA GLY A 400 -6.29 14.34 38.00
C GLY A 400 -5.76 15.07 36.77
N TYR A 401 -4.78 14.49 36.09
CA TYR A 401 -4.22 15.13 34.91
C TYR A 401 -4.67 14.35 33.68
N PRO A 402 -4.71 15.02 32.51
CA PRO A 402 -4.91 14.34 31.23
C PRO A 402 -3.58 13.87 30.67
N LYS A 403 -3.66 12.92 29.74
CA LYS A 403 -2.56 12.63 28.85
C LYS A 403 -2.47 13.77 27.84
N VAL A 404 -1.26 14.29 27.64
CA VAL A 404 -1.04 15.28 26.61
C VAL A 404 -0.07 14.71 25.58
N PHE A 405 -0.46 14.85 24.31
CA PHE A 405 0.30 14.33 23.19
C PHE A 405 0.85 15.49 22.39
N GLY A 406 1.89 15.23 21.59
CA GLY A 406 2.46 16.22 20.68
C GLY A 406 1.53 16.42 19.51
N ILE A 407 1.96 17.29 18.59
CA ILE A 407 1.33 17.49 17.31
C ILE A 407 2.33 17.13 16.21
N THR A 408 1.83 17.04 14.96
CA THR A 408 2.57 16.54 13.82
C THR A 408 3.55 17.57 13.29
N GLY A 409 3.10 18.83 13.20
CA GLY A 409 3.82 19.86 12.47
C GLY A 409 3.87 19.59 10.97
N THR A 410 3.00 18.69 10.49
CA THR A 410 2.89 18.38 9.08
C THR A 410 1.41 18.44 8.73
N ASP A 411 1.09 18.03 7.50
CA ASP A 411 -0.28 17.93 7.03
C ASP A 411 -0.93 16.66 7.55
N TYR A 412 -0.17 15.76 8.21
CA TYR A 412 -0.78 14.63 8.87
C TYR A 412 -1.58 15.14 10.06
N ASP A 413 -2.76 14.55 10.25
CA ASP A 413 -3.66 14.92 11.34
C ASP A 413 -4.05 16.41 11.26
N ALA A 414 -4.08 16.98 10.05
CA ALA A 414 -4.56 18.36 9.86
C ALA A 414 -5.96 18.54 10.49
N ASP A 415 -6.80 17.50 10.40
CA ASP A 415 -8.15 17.54 10.96
C ASP A 415 -8.11 17.87 12.45
N TRP A 416 -7.03 17.46 13.14
CA TRP A 416 -6.89 17.71 14.57
C TRP A 416 -6.13 19.01 14.84
N PHE A 417 -5.14 19.36 14.00
CA PHE A 417 -4.13 20.30 14.43
C PHE A 417 -4.00 21.48 13.47
N GLY A 418 -4.75 21.39 12.36
CA GLY A 418 -4.77 22.49 11.41
C GLY A 418 -3.39 22.65 10.82
N GLY A 419 -2.87 23.89 10.83
CA GLY A 419 -1.57 24.19 10.24
C GLY A 419 -0.53 24.54 11.29
N ALA A 420 -0.74 24.10 12.53
CA ALA A 420 0.17 24.36 13.63
C ALA A 420 1.56 23.87 13.29
N ILE A 421 2.57 24.67 13.69
CA ILE A 421 3.97 24.33 13.54
C ILE A 421 4.31 23.26 14.56
N GLY A 422 5.03 22.22 14.12
CA GLY A 422 5.49 21.15 15.01
C GLY A 422 6.47 21.63 16.09
N GLU A 423 6.60 20.84 17.17
CA GLU A 423 7.57 21.11 18.22
C GLU A 423 8.72 20.12 18.20
N TYR A 424 8.41 18.84 17.96
CA TYR A 424 9.41 17.80 17.78
C TYR A 424 10.20 17.59 19.07
N TRP A 425 9.50 17.31 20.18
CA TRP A 425 10.17 16.96 21.42
C TRP A 425 11.04 15.74 21.20
N CYS A 426 12.07 15.66 22.04
CA CYS A 426 12.89 14.48 22.17
C CYS A 426 11.97 13.27 22.21
N CYS A 427 10.91 13.39 23.04
CA CYS A 427 9.96 12.35 23.34
C CYS A 427 9.15 12.02 22.09
N GLN A 428 8.87 12.99 21.19
CA GLN A 428 8.23 12.65 19.93
C GLN A 428 9.16 11.88 19.00
N GLY A 429 10.47 12.14 19.09
CA GLY A 429 11.47 11.48 18.28
C GLY A 429 11.73 10.03 18.68
N THR A 430 11.85 9.79 20.00
CA THR A 430 11.89 8.42 20.49
C THR A 430 10.52 7.79 20.28
N GLY A 431 9.48 8.64 20.31
CA GLY A 431 8.13 8.19 20.05
C GLY A 431 7.95 7.51 18.69
N ILE A 432 8.46 8.15 17.65
CA ILE A 432 8.26 7.65 16.31
C ILE A 432 9.00 6.33 16.17
N GLU A 433 10.16 6.19 16.85
CA GLU A 433 10.81 4.89 16.90
C GLU A 433 10.00 3.86 17.67
N ASN A 434 9.47 4.23 18.83
CA ASN A 434 8.67 3.27 19.57
C ASN A 434 7.67 2.58 18.66
N PHE A 435 7.03 3.31 17.74
CA PHE A 435 5.93 2.75 16.96
C PHE A 435 6.41 2.21 15.63
N ALA A 436 7.58 2.63 15.15
CA ALA A 436 8.14 2.08 13.92
C ALA A 436 8.67 0.68 14.20
N LYS A 437 9.14 0.42 15.42
CA LYS A 437 9.77 -0.86 15.76
C LYS A 437 8.95 -1.62 16.80
N LEU A 438 7.63 -1.40 16.78
CA LEU A 438 6.69 -1.90 17.80
C LEU A 438 6.74 -3.42 17.92
N ASN A 439 7.15 -4.09 16.84
CA ASN A 439 7.18 -5.54 16.76
C ASN A 439 8.62 -6.08 16.83
N ASP A 440 9.61 -5.26 17.21
CA ASP A 440 10.99 -5.73 17.13
C ASP A 440 11.38 -6.58 18.36
N SER A 441 10.53 -6.67 19.39
CA SER A 441 10.90 -7.36 20.61
C SER A 441 9.78 -8.30 21.09
N PHE A 442 9.05 -8.89 20.14
CA PHE A 442 8.06 -9.91 20.48
C PHE A 442 8.76 -11.22 20.82
N TYR A 443 9.72 -11.59 19.97
CA TYR A 443 10.53 -12.79 20.12
C TYR A 443 12.01 -12.42 20.03
N PHE A 444 12.85 -13.21 20.72
CA PHE A 444 14.29 -13.24 20.51
C PHE A 444 14.73 -14.66 20.19
N THR A 445 15.69 -14.77 19.30
CA THR A 445 16.02 -16.02 18.66
C THR A 445 17.52 -16.15 18.72
N ASP A 446 18.01 -17.27 19.27
CA ASP A 446 19.40 -17.66 19.10
C ASP A 446 19.46 -19.03 18.41
N GLU A 447 20.57 -19.76 18.57
CA GLU A 447 20.79 -20.97 17.79
C GLU A 447 19.64 -21.96 17.95
N ASN A 448 19.29 -22.31 19.19
CA ASN A 448 18.34 -23.38 19.42
C ASN A 448 16.98 -22.87 19.88
N ASN A 449 16.91 -21.60 20.37
CA ASN A 449 15.79 -21.16 21.18
C ASN A 449 15.07 -19.98 20.57
N VAL A 450 13.76 -19.97 20.77
CA VAL A 450 12.90 -18.85 20.45
C VAL A 450 12.31 -18.37 21.76
N TYR A 451 12.74 -17.18 22.21
CA TYR A 451 12.24 -16.62 23.44
C TYR A 451 11.00 -15.80 23.14
N VAL A 452 9.93 -16.10 23.87
CA VAL A 452 8.71 -15.32 23.81
C VAL A 452 8.82 -14.21 24.84
N ASN A 453 9.07 -13.01 24.35
CA ASN A 453 9.31 -11.87 25.23
C ASN A 453 7.98 -11.28 25.69
N MET A 454 6.97 -11.33 24.82
CA MET A 454 5.68 -10.74 25.12
C MET A 454 4.58 -11.59 24.47
N PHE A 455 3.36 -11.48 25.02
CA PHE A 455 2.21 -12.28 24.60
C PHE A 455 1.29 -11.42 23.71
N TRP A 456 1.44 -11.59 22.40
CA TRP A 456 0.67 -10.84 21.43
C TRP A 456 0.31 -11.76 20.26
N SER A 457 -0.91 -11.60 19.77
CA SER A 457 -1.29 -12.28 18.55
C SER A 457 -0.39 -11.84 17.41
N SER A 458 0.34 -12.81 16.86
CA SER A 458 1.26 -12.54 15.77
C SER A 458 1.63 -13.80 15.03
N THR A 459 2.24 -13.61 13.87
CA THR A 459 2.93 -14.69 13.20
C THR A 459 4.40 -14.35 13.07
N TYR A 460 5.24 -15.20 13.64
CA TYR A 460 6.69 -15.10 13.50
C TYR A 460 7.13 -16.11 12.45
N THR A 461 7.66 -15.63 11.32
CA THR A 461 8.31 -16.52 10.36
C THR A 461 9.77 -16.57 10.77
N ASP A 462 10.07 -17.62 11.55
CA ASP A 462 11.39 -17.86 12.09
C ASP A 462 12.27 -18.53 11.04
N THR A 463 12.93 -17.68 10.23
CA THR A 463 13.76 -18.15 9.13
C THR A 463 15.03 -18.82 9.64
N ARG A 464 15.47 -18.52 10.87
CA ARG A 464 16.63 -19.18 11.42
C ARG A 464 16.37 -20.68 11.59
N HIS A 465 15.19 -21.04 12.11
CA HIS A 465 14.86 -22.41 12.45
C HIS A 465 13.85 -23.01 11.46
N ASN A 466 13.47 -22.21 10.44
CA ASN A 466 12.56 -22.67 9.40
C ASN A 466 11.22 -23.09 10.00
N LEU A 467 10.68 -22.21 10.87
CA LEU A 467 9.40 -22.44 11.51
C LEU A 467 8.56 -21.16 11.42
N THR A 468 7.24 -21.32 11.22
CA THR A 468 6.27 -20.27 11.41
C THR A 468 5.54 -20.53 12.72
N ILE A 469 5.62 -19.57 13.64
CA ILE A 469 4.99 -19.68 14.94
C ILE A 469 3.88 -18.64 14.97
N THR A 470 2.62 -19.09 15.12
CA THR A 470 1.51 -18.17 15.26
C THR A 470 0.99 -18.19 16.70
N GLN A 471 1.07 -17.03 17.35
CA GLN A 471 0.65 -16.92 18.73
C GLN A 471 -0.70 -16.24 18.73
N THR A 472 -1.63 -16.72 19.54
CA THR A 472 -2.87 -16.00 19.77
C THR A 472 -2.90 -15.67 21.25
N ALA A 473 -2.92 -14.38 21.53
CA ALA A 473 -2.91 -13.91 22.90
C ALA A 473 -3.81 -12.69 23.01
N ASN A 474 -4.50 -12.62 24.15
CA ASN A 474 -5.40 -11.55 24.48
C ASN A 474 -5.26 -11.19 25.97
N VAL A 475 -4.18 -11.61 26.61
CA VAL A 475 -4.02 -11.42 28.05
C VAL A 475 -4.12 -9.93 28.39
N PRO A 476 -4.72 -9.52 29.52
CA PRO A 476 -5.46 -10.40 30.43
C PRO A 476 -6.98 -10.44 30.25
N LYS A 477 -7.46 -10.13 29.04
CA LYS A 477 -8.89 -10.07 28.75
C LYS A 477 -9.43 -11.49 28.79
N THR A 478 -8.74 -12.39 28.10
CA THR A 478 -8.88 -13.84 28.26
C THR A 478 -7.52 -14.42 28.65
N GLU A 479 -7.51 -15.62 29.22
CA GLU A 479 -6.31 -16.09 29.91
C GLU A 479 -5.48 -17.05 29.06
N ASP A 480 -6.04 -17.62 27.98
CA ASP A 480 -5.34 -18.67 27.27
C ASP A 480 -4.51 -18.09 26.13
N VAL A 481 -3.23 -18.47 26.10
CA VAL A 481 -2.35 -18.13 24.99
C VAL A 481 -2.15 -19.40 24.17
N THR A 482 -2.26 -19.31 22.84
CA THR A 482 -1.97 -20.48 22.03
C THR A 482 -0.83 -20.20 21.06
N PHE A 483 -0.09 -21.26 20.77
CA PHE A 483 0.91 -21.27 19.72
C PHE A 483 0.65 -22.46 18.80
N GLU A 484 0.71 -22.21 17.49
CA GLU A 484 0.72 -23.25 16.47
C GLU A 484 2.01 -23.09 15.66
N VAL A 485 2.68 -24.21 15.38
CA VAL A 485 3.94 -24.20 14.65
C VAL A 485 3.78 -24.99 13.35
N SER A 486 4.42 -24.46 12.30
CA SER A 486 4.53 -25.10 11.00
C SER A 486 5.92 -24.82 10.45
N GLY A 487 6.37 -25.62 9.48
CA GLY A 487 7.70 -25.49 8.92
C GLY A 487 8.37 -26.84 8.83
N THR A 488 9.70 -26.83 8.86
CA THR A 488 10.46 -28.03 8.58
C THR A 488 11.53 -28.22 9.64
N GLY A 489 11.81 -27.18 10.43
CA GLY A 489 12.92 -27.22 11.37
C GLY A 489 12.43 -27.60 12.76
N SER A 490 13.17 -27.14 13.76
CA SER A 490 12.86 -27.45 15.14
C SER A 490 13.58 -26.45 16.02
N ALA A 491 13.08 -26.28 17.23
CA ALA A 491 13.62 -25.30 18.16
C ALA A 491 13.02 -25.57 19.54
N ASN A 492 13.55 -24.85 20.53
CA ASN A 492 12.92 -24.78 21.82
C ASN A 492 12.25 -23.43 21.96
N LEU A 493 10.91 -23.45 22.15
CA LEU A 493 10.20 -22.27 22.63
C LEU A 493 10.52 -22.07 24.11
N LYS A 494 10.76 -20.82 24.48
CA LYS A 494 11.04 -20.46 25.85
C LYS A 494 9.93 -19.56 26.37
N LEU A 495 9.29 -19.95 27.46
CA LEU A 495 8.19 -19.22 28.03
C LEU A 495 8.54 -18.74 29.43
N ARG A 496 8.20 -17.48 29.68
CA ARG A 496 8.29 -16.91 31.01
C ARG A 496 7.03 -17.34 31.74
N VAL A 497 7.15 -17.61 33.05
CA VAL A 497 6.01 -17.70 33.95
C VAL A 497 5.84 -16.34 34.60
N PRO A 498 4.88 -15.52 34.11
CA PRO A 498 4.80 -14.14 34.55
C PRO A 498 4.52 -14.07 36.04
N ASP A 499 5.14 -13.09 36.69
CA ASP A 499 4.84 -12.80 38.07
C ASP A 499 3.44 -12.21 38.20
N TRP A 500 2.87 -11.70 37.10
CA TRP A 500 1.54 -11.13 37.10
C TRP A 500 0.44 -12.17 36.94
N ALA A 501 0.83 -13.43 36.73
CA ALA A 501 -0.16 -14.50 36.67
C ALA A 501 -0.36 -15.08 38.07
N ILE A 502 -1.57 -15.60 38.32
CA ILE A 502 -1.83 -16.38 39.51
C ILE A 502 -1.09 -17.70 39.35
N THR A 503 -0.02 -17.88 40.11
CA THR A 503 0.91 -18.98 39.87
C THR A 503 0.20 -20.33 39.80
N ASN A 504 -0.66 -20.59 40.80
CA ASN A 504 -1.38 -21.85 40.94
C ASN A 504 -2.24 -22.17 39.73
N GLY A 505 -2.73 -21.13 39.04
CA GLY A 505 -3.60 -21.29 37.87
C GLY A 505 -2.84 -21.51 36.58
N VAL A 506 -1.53 -21.30 36.58
CA VAL A 506 -0.78 -21.37 35.33
C VAL A 506 -0.76 -22.82 34.87
N LYS A 507 -1.05 -23.04 33.59
CA LYS A 507 -1.08 -24.38 33.06
C LYS A 507 -0.46 -24.40 31.66
N LEU A 508 0.38 -25.40 31.41
CA LEU A 508 1.01 -25.57 30.11
C LEU A 508 0.56 -26.91 29.54
N VAL A 509 -0.04 -26.86 28.35
CA VAL A 509 -0.42 -28.04 27.59
C VAL A 509 0.29 -28.01 26.24
N VAL A 510 1.03 -29.08 25.94
CA VAL A 510 1.79 -29.24 24.73
C VAL A 510 1.30 -30.50 24.01
N ASP A 511 0.73 -30.34 22.81
CA ASP A 511 0.20 -31.46 22.05
C ASP A 511 -0.68 -32.32 22.97
N GLY A 512 -1.58 -31.66 23.70
CA GLY A 512 -2.60 -32.35 24.47
C GLY A 512 -2.10 -32.96 25.78
N THR A 513 -0.80 -32.93 26.07
CA THR A 513 -0.35 -33.36 27.39
C THR A 513 0.13 -32.16 28.19
N GLU A 514 -0.29 -32.09 29.45
CA GLU A 514 0.24 -31.08 30.36
C GLU A 514 1.74 -31.30 30.56
N GLN A 515 2.49 -30.17 30.61
CA GLN A 515 3.92 -30.18 30.87
C GLN A 515 4.19 -29.39 32.15
N ALA A 516 5.23 -29.78 32.87
CA ALA A 516 5.60 -29.08 34.09
C ALA A 516 6.16 -27.71 33.73
N LEU A 517 6.05 -26.74 34.66
CA LEU A 517 6.62 -25.42 34.49
C LEU A 517 8.05 -25.38 35.02
N THR A 518 8.93 -26.23 34.47
CA THR A 518 10.29 -26.35 34.93
C THR A 518 11.13 -25.21 34.35
N LYS A 519 11.74 -24.40 35.22
CA LYS A 519 12.50 -23.24 34.79
C LYS A 519 13.96 -23.61 34.58
N ASP A 520 14.52 -23.11 33.48
CA ASP A 520 15.96 -23.17 33.28
C ASP A 520 16.62 -22.19 34.23
N GLU A 521 17.94 -22.11 34.17
CA GLU A 521 18.73 -21.30 35.11
C GLU A 521 18.44 -19.81 34.94
N ASN A 522 17.80 -19.43 33.83
CA ASN A 522 17.49 -18.04 33.54
C ASN A 522 15.99 -17.72 33.73
N GLY A 523 15.17 -18.68 34.19
CA GLY A 523 13.78 -18.45 34.52
C GLY A 523 12.76 -18.89 33.45
N TRP A 524 13.21 -19.57 32.39
CA TRP A 524 12.37 -19.92 31.25
C TRP A 524 11.94 -21.39 31.31
N VAL A 525 10.68 -21.62 30.97
CA VAL A 525 10.16 -22.95 30.68
C VAL A 525 10.42 -23.28 29.21
N THR A 526 10.85 -24.51 28.96
CA THR A 526 11.29 -24.94 27.64
C THR A 526 10.24 -25.88 27.03
N VAL A 527 9.86 -25.62 25.78
CA VAL A 527 8.96 -26.50 25.04
C VAL A 527 9.56 -26.79 23.69
N ALA A 528 9.85 -28.07 23.42
CA ALA A 528 10.34 -28.49 22.11
C ALA A 528 9.28 -28.26 21.05
N ILE A 529 9.68 -27.69 19.90
CA ILE A 529 8.72 -27.36 18.89
C ILE A 529 9.24 -27.77 17.52
N LYS A 530 8.27 -28.08 16.67
CA LYS A 530 8.48 -28.55 15.31
C LYS A 530 7.15 -28.46 14.57
N ASP A 531 7.18 -28.80 13.28
CA ASP A 531 5.96 -28.80 12.49
C ASP A 531 4.88 -29.55 13.25
N GLY A 532 3.71 -28.92 13.41
CA GLY A 532 2.54 -29.53 13.99
C GLY A 532 2.32 -29.21 15.47
N ALA A 533 3.34 -28.63 16.13
CA ALA A 533 3.25 -28.38 17.57
C ALA A 533 2.08 -27.45 17.87
N LYS A 534 1.39 -27.76 18.96
CA LYS A 534 0.25 -26.99 19.40
C LYS A 534 0.37 -26.84 20.91
N ILE A 535 0.32 -25.58 21.36
CA ILE A 535 0.55 -25.23 22.76
C ILE A 535 -0.61 -24.36 23.22
N THR A 536 -1.18 -24.72 24.38
CA THR A 536 -2.06 -23.84 25.11
C THR A 536 -1.43 -23.52 26.46
N TYR A 537 -1.20 -22.22 26.67
CA TYR A 537 -0.53 -21.70 27.86
C TYR A 537 -1.53 -20.82 28.58
N THR A 538 -2.00 -21.28 29.75
CA THR A 538 -3.03 -20.61 30.50
C THR A 538 -2.36 -19.73 31.55
N LEU A 539 -2.71 -18.43 31.50
CA LEU A 539 -2.09 -17.40 32.32
C LEU A 539 -3.19 -16.58 32.98
N PRO A 540 -3.81 -17.11 34.07
CA PRO A 540 -4.83 -16.38 34.78
C PRO A 540 -4.23 -15.09 35.34
N ALA A 541 -4.87 -13.96 35.00
CA ALA A 541 -4.40 -12.65 35.40
C ALA A 541 -4.61 -12.46 36.91
N LYS A 542 -3.56 -11.94 37.56
CA LYS A 542 -3.62 -11.57 38.96
C LYS A 542 -3.95 -10.08 39.10
N LEU A 543 -4.88 -9.76 39.99
CA LEU A 543 -5.11 -8.37 40.36
C LEU A 543 -4.27 -8.07 41.60
N GLN A 544 -3.52 -6.97 41.57
CA GLN A 544 -2.63 -6.64 42.67
C GLN A 544 -2.68 -5.13 42.90
N ALA A 545 -2.41 -4.76 44.16
CA ALA A 545 -2.19 -3.37 44.52
C ALA A 545 -0.69 -3.17 44.64
N ILE A 546 -0.25 -1.99 44.20
CA ILE A 546 1.14 -1.62 44.19
C ILE A 546 1.25 -0.21 44.75
N ASP A 547 1.98 -0.07 45.86
CA ASP A 547 2.10 1.20 46.55
C ASP A 547 3.44 1.82 46.17
N ALA A 548 3.74 2.97 46.77
CA ALA A 548 5.07 3.57 46.68
C ALA A 548 5.87 3.24 47.93
N ALA A 549 7.19 3.12 47.76
CA ALA A 549 8.06 2.77 48.86
C ALA A 549 7.93 3.79 49.99
N ASP A 550 7.65 5.06 49.66
CA ASP A 550 7.60 6.16 50.62
C ASP A 550 6.15 6.55 50.95
N ASN A 551 5.19 5.76 50.51
CA ASN A 551 3.81 6.02 50.89
C ASN A 551 2.93 4.81 50.59
N LYS A 552 2.57 4.11 51.68
CA LYS A 552 1.69 2.98 51.62
C LYS A 552 0.30 3.40 51.16
N ASP A 553 -0.04 4.70 51.23
CA ASP A 553 -1.41 5.13 50.95
C ASP A 553 -1.52 5.72 49.55
N TRP A 554 -0.49 5.49 48.72
CA TRP A 554 -0.50 5.90 47.34
C TRP A 554 -0.40 4.64 46.50
N VAL A 555 -1.53 4.22 45.89
CA VAL A 555 -1.68 2.84 45.45
C VAL A 555 -2.21 2.78 44.02
N ALA A 556 -1.50 2.01 43.17
CA ALA A 556 -2.02 1.68 41.85
C ALA A 556 -2.48 0.23 41.82
N PHE A 557 -3.32 -0.06 40.83
CA PHE A 557 -3.87 -1.39 40.64
C PHE A 557 -3.48 -1.91 39.26
N GLN A 558 -3.09 -3.18 39.23
CA GLN A 558 -2.62 -3.83 38.03
C GLN A 558 -3.36 -5.16 37.89
N TYR A 559 -3.81 -5.44 36.68
CA TYR A 559 -4.43 -6.71 36.38
C TYR A 559 -3.62 -7.41 35.29
N GLY A 560 -3.06 -8.57 35.61
CA GLY A 560 -2.09 -9.17 34.72
C GLY A 560 -0.98 -8.18 34.43
N PRO A 561 -0.54 -8.04 33.17
CA PRO A 561 0.52 -7.10 32.80
C PRO A 561 0.03 -5.68 32.53
N VAL A 562 -1.26 -5.41 32.82
CA VAL A 562 -1.87 -4.16 32.43
C VAL A 562 -2.15 -3.34 33.69
N VAL A 563 -1.48 -2.17 33.82
CA VAL A 563 -1.81 -1.25 34.90
C VAL A 563 -3.14 -0.58 34.56
N LEU A 564 -3.99 -0.44 35.59
CA LEU A 564 -5.34 0.12 35.45
C LEU A 564 -5.35 1.62 35.73
N ALA A 565 -6.30 2.33 35.10
CA ALA A 565 -6.50 3.73 35.41
C ALA A 565 -7.99 4.06 35.54
N GLY A 566 -8.35 4.93 36.49
CA GLY A 566 -9.71 5.43 36.61
C GLY A 566 -9.94 6.65 35.72
N ALA A 567 -11.03 6.59 34.92
CA ALA A 567 -11.49 7.72 34.13
C ALA A 567 -12.18 8.70 35.06
N LEU A 568 -11.61 9.90 35.19
CA LEU A 568 -12.07 10.84 36.20
C LEU A 568 -13.02 11.85 35.58
N THR A 569 -12.53 12.69 34.67
CA THR A 569 -13.32 13.74 34.05
C THR A 569 -12.94 13.87 32.58
N ASP A 570 -13.79 14.53 31.80
CA ASP A 570 -13.51 14.81 30.39
C ASP A 570 -12.32 15.74 30.29
N THR A 571 -11.62 15.70 29.14
CA THR A 571 -10.54 16.63 28.89
C THR A 571 -10.63 17.11 27.43
N ASN A 572 -10.13 18.32 27.17
CA ASN A 572 -10.15 18.91 25.84
C ASN A 572 -8.70 19.08 25.37
N TYR A 573 -8.29 18.35 24.33
CA TYR A 573 -6.89 18.35 23.94
C TYR A 573 -6.44 19.73 23.45
N LYS A 574 -7.37 20.57 23.00
CA LYS A 574 -7.04 21.91 22.52
C LYS A 574 -6.61 22.86 23.64
N THR A 575 -7.00 22.61 24.90
CA THR A 575 -6.81 23.59 25.96
C THR A 575 -6.27 22.98 27.26
N ASN A 576 -5.99 21.69 27.28
CA ASN A 576 -5.71 21.02 28.55
C ASN A 576 -4.21 21.02 28.89
N TYR A 577 -3.42 21.86 28.20
CA TYR A 577 -1.98 21.88 28.43
C TYR A 577 -1.51 23.31 28.66
N SER A 578 -0.30 23.44 29.23
CA SER A 578 0.51 24.65 29.20
C SER A 578 1.89 24.29 28.63
N TYR A 579 2.89 25.16 28.83
CA TYR A 579 4.25 24.92 28.34
C TYR A 579 5.24 24.94 29.49
N GLY A 580 6.30 24.14 29.34
CA GLY A 580 7.47 24.19 30.19
C GLY A 580 8.72 23.95 29.34
N GLY A 581 9.90 24.09 29.94
CA GLY A 581 11.12 23.77 29.24
C GLY A 581 11.18 24.52 27.90
N VAL A 582 11.77 23.89 26.88
CA VAL A 582 11.76 24.45 25.54
C VAL A 582 10.60 23.84 24.75
N LYS A 583 9.47 24.57 24.70
CA LYS A 583 8.34 24.24 23.85
C LYS A 583 7.75 22.86 24.17
N VAL A 584 7.78 22.47 25.43
CA VAL A 584 7.24 21.19 25.90
C VAL A 584 5.85 21.43 26.49
N ARG A 585 4.85 20.73 25.95
CA ARG A 585 3.48 20.82 26.41
C ARG A 585 3.34 19.97 27.67
N VAL A 586 2.68 20.54 28.68
CA VAL A 586 2.52 19.91 29.96
C VAL A 586 1.05 20.00 30.38
N ALA A 587 0.65 18.97 31.11
CA ALA A 587 -0.73 18.76 31.49
C ALA A 587 -1.15 19.80 32.51
N ASN A 588 -2.37 20.32 32.32
CA ASN A 588 -3.07 21.15 33.28
C ASN A 588 -3.87 20.27 34.26
N TYR A 589 -3.68 20.54 35.54
CA TYR A 589 -4.32 19.87 36.65
C TYR A 589 -5.83 20.13 36.70
N ASP A 590 -6.57 19.07 37.04
CA ASP A 590 -7.99 19.11 37.32
C ASP A 590 -8.20 18.70 38.77
N SER A 591 -8.25 19.68 39.69
CA SER A 591 -8.42 19.42 41.11
C SER A 591 -9.71 18.64 41.39
N GLU A 592 -10.80 18.97 40.69
CA GLU A 592 -12.06 18.26 40.82
C GLU A 592 -11.91 16.78 40.43
N ALA A 593 -11.08 16.51 39.40
CA ALA A 593 -10.79 15.13 39.01
C ALA A 593 -9.98 14.44 40.11
N ASN A 594 -8.93 15.12 40.60
CA ASN A 594 -8.05 14.58 41.62
C ASN A 594 -8.85 14.11 42.84
N ALA A 595 -9.84 14.90 43.26
CA ALA A 595 -10.56 14.62 44.50
C ALA A 595 -11.31 13.30 44.39
N LYS A 596 -11.76 12.96 43.17
CA LYS A 596 -12.50 11.73 42.92
C LYS A 596 -11.62 10.50 43.11
N ALA A 597 -10.31 10.71 43.24
CA ALA A 597 -9.36 9.60 43.37
C ALA A 597 -9.16 9.24 44.84
N ALA A 598 -10.00 9.79 45.73
CA ALA A 598 -10.08 9.32 47.10
C ALA A 598 -10.73 7.95 47.13
N VAL A 599 -9.98 6.97 47.66
CA VAL A 599 -10.53 5.66 47.97
C VAL A 599 -10.73 5.61 49.48
N ILE A 600 -12.02 5.46 49.87
CA ILE A 600 -12.46 5.62 51.24
C ILE A 600 -13.20 4.34 51.60
N PRO A 601 -12.60 3.43 52.40
CA PRO A 601 -13.29 2.18 52.75
C PRO A 601 -14.61 2.50 53.45
N THR A 602 -15.70 1.83 53.02
CA THR A 602 -16.95 1.84 53.76
C THR A 602 -16.70 1.30 55.17
N SER A 603 -16.32 0.01 55.26
CA SER A 603 -16.00 -0.61 56.53
C SER A 603 -14.51 -0.98 56.57
N GLY A 604 -13.98 -1.15 57.79
CA GLY A 604 -12.59 -1.53 57.98
C GLY A 604 -11.61 -0.40 57.67
N SER A 605 -10.34 -0.64 58.00
CA SER A 605 -9.26 0.29 57.71
C SER A 605 -8.81 0.13 56.26
N VAL A 606 -7.94 1.04 55.81
CA VAL A 606 -7.27 0.94 54.53
C VAL A 606 -6.62 -0.44 54.41
N THR A 607 -5.84 -0.81 55.42
CA THR A 607 -5.12 -2.07 55.40
C THR A 607 -6.08 -3.22 55.12
N ASP A 608 -7.17 -3.28 55.88
CA ASP A 608 -8.21 -4.29 55.73
C ASP A 608 -8.78 -4.25 54.32
N TRP A 609 -8.96 -3.04 53.77
CA TRP A 609 -9.57 -2.89 52.46
C TRP A 609 -8.63 -3.42 51.38
N LEU A 610 -7.33 -3.15 51.53
CA LEU A 610 -6.33 -3.64 50.59
C LEU A 610 -6.26 -5.17 50.67
N LYS A 611 -6.36 -5.74 51.89
CA LYS A 611 -6.33 -7.19 52.06
C LYS A 611 -7.52 -7.83 51.34
N GLY A 612 -8.62 -7.08 51.18
CA GLY A 612 -9.85 -7.64 50.61
C GLY A 612 -9.89 -7.60 49.08
N ILE A 613 -8.80 -7.17 48.45
CA ILE A 613 -8.67 -7.23 47.00
C ILE A 613 -8.21 -8.63 46.64
N LYS A 614 -9.02 -9.37 45.89
CA LYS A 614 -8.73 -10.75 45.58
C LYS A 614 -7.95 -10.79 44.28
N GLU A 615 -6.91 -11.64 44.25
CA GLU A 615 -6.10 -11.83 43.06
C GLU A 615 -6.96 -12.11 41.84
N ASP A 616 -8.10 -12.82 41.98
CA ASP A 616 -8.92 -13.20 40.83
C ASP A 616 -9.95 -12.11 40.42
N ALA A 617 -10.03 -11.01 41.16
CA ALA A 617 -10.90 -9.89 40.80
C ALA A 617 -12.39 -10.27 40.83
N SER A 618 -12.72 -11.34 41.59
CA SER A 618 -14.05 -11.94 41.61
C SER A 618 -14.94 -11.23 42.61
N GLU A 619 -16.25 -11.54 42.57
CA GLU A 619 -17.22 -10.91 43.46
C GLU A 619 -16.79 -11.14 44.91
N GLY A 620 -16.91 -10.08 45.74
CA GLY A 620 -16.36 -10.11 47.09
C GLY A 620 -15.04 -9.36 47.20
N SER A 621 -14.31 -9.23 46.09
CA SER A 621 -13.12 -8.38 46.05
C SER A 621 -13.53 -6.93 46.22
N ASN A 622 -12.66 -6.15 46.89
CA ASN A 622 -12.83 -4.72 46.99
C ASN A 622 -12.50 -4.02 45.66
N LEU A 623 -11.97 -4.75 44.67
CA LEU A 623 -11.90 -4.28 43.30
C LEU A 623 -12.28 -5.44 42.39
N VAL A 624 -13.36 -5.28 41.62
CA VAL A 624 -13.96 -6.38 40.88
C VAL A 624 -13.83 -6.12 39.39
N ARG A 625 -13.56 -7.19 38.64
CA ARG A 625 -13.61 -7.13 37.19
C ARG A 625 -15.07 -7.19 36.77
N THR A 626 -15.46 -6.29 35.87
CA THR A 626 -16.85 -6.14 35.50
C THR A 626 -17.10 -6.54 34.04
N ASP A 627 -16.05 -6.58 33.21
CA ASP A 627 -16.27 -6.88 31.80
C ASP A 627 -16.43 -8.38 31.64
N ASP A 628 -17.10 -8.75 30.55
CA ASP A 628 -17.26 -10.14 30.17
C ASP A 628 -16.06 -10.57 29.36
N PRO A 629 -15.26 -11.53 29.88
CA PRO A 629 -14.08 -12.02 29.15
C PRO A 629 -14.33 -12.42 27.70
N ASN A 630 -15.58 -12.82 27.39
CA ASN A 630 -15.90 -13.34 26.07
C ASN A 630 -16.62 -12.31 25.20
N THR A 631 -16.64 -11.05 25.61
CA THR A 631 -17.24 -10.00 24.81
C THR A 631 -16.30 -8.80 24.76
N GLY A 632 -16.05 -8.31 23.53
CA GLY A 632 -15.24 -7.14 23.32
C GLY A 632 -13.75 -7.48 23.29
N ASN A 633 -12.96 -6.52 22.81
CA ASN A 633 -11.51 -6.66 22.67
C ASN A 633 -10.87 -6.34 24.01
N ARG A 634 -9.52 -6.37 24.05
CA ARG A 634 -8.80 -6.25 25.31
C ARG A 634 -9.05 -4.92 25.99
N GLU A 635 -9.37 -3.89 25.18
CA GLU A 635 -9.49 -2.55 25.73
C GLU A 635 -10.83 -2.41 26.43
N THR A 636 -11.73 -3.41 26.35
CA THR A 636 -12.98 -3.35 27.10
C THR A 636 -12.82 -3.89 28.53
N LEU A 637 -11.60 -4.28 28.94
CA LEU A 637 -11.33 -4.56 30.33
C LEU A 637 -11.91 -3.47 31.21
N SER A 638 -12.62 -3.86 32.26
CA SER A 638 -13.23 -2.88 33.13
C SER A 638 -13.31 -3.43 34.55
N PHE A 639 -13.04 -2.55 35.50
CA PHE A 639 -13.15 -2.91 36.90
C PHE A 639 -13.93 -1.82 37.59
N LYS A 640 -14.41 -2.14 38.79
CA LYS A 640 -15.00 -1.16 39.67
C LYS A 640 -14.59 -1.52 41.10
N PHE A 641 -14.50 -0.50 41.92
CA PHE A 641 -14.25 -0.67 43.33
C PHE A 641 -15.54 -1.18 43.99
N ALA A 642 -15.38 -1.80 45.16
CA ALA A 642 -16.50 -2.15 46.01
C ALA A 642 -16.16 -1.68 47.43
N ASN A 643 -17.20 -1.47 48.24
CA ASN A 643 -17.03 -1.10 49.64
C ASN A 643 -16.27 0.20 49.77
N VAL A 644 -16.55 1.14 48.86
CA VAL A 644 -15.92 2.45 48.93
C VAL A 644 -17.00 3.52 48.97
N ASP A 645 -16.66 4.62 49.66
CA ASP A 645 -17.49 5.80 49.74
C ASP A 645 -17.02 6.79 48.68
N GLY A 646 -17.91 7.73 48.35
CA GLY A 646 -17.55 8.87 47.53
C GLY A 646 -17.67 8.56 46.04
N ASP A 647 -17.06 9.43 45.22
CA ASP A 647 -17.13 9.35 43.77
C ASP A 647 -16.46 8.07 43.27
N ALA A 648 -15.49 7.56 44.04
CA ALA A 648 -14.75 6.35 43.68
C ALA A 648 -15.70 5.22 43.30
N ALA A 649 -16.81 5.10 44.05
CA ALA A 649 -17.77 4.03 43.81
C ALA A 649 -18.28 4.07 42.37
N ASP A 650 -18.41 5.26 41.78
CA ASP A 650 -19.00 5.43 40.47
C ASP A 650 -17.96 5.26 39.35
N LEU A 651 -16.68 5.34 39.67
CA LEU A 651 -15.62 5.27 38.68
C LEU A 651 -15.54 3.87 38.09
N THR A 652 -15.24 3.83 36.78
CA THR A 652 -14.78 2.62 36.11
C THR A 652 -13.25 2.67 36.00
N LEU A 653 -12.61 1.51 36.13
CA LEU A 653 -11.17 1.38 35.88
C LEU A 653 -11.00 0.53 34.63
N GLN A 654 -10.04 0.95 33.79
CA GLN A 654 -9.81 0.43 32.45
C GLN A 654 -8.30 0.40 32.25
N PRO A 655 -7.76 -0.17 31.16
CA PRO A 655 -6.32 -0.10 30.97
C PRO A 655 -5.83 1.35 30.89
N TYR A 656 -4.76 1.65 31.66
CA TYR A 656 -4.08 2.93 31.54
C TYR A 656 -3.63 3.17 30.10
N TYR A 657 -3.18 2.11 29.40
CA TYR A 657 -2.49 2.31 28.13
C TYR A 657 -3.48 2.85 27.09
N SER A 658 -4.75 2.47 27.24
CA SER A 658 -5.77 2.86 26.28
C SER A 658 -6.59 4.05 26.81
N THR A 659 -6.17 4.65 27.94
CA THR A 659 -6.88 5.79 28.51
C THR A 659 -6.33 7.08 27.93
N TYR A 660 -7.14 7.86 27.20
CA TYR A 660 -6.66 9.11 26.61
C TYR A 660 -7.71 10.23 26.52
N LYS A 661 -9.01 9.92 26.54
CA LYS A 661 -10.04 10.93 26.34
C LYS A 661 -10.36 11.68 27.63
N THR A 662 -9.75 11.25 28.75
CA THR A 662 -10.12 11.71 30.07
C THR A 662 -8.87 11.93 30.90
N THR A 663 -9.02 12.75 31.95
CA THR A 663 -8.09 12.75 33.07
C THR A 663 -8.21 11.41 33.78
N TYR A 664 -7.16 11.03 34.51
CA TYR A 664 -7.09 9.66 34.98
C TYR A 664 -6.43 9.61 36.34
N ALA A 665 -6.65 8.48 37.00
CA ALA A 665 -5.93 8.12 38.20
C ALA A 665 -5.27 6.77 37.94
N ILE A 666 -3.97 6.74 38.15
CA ILE A 666 -3.22 5.51 38.12
C ILE A 666 -2.86 5.16 39.55
N TYR A 667 -2.27 6.10 40.29
CA TYR A 667 -2.14 5.98 41.73
C TYR A 667 -3.36 6.63 42.38
N TRP A 668 -3.87 5.97 43.42
CA TRP A 668 -5.03 6.41 44.17
C TRP A 668 -4.62 6.76 45.59
N ASP A 669 -5.45 7.60 46.24
CA ASP A 669 -5.21 8.06 47.59
C ASP A 669 -6.08 7.27 48.56
N MET A 670 -5.45 6.35 49.31
CA MET A 670 -6.19 5.57 50.30
C MET A 670 -6.46 6.46 51.51
N ALA A 671 -7.73 6.47 51.94
CA ALA A 671 -8.21 7.35 53.01
C ALA A 671 -8.78 6.53 54.17
N GLU A 672 -8.09 6.58 55.32
CA GLU A 672 -8.38 5.76 56.49
C GLU A 672 -9.71 6.18 57.14
N MET B 1 -18.48 15.82 -8.85
CA MET B 1 -17.94 14.57 -9.43
C MET B 1 -16.83 14.92 -10.42
N GLU B 2 -15.69 14.20 -10.32
CA GLU B 2 -14.67 14.24 -11.36
C GLU B 2 -15.34 13.99 -12.71
N ASN B 3 -14.93 14.70 -13.75
CA ASN B 3 -15.39 14.35 -15.07
C ASN B 3 -14.37 14.70 -16.13
N VAL B 4 -14.47 13.95 -17.23
CA VAL B 4 -13.64 14.21 -18.39
C VAL B 4 -14.61 14.35 -19.56
N THR B 5 -14.65 15.56 -20.13
CA THR B 5 -15.41 15.84 -21.34
C THR B 5 -14.44 15.80 -22.50
N VAL B 6 -14.81 15.06 -23.54
CA VAL B 6 -13.91 14.78 -24.63
C VAL B 6 -14.26 15.75 -25.76
N ALA B 7 -13.26 16.48 -26.25
CA ALA B 7 -13.45 17.44 -27.33
C ALA B 7 -13.09 16.80 -28.68
N ASP B 8 -12.31 15.72 -28.66
CA ASP B 8 -11.91 15.07 -29.88
C ASP B 8 -13.14 14.62 -30.69
N GLU B 9 -13.26 15.06 -31.95
CA GLU B 9 -14.49 14.82 -32.68
C GLU B 9 -14.68 13.33 -32.98
N TYR B 10 -13.58 12.62 -33.24
CA TYR B 10 -13.69 11.21 -33.59
C TYR B 10 -14.19 10.38 -32.40
N LEU B 11 -13.60 10.65 -31.21
CA LEU B 11 -13.99 9.96 -30.00
C LEU B 11 -15.38 10.40 -29.57
N GLN B 12 -15.73 11.67 -29.83
CA GLN B 12 -17.08 12.13 -29.49
C GLN B 12 -18.11 11.32 -30.27
N ASN B 13 -17.88 11.21 -31.58
CA ASN B 13 -18.73 10.42 -32.46
C ASN B 13 -18.85 8.99 -31.90
N ALA B 14 -17.68 8.40 -31.60
CA ALA B 14 -17.59 7.00 -31.20
C ALA B 14 -18.47 6.75 -29.96
N GLY B 15 -18.39 7.64 -28.98
CA GLY B 15 -19.10 7.50 -27.73
C GLY B 15 -20.61 7.76 -27.88
N LYS B 16 -20.94 8.76 -28.72
CA LYS B 16 -22.33 9.13 -28.95
C LYS B 16 -23.07 7.97 -29.60
N LYS B 17 -22.47 7.35 -30.61
CA LYS B 17 -23.01 6.17 -31.26
C LYS B 17 -23.32 5.09 -30.20
N GLU B 18 -22.37 4.84 -29.29
CA GLU B 18 -22.59 3.81 -28.30
C GLU B 18 -23.82 4.13 -27.45
N VAL B 19 -23.95 5.39 -27.02
CA VAL B 19 -25.08 5.78 -26.18
C VAL B 19 -26.39 5.47 -26.91
N GLU B 20 -26.41 5.83 -28.20
CA GLU B 20 -27.56 5.60 -29.05
C GLU B 20 -27.86 4.09 -29.12
N TYR B 21 -26.83 3.29 -29.26
CA TYR B 21 -27.04 1.85 -29.32
C TYR B 21 -27.66 1.35 -28.03
N LEU B 22 -27.08 1.77 -26.90
CA LEU B 22 -27.49 1.28 -25.59
C LEU B 22 -28.97 1.56 -25.35
N LEU B 23 -29.42 2.72 -25.84
CA LEU B 23 -30.80 3.17 -25.67
C LEU B 23 -31.80 2.40 -26.53
N SER B 24 -31.33 1.68 -27.56
CA SER B 24 -32.23 0.94 -28.44
C SER B 24 -32.74 -0.39 -27.85
N PHE B 25 -32.24 -0.80 -26.66
CA PHE B 25 -32.60 -2.06 -26.06
C PHE B 25 -33.78 -1.83 -25.13
N GLU B 26 -34.73 -2.75 -25.19
CA GLU B 26 -35.88 -2.73 -24.31
C GLU B 26 -35.60 -3.60 -23.10
N PRO B 27 -35.72 -3.08 -21.87
CA PRO B 27 -35.56 -3.91 -20.67
C PRO B 27 -36.38 -5.20 -20.64
N ASP B 28 -37.60 -5.19 -21.17
CA ASP B 28 -38.42 -6.40 -21.08
C ASP B 28 -37.80 -7.54 -21.87
N ARG B 29 -37.19 -7.22 -23.00
CA ARG B 29 -36.52 -8.20 -23.86
C ARG B 29 -35.17 -8.63 -23.27
N LEU B 30 -34.50 -7.74 -22.52
CA LEU B 30 -33.26 -8.15 -21.87
C LEU B 30 -33.57 -9.11 -20.72
N LEU B 31 -34.76 -8.97 -20.12
CA LEU B 31 -35.09 -9.68 -18.90
C LEU B 31 -35.75 -11.04 -19.17
N VAL B 32 -36.14 -11.28 -20.43
CA VAL B 32 -37.00 -12.40 -20.82
C VAL B 32 -36.52 -13.71 -20.21
N GLU B 33 -35.24 -14.05 -20.43
CA GLU B 33 -34.77 -15.38 -20.04
C GLU B 33 -34.68 -15.48 -18.52
N PHE B 34 -34.30 -14.40 -17.85
CA PHE B 34 -34.27 -14.42 -16.40
C PHE B 34 -35.67 -14.63 -15.82
N ARG B 35 -36.66 -13.94 -16.41
CA ARG B 35 -38.04 -14.13 -15.97
C ARG B 35 -38.54 -15.55 -16.23
N ALA B 36 -38.29 -16.07 -17.42
CA ALA B 36 -38.77 -17.39 -17.79
C ALA B 36 -38.25 -18.47 -16.84
N GLN B 37 -36.94 -18.40 -16.56
CA GLN B 37 -36.27 -19.43 -15.76
C GLN B 37 -36.75 -19.36 -14.31
N ALA B 38 -37.15 -18.16 -13.89
CA ALA B 38 -37.56 -17.93 -12.52
C ALA B 38 -39.06 -18.17 -12.37
N GLY B 39 -39.74 -18.50 -13.48
CA GLY B 39 -41.17 -18.76 -13.49
C GLY B 39 -41.97 -17.47 -13.39
N LEU B 40 -41.40 -16.34 -13.83
CA LEU B 40 -42.09 -15.05 -13.80
C LEU B 40 -42.67 -14.74 -15.16
N ASP B 41 -43.61 -13.79 -15.17
CA ASP B 41 -44.29 -13.37 -16.39
C ASP B 41 -43.28 -12.72 -17.32
N THR B 42 -43.14 -13.27 -18.53
CA THR B 42 -42.25 -12.73 -19.55
C THR B 42 -42.92 -11.63 -20.38
N LYS B 43 -44.24 -11.41 -20.18
CA LYS B 43 -44.97 -10.32 -20.81
C LYS B 43 -45.00 -10.46 -22.33
N GLY B 44 -45.02 -11.70 -22.81
CA GLY B 44 -45.03 -12.01 -24.23
C GLY B 44 -43.74 -11.63 -24.97
N ALA B 45 -42.65 -11.36 -24.24
CA ALA B 45 -41.48 -10.76 -24.85
C ALA B 45 -40.60 -11.83 -25.48
N LYS B 46 -39.93 -11.45 -26.58
CA LYS B 46 -38.86 -12.27 -27.12
C LYS B 46 -37.52 -11.76 -26.58
N ASN B 47 -36.56 -12.68 -26.38
CA ASN B 47 -35.20 -12.26 -26.08
C ASN B 47 -34.56 -11.70 -27.34
N TYR B 48 -33.31 -11.21 -27.22
CA TYR B 48 -32.65 -10.54 -28.33
C TYR B 48 -32.07 -11.51 -29.33
N GLY B 49 -32.04 -12.79 -29.01
CA GLY B 49 -31.54 -13.80 -29.94
C GLY B 49 -30.02 -13.79 -30.07
N GLY B 50 -29.54 -14.49 -31.10
CA GLY B 50 -28.12 -14.79 -31.23
C GLY B 50 -27.55 -15.48 -30.00
N TRP B 51 -26.41 -14.97 -29.49
CA TRP B 51 -25.81 -15.54 -28.29
C TRP B 51 -26.76 -15.38 -27.11
N GLU B 52 -27.75 -14.50 -27.24
CA GLU B 52 -28.72 -14.27 -26.20
C GLU B 52 -30.04 -15.02 -26.44
N ASN B 53 -30.14 -15.92 -27.42
CA ASN B 53 -31.22 -16.91 -27.39
C ASN B 53 -31.23 -17.67 -26.06
N GLY B 54 -32.41 -18.21 -25.73
CA GLY B 54 -32.59 -19.15 -24.64
C GLY B 54 -32.94 -20.55 -25.19
N PRO B 55 -33.36 -21.51 -24.35
CA PRO B 55 -33.64 -22.87 -24.82
C PRO B 55 -34.90 -22.94 -25.66
N ASP B 56 -35.77 -21.95 -25.54
CA ASP B 56 -37.17 -22.11 -25.90
C ASP B 56 -37.43 -21.43 -27.24
N GLU B 57 -37.86 -22.22 -28.24
CA GLU B 57 -38.12 -21.76 -29.60
C GLU B 57 -39.14 -20.64 -29.68
N SER B 58 -40.02 -20.49 -28.68
CA SER B 58 -41.01 -19.42 -28.70
C SER B 58 -40.45 -18.07 -28.25
N ARG B 59 -39.39 -18.04 -27.44
CA ARG B 59 -38.83 -16.76 -27.02
C ARG B 59 -37.68 -16.32 -27.94
N ASN B 60 -37.12 -17.26 -28.73
CA ASN B 60 -36.01 -16.92 -29.60
C ASN B 60 -36.55 -16.31 -30.90
N PRO B 61 -36.20 -15.06 -31.28
CA PRO B 61 -36.57 -14.53 -32.60
C PRO B 61 -36.32 -15.45 -33.80
N ASP B 62 -35.30 -16.31 -33.72
CA ASP B 62 -34.97 -17.21 -34.83
C ASP B 62 -35.77 -18.53 -34.76
N GLY B 63 -36.55 -18.75 -33.69
CA GLY B 63 -37.41 -19.92 -33.59
C GLY B 63 -36.64 -21.22 -33.35
N SER B 64 -35.33 -21.13 -33.04
CA SER B 64 -34.54 -22.33 -32.79
C SER B 64 -34.88 -22.88 -31.41
N SER B 65 -34.68 -24.18 -31.25
CA SER B 65 -34.80 -24.87 -29.98
C SER B 65 -33.40 -25.22 -29.48
N LYS B 66 -33.12 -24.87 -28.22
CA LYS B 66 -31.87 -25.18 -27.51
C LYS B 66 -30.65 -24.95 -28.40
N PRO B 67 -30.47 -23.77 -29.01
CA PRO B 67 -29.30 -23.55 -29.85
C PRO B 67 -28.06 -23.33 -29.00
N GLY B 68 -26.89 -23.35 -29.63
CA GLY B 68 -25.67 -22.90 -28.99
C GLY B 68 -25.85 -21.46 -28.53
N ARG B 69 -25.62 -21.20 -27.25
CA ARG B 69 -25.98 -19.90 -26.72
C ARG B 69 -25.20 -19.61 -25.45
N PHE B 70 -25.33 -18.35 -25.02
CA PHE B 70 -24.50 -17.81 -23.96
C PHE B 70 -25.33 -16.85 -23.11
N THR B 71 -26.57 -17.24 -22.87
CA THR B 71 -27.60 -16.37 -22.30
C THR B 71 -27.08 -15.61 -21.09
N GLY B 72 -27.40 -14.30 -21.04
CA GLY B 72 -26.92 -13.45 -19.97
C GLY B 72 -25.63 -12.68 -20.31
N HIS B 73 -24.75 -13.24 -21.16
CA HIS B 73 -23.43 -12.60 -21.26
C HIS B 73 -23.57 -11.15 -21.71
N PHE B 74 -24.45 -10.90 -22.69
CA PHE B 74 -24.56 -9.57 -23.29
C PHE B 74 -25.46 -8.68 -22.46
N VAL B 75 -26.49 -9.25 -21.82
CA VAL B 75 -27.23 -8.50 -20.84
C VAL B 75 -26.27 -7.93 -19.78
N GLY B 76 -25.39 -8.79 -19.24
CA GLY B 76 -24.42 -8.33 -18.26
C GLY B 76 -23.55 -7.19 -18.77
N HIS B 77 -23.02 -7.33 -19.97
CA HIS B 77 -22.24 -6.26 -20.57
C HIS B 77 -23.07 -4.98 -20.71
N TRP B 78 -24.34 -5.14 -21.10
CA TRP B 78 -25.22 -4.00 -21.27
C TRP B 78 -25.39 -3.30 -19.93
N ILE B 79 -25.51 -4.06 -18.84
CA ILE B 79 -25.64 -3.46 -17.53
C ILE B 79 -24.38 -2.67 -17.22
N SER B 80 -23.20 -3.25 -17.51
CA SER B 80 -21.94 -2.54 -17.37
C SER B 80 -21.94 -1.21 -18.13
N ALA B 81 -22.23 -1.30 -19.44
CA ALA B 81 -22.10 -0.19 -20.37
C ALA B 81 -23.17 0.86 -20.07
N ALA B 82 -24.39 0.44 -19.74
CA ALA B 82 -25.41 1.42 -19.39
C ALA B 82 -24.99 2.14 -18.11
N SER B 83 -24.34 1.42 -17.18
CA SER B 83 -23.92 2.06 -15.94
C SER B 83 -22.85 3.09 -16.24
N GLN B 84 -21.88 2.72 -17.06
CA GLN B 84 -20.75 3.57 -17.44
C GLN B 84 -21.25 4.82 -18.18
N ALA B 85 -22.16 4.61 -19.14
CA ALA B 85 -22.70 5.69 -19.94
C ALA B 85 -23.49 6.68 -19.12
N GLN B 86 -24.29 6.22 -18.14
CA GLN B 86 -25.20 7.14 -17.49
C GLN B 86 -24.43 7.91 -16.40
N ARG B 87 -23.11 7.65 -16.31
CA ARG B 87 -22.17 8.37 -15.45
C ARG B 87 -21.00 8.99 -16.25
N SER B 88 -21.00 8.85 -17.58
CA SER B 88 -19.95 9.45 -18.39
C SER B 88 -20.50 10.75 -19.00
N THR B 89 -19.79 11.31 -19.99
CA THR B 89 -20.16 12.63 -20.52
C THR B 89 -20.47 12.59 -22.02
N PHE B 90 -20.75 11.42 -22.60
CA PHE B 90 -21.09 11.35 -24.02
C PHE B 90 -22.59 11.51 -24.21
N ALA B 91 -23.35 11.10 -23.19
CA ALA B 91 -24.80 11.09 -23.25
C ALA B 91 -25.37 12.44 -22.81
N THR B 92 -26.44 12.88 -23.49
CA THR B 92 -27.16 14.08 -23.11
C THR B 92 -27.90 13.80 -21.80
N ALA B 93 -28.43 14.87 -21.18
CA ALA B 93 -29.15 14.71 -19.92
C ALA B 93 -30.35 13.78 -20.09
N ASP B 94 -31.07 13.91 -21.22
CA ASP B 94 -32.24 13.10 -21.52
C ASP B 94 -31.88 11.62 -21.74
N GLN B 95 -30.87 11.41 -22.57
CA GLN B 95 -30.31 10.10 -22.81
C GLN B 95 -29.84 9.48 -21.50
N LYS B 96 -29.24 10.26 -20.57
CA LYS B 96 -28.81 9.69 -19.30
C LYS B 96 -30.00 9.27 -18.46
N ALA B 97 -31.04 10.13 -18.39
CA ALA B 97 -32.19 9.84 -17.54
C ALA B 97 -32.89 8.56 -18.04
N GLN B 98 -33.01 8.43 -19.38
CA GLN B 98 -33.68 7.30 -20.00
C GLN B 98 -32.87 6.02 -19.80
N LEU B 99 -31.56 6.12 -20.06
CA LEU B 99 -30.68 4.97 -19.92
C LEU B 99 -30.62 4.53 -18.46
N SER B 100 -30.55 5.49 -17.54
CA SER B 100 -30.58 5.20 -16.12
C SER B 100 -31.90 4.52 -15.72
N ALA B 101 -33.02 4.93 -16.30
CA ALA B 101 -34.31 4.31 -16.00
C ALA B 101 -34.31 2.86 -16.47
N ASN B 102 -33.75 2.66 -17.65
CA ASN B 102 -33.65 1.36 -18.27
C ASN B 102 -32.70 0.47 -17.48
N LEU B 103 -31.65 1.03 -16.88
CA LEU B 103 -30.70 0.26 -16.10
C LEU B 103 -31.40 -0.23 -14.84
N THR B 104 -32.16 0.71 -14.28
CA THR B 104 -32.91 0.47 -13.05
C THR B 104 -33.86 -0.69 -13.30
N ALA B 105 -34.60 -0.63 -14.43
CA ALA B 105 -35.58 -1.66 -14.77
C ALA B 105 -34.90 -3.01 -14.89
N VAL B 106 -33.72 -3.03 -15.53
CA VAL B 106 -33.03 -4.30 -15.74
C VAL B 106 -32.46 -4.84 -14.43
N VAL B 107 -31.86 -3.99 -13.57
CA VAL B 107 -31.30 -4.44 -12.30
C VAL B 107 -32.41 -4.96 -11.38
N LYS B 108 -33.48 -4.19 -11.22
CA LYS B 108 -34.57 -4.64 -10.38
C LYS B 108 -35.17 -5.93 -10.95
N GLY B 109 -35.31 -6.00 -12.28
CA GLY B 109 -35.88 -7.15 -12.94
C GLY B 109 -35.06 -8.42 -12.68
N ILE B 110 -33.72 -8.33 -12.78
CA ILE B 110 -32.86 -9.46 -12.44
C ILE B 110 -32.96 -9.77 -10.94
N ARG B 111 -32.94 -8.74 -10.09
CA ARG B 111 -33.07 -9.00 -8.66
C ARG B 111 -34.39 -9.71 -8.40
N GLU B 112 -35.47 -9.23 -9.03
CA GLU B 112 -36.77 -9.86 -8.89
C GLU B 112 -36.67 -11.34 -9.29
N ALA B 113 -36.06 -11.60 -10.46
CA ALA B 113 -35.93 -12.96 -10.97
C ALA B 113 -35.04 -13.79 -10.04
N GLN B 114 -34.03 -13.15 -9.44
CA GLN B 114 -33.12 -13.82 -8.52
C GLN B 114 -33.85 -14.27 -7.25
N GLU B 115 -34.70 -13.38 -6.71
CA GLU B 115 -35.51 -13.66 -5.52
C GLU B 115 -36.60 -14.68 -5.81
N ALA B 116 -37.28 -14.58 -6.97
CA ALA B 116 -38.28 -15.57 -7.35
C ALA B 116 -37.62 -16.93 -7.56
N TYR B 117 -36.43 -16.93 -8.18
CA TYR B 117 -35.75 -18.18 -8.45
C TYR B 117 -35.35 -18.87 -7.14
N ALA B 118 -35.03 -18.08 -6.12
CA ALA B 118 -34.54 -18.58 -4.84
C ALA B 118 -35.62 -19.34 -4.09
N LYS B 119 -36.88 -18.96 -4.32
CA LYS B 119 -38.02 -19.66 -3.77
C LYS B 119 -38.27 -20.96 -4.54
N LYS B 120 -38.06 -20.96 -5.86
CA LYS B 120 -38.42 -22.10 -6.70
C LYS B 120 -37.32 -23.17 -6.66
N ASP B 121 -36.12 -22.82 -6.18
CA ASP B 121 -35.00 -23.75 -6.17
C ASP B 121 -34.07 -23.29 -5.06
N THR B 122 -34.45 -23.59 -3.82
CA THR B 122 -33.90 -22.94 -2.64
C THR B 122 -32.44 -23.33 -2.45
N ALA B 123 -32.07 -24.49 -3.00
CA ALA B 123 -30.70 -24.98 -3.00
C ALA B 123 -29.79 -23.96 -3.70
N ASN B 124 -30.29 -23.33 -4.76
CA ASN B 124 -29.50 -22.44 -5.60
C ASN B 124 -29.95 -20.99 -5.43
N ALA B 125 -30.33 -20.60 -4.21
CA ALA B 125 -30.74 -19.24 -3.88
C ALA B 125 -29.55 -18.33 -4.13
N GLY B 126 -29.77 -17.23 -4.86
CA GLY B 126 -28.69 -16.31 -5.19
C GLY B 126 -28.23 -16.44 -6.64
N PHE B 127 -28.48 -17.61 -7.24
CA PHE B 127 -28.17 -17.82 -8.64
C PHE B 127 -28.91 -16.78 -9.47
N PHE B 128 -28.23 -16.24 -10.49
CA PHE B 128 -28.87 -15.40 -11.47
C PHE B 128 -29.46 -16.30 -12.53
N PRO B 129 -30.81 -16.32 -12.72
CA PRO B 129 -31.42 -17.34 -13.57
C PRO B 129 -31.43 -17.06 -15.07
N ALA B 130 -30.23 -16.96 -15.65
CA ALA B 130 -30.11 -16.68 -17.07
C ALA B 130 -30.38 -17.98 -17.84
N PHE B 131 -30.33 -19.11 -17.15
CA PHE B 131 -30.35 -20.42 -17.77
C PHE B 131 -30.41 -21.44 -16.64
N SER B 132 -30.41 -22.73 -16.97
CA SER B 132 -30.58 -23.77 -15.97
C SER B 132 -29.32 -23.89 -15.11
N ALA B 133 -29.50 -23.84 -13.81
CA ALA B 133 -28.44 -24.09 -12.84
C ALA B 133 -27.80 -25.47 -13.00
N SER B 134 -28.49 -26.42 -13.65
CA SER B 134 -27.99 -27.78 -13.69
C SER B 134 -26.85 -27.90 -14.69
N VAL B 135 -26.62 -26.88 -15.52
CA VAL B 135 -25.58 -26.99 -16.52
C VAL B 135 -24.32 -26.32 -15.99
N VAL B 136 -24.37 -25.88 -14.74
CA VAL B 136 -23.18 -25.32 -14.12
C VAL B 136 -22.33 -26.51 -13.67
N PRO B 137 -20.99 -26.54 -13.91
CA PRO B 137 -20.26 -25.44 -14.54
C PRO B 137 -19.76 -25.63 -15.97
N ASN B 138 -20.05 -26.76 -16.60
CA ASN B 138 -19.39 -27.07 -17.86
C ASN B 138 -20.31 -26.79 -19.04
N GLY B 139 -21.57 -26.45 -18.76
CA GLY B 139 -22.49 -26.18 -19.84
C GLY B 139 -23.23 -27.43 -20.26
N GLY B 140 -24.27 -27.26 -21.09
CA GLY B 140 -25.19 -28.33 -21.44
C GLY B 140 -26.44 -27.82 -22.13
N GLY B 141 -27.09 -28.70 -22.90
CA GLY B 141 -28.35 -28.35 -23.56
C GLY B 141 -28.20 -27.12 -24.46
N GLY B 142 -27.00 -26.88 -24.96
CA GLY B 142 -26.73 -25.74 -25.83
C GLY B 142 -26.20 -24.54 -25.06
N LEU B 143 -26.42 -24.47 -23.74
CA LEU B 143 -25.84 -23.42 -22.93
C LEU B 143 -24.34 -23.67 -22.75
N ILE B 144 -23.55 -22.74 -23.27
CA ILE B 144 -22.10 -22.78 -23.24
C ILE B 144 -21.55 -21.83 -22.17
N VAL B 145 -20.42 -22.23 -21.56
CA VAL B 145 -19.63 -21.45 -20.60
C VAL B 145 -20.49 -20.71 -19.58
N PRO B 146 -21.29 -21.44 -18.77
CA PRO B 146 -22.17 -20.83 -17.79
C PRO B 146 -21.54 -19.75 -16.90
N PHE B 147 -20.41 -20.03 -16.26
CA PHE B 147 -19.82 -19.06 -15.35
C PHE B 147 -19.33 -17.83 -16.13
N TYR B 148 -18.89 -17.97 -17.38
CA TYR B 148 -18.51 -16.82 -18.18
C TYR B 148 -19.70 -15.87 -18.34
N ASN B 149 -20.85 -16.45 -18.65
CA ASN B 149 -22.09 -15.70 -18.82
C ASN B 149 -22.47 -15.03 -17.50
N LEU B 150 -22.43 -15.76 -16.39
CA LEU B 150 -22.85 -15.20 -15.11
C LEU B 150 -21.86 -14.12 -14.66
N HIS B 151 -20.58 -14.29 -15.02
CA HIS B 151 -19.56 -13.31 -14.72
C HIS B 151 -19.97 -11.92 -15.24
N LYS B 152 -20.48 -11.87 -16.47
CA LYS B 152 -20.89 -10.62 -17.05
C LYS B 152 -21.98 -9.95 -16.21
N VAL B 153 -22.91 -10.75 -15.65
CA VAL B 153 -24.02 -10.19 -14.89
C VAL B 153 -23.53 -9.67 -13.54
N GLU B 154 -22.65 -10.44 -12.91
CA GLU B 154 -22.03 -10.10 -11.65
C GLU B 154 -21.24 -8.81 -11.80
N ALA B 155 -20.42 -8.72 -12.87
CA ALA B 155 -19.57 -7.55 -13.09
C ALA B 155 -20.46 -6.35 -13.37
N GLY B 156 -21.56 -6.63 -14.09
CA GLY B 156 -22.57 -5.63 -14.37
C GLY B 156 -23.14 -5.03 -13.09
N MET B 157 -23.55 -5.89 -12.14
CA MET B 157 -24.15 -5.45 -10.90
C MET B 157 -23.17 -4.53 -10.16
N VAL B 158 -21.86 -4.80 -10.26
CA VAL B 158 -20.88 -3.95 -9.60
C VAL B 158 -20.84 -2.57 -10.26
N GLN B 159 -20.78 -2.53 -11.59
CA GLN B 159 -20.81 -1.27 -12.31
C GLN B 159 -22.04 -0.44 -11.94
N ALA B 160 -23.18 -1.11 -11.80
CA ALA B 160 -24.42 -0.44 -11.44
C ALA B 160 -24.29 0.17 -10.04
N TYR B 161 -23.71 -0.61 -9.12
CA TYR B 161 -23.50 -0.11 -7.77
C TYR B 161 -22.59 1.12 -7.80
N ASP B 162 -21.51 1.02 -8.59
CA ASP B 162 -20.52 2.08 -8.70
C ASP B 162 -21.12 3.37 -9.27
N TYR B 163 -21.98 3.25 -10.29
CA TYR B 163 -22.26 4.39 -11.14
C TYR B 163 -23.74 4.74 -11.25
N SER B 164 -24.68 3.89 -10.82
CA SER B 164 -26.08 4.31 -10.93
C SER B 164 -26.29 5.54 -10.07
N THR B 165 -27.08 6.51 -10.58
CA THR B 165 -27.45 7.70 -9.85
C THR B 165 -28.71 7.49 -9.02
N ASP B 166 -29.30 6.29 -9.08
CA ASP B 166 -30.42 5.91 -8.24
C ASP B 166 -29.90 5.05 -7.09
N ALA B 167 -30.24 5.43 -5.85
CA ALA B 167 -29.69 4.77 -4.67
C ALA B 167 -30.34 3.40 -4.49
N GLU B 168 -31.63 3.30 -4.79
CA GLU B 168 -32.30 1.99 -4.75
C GLU B 168 -31.64 1.02 -5.72
N THR B 169 -31.34 1.51 -6.93
CA THR B 169 -30.66 0.70 -7.94
C THR B 169 -29.30 0.25 -7.40
N ARG B 170 -28.51 1.18 -6.86
CA ARG B 170 -27.19 0.84 -6.32
C ARG B 170 -27.31 -0.27 -5.28
N GLU B 171 -28.28 -0.13 -4.37
CA GLU B 171 -28.41 -1.07 -3.28
C GLU B 171 -28.94 -2.41 -3.77
N THR B 172 -29.83 -2.39 -4.77
CA THR B 172 -30.37 -3.61 -5.35
C THR B 172 -29.26 -4.43 -5.99
N ALA B 173 -28.41 -3.75 -6.76
CA ALA B 173 -27.25 -4.32 -7.44
C ALA B 173 -26.26 -4.96 -6.44
N LYS B 174 -25.91 -4.22 -5.40
CA LYS B 174 -25.03 -4.74 -4.36
C LYS B 174 -25.63 -6.01 -3.76
N ALA B 175 -26.92 -5.97 -3.42
CA ALA B 175 -27.58 -7.13 -2.83
C ALA B 175 -27.54 -8.31 -3.80
N ALA B 176 -27.82 -8.05 -5.07
CA ALA B 176 -27.88 -9.08 -6.07
C ALA B 176 -26.51 -9.74 -6.19
N ALA B 177 -25.49 -8.87 -6.29
CA ALA B 177 -24.11 -9.29 -6.46
C ALA B 177 -23.63 -10.12 -5.27
N VAL B 178 -23.96 -9.69 -4.06
CA VAL B 178 -23.47 -10.35 -2.85
C VAL B 178 -24.18 -11.70 -2.75
N ASP B 179 -25.49 -11.72 -3.00
CA ASP B 179 -26.26 -12.95 -2.94
C ASP B 179 -25.77 -13.93 -4.01
N PHE B 180 -25.34 -13.44 -5.17
CA PHE B 180 -24.73 -14.31 -6.18
C PHE B 180 -23.44 -14.94 -5.63
N ALA B 181 -22.64 -14.12 -4.93
CA ALA B 181 -21.40 -14.60 -4.32
C ALA B 181 -21.70 -15.67 -3.27
N LYS B 182 -22.72 -15.45 -2.42
CA LYS B 182 -23.11 -16.46 -1.45
C LYS B 182 -23.52 -17.75 -2.17
N TRP B 183 -24.20 -17.62 -3.30
CA TRP B 183 -24.64 -18.75 -4.07
C TRP B 183 -23.43 -19.56 -4.56
N VAL B 184 -22.39 -18.87 -5.02
CA VAL B 184 -21.20 -19.55 -5.51
C VAL B 184 -20.66 -20.45 -4.39
N VAL B 185 -20.58 -19.91 -3.18
CA VAL B 185 -20.03 -20.65 -2.05
C VAL B 185 -20.91 -21.86 -1.75
N ASN B 186 -22.24 -21.65 -1.70
CA ASN B 186 -23.19 -22.70 -1.38
C ASN B 186 -23.11 -23.81 -2.42
N TRP B 187 -23.14 -23.43 -3.70
CA TRP B 187 -23.09 -24.38 -4.80
C TRP B 187 -21.83 -25.22 -4.71
N LYS B 188 -20.69 -24.57 -4.46
CA LYS B 188 -19.44 -25.29 -4.35
C LYS B 188 -19.46 -26.20 -3.11
N SER B 189 -20.00 -25.70 -2.00
CA SER B 189 -20.14 -26.53 -0.79
C SER B 189 -20.91 -27.80 -1.12
N ALA B 190 -21.95 -27.69 -1.96
CA ALA B 190 -22.83 -28.79 -2.30
C ALA B 190 -22.30 -29.59 -3.48
N HIS B 191 -21.23 -29.10 -4.13
CA HIS B 191 -20.58 -29.82 -5.21
C HIS B 191 -19.07 -29.75 -5.01
N ALA B 192 -18.64 -30.15 -3.82
CA ALA B 192 -17.29 -29.94 -3.35
C ALA B 192 -16.28 -30.53 -4.33
N SER B 193 -16.63 -31.64 -4.97
CA SER B 193 -15.68 -32.36 -5.78
C SER B 193 -15.75 -31.93 -7.24
N THR B 194 -16.61 -30.95 -7.59
CA THR B 194 -16.69 -30.55 -8.99
C THR B 194 -15.67 -29.46 -9.28
N ASP B 195 -14.87 -29.65 -10.33
CA ASP B 195 -13.91 -28.66 -10.76
C ASP B 195 -14.63 -27.51 -11.48
N MET B 196 -14.33 -26.30 -11.04
CA MET B 196 -15.06 -25.13 -11.50
C MET B 196 -14.30 -24.34 -12.56
N LEU B 197 -13.02 -24.67 -12.81
CA LEU B 197 -12.13 -23.78 -13.54
C LEU B 197 -11.77 -24.33 -14.92
N ARG B 198 -12.31 -25.51 -15.27
CA ARG B 198 -11.92 -26.16 -16.50
C ARG B 198 -12.60 -25.48 -17.68
N THR B 199 -13.83 -25.03 -17.47
CA THR B 199 -14.55 -24.34 -18.53
C THR B 199 -14.38 -22.84 -18.30
N GLU B 200 -14.28 -22.08 -19.39
CA GLU B 200 -14.05 -20.64 -19.30
C GLU B 200 -15.08 -20.06 -18.33
N TYR B 201 -14.60 -19.26 -17.38
CA TYR B 201 -15.44 -18.63 -16.35
C TYR B 201 -15.28 -17.12 -16.41
N GLY B 202 -14.67 -16.62 -17.51
CA GLY B 202 -14.49 -15.20 -17.63
C GLY B 202 -13.61 -14.64 -16.51
N GLY B 203 -13.87 -13.40 -16.11
CA GLY B 203 -13.09 -12.83 -15.03
C GLY B 203 -13.85 -12.92 -13.73
N MET B 204 -14.42 -14.12 -13.47
CA MET B 204 -15.24 -14.30 -12.29
C MET B 204 -14.50 -13.93 -11.00
N ASN B 205 -13.19 -14.23 -10.92
CA ASN B 205 -12.43 -13.90 -9.71
C ASN B 205 -12.40 -12.38 -9.54
N ASP B 206 -12.04 -11.68 -10.62
CA ASP B 206 -12.04 -10.24 -10.65
C ASP B 206 -13.37 -9.73 -10.09
N ALA B 207 -14.49 -10.17 -10.68
CA ALA B 207 -15.77 -9.56 -10.34
C ALA B 207 -16.11 -9.81 -8.87
N LEU B 208 -15.83 -11.03 -8.38
CA LEU B 208 -16.15 -11.39 -7.01
C LEU B 208 -15.28 -10.60 -6.02
N TYR B 209 -14.00 -10.35 -6.36
CA TYR B 209 -13.16 -9.49 -5.54
C TYR B 209 -13.73 -8.06 -5.55
N GLN B 210 -14.22 -7.61 -6.70
CA GLN B 210 -14.84 -6.29 -6.76
C GLN B 210 -16.07 -6.27 -5.83
N VAL B 211 -16.87 -7.33 -5.87
CA VAL B 211 -18.00 -7.47 -4.97
C VAL B 211 -17.54 -7.51 -3.50
N ALA B 212 -16.41 -8.15 -3.20
CA ALA B 212 -15.91 -8.13 -1.83
C ALA B 212 -15.62 -6.70 -1.37
N GLU B 213 -15.16 -5.86 -2.30
CA GLU B 213 -14.80 -4.48 -2.00
C GLU B 213 -16.04 -3.67 -1.60
N ILE B 214 -17.18 -3.91 -2.25
CA ILE B 214 -18.35 -3.08 -2.02
C ILE B 214 -19.24 -3.67 -0.94
N ALA B 215 -18.98 -4.91 -0.49
CA ALA B 215 -19.87 -5.65 0.39
C ALA B 215 -19.79 -5.10 1.82
N ASP B 216 -20.89 -5.24 2.57
CA ASP B 216 -20.88 -4.96 4.00
C ASP B 216 -19.84 -5.83 4.66
N ALA B 217 -19.25 -5.30 5.74
CA ALA B 217 -18.14 -5.94 6.44
C ALA B 217 -18.45 -7.40 6.75
N SER B 218 -19.65 -7.67 7.28
CA SER B 218 -20.01 -9.00 7.73
C SER B 218 -20.13 -9.99 6.57
N ASP B 219 -20.15 -9.49 5.33
CA ASP B 219 -20.26 -10.36 4.17
C ASP B 219 -18.92 -10.54 3.45
N LYS B 220 -17.92 -9.69 3.74
CA LYS B 220 -16.71 -9.64 2.92
C LYS B 220 -15.99 -10.99 2.88
N GLN B 221 -15.89 -11.71 4.00
CA GLN B 221 -15.13 -12.95 4.01
C GLN B 221 -15.84 -14.00 3.15
N THR B 222 -17.18 -14.04 3.18
CA THR B 222 -17.94 -14.98 2.37
C THR B 222 -17.69 -14.70 0.88
N VAL B 223 -17.72 -13.42 0.53
CA VAL B 223 -17.50 -13.05 -0.85
C VAL B 223 -16.06 -13.38 -1.24
N LEU B 224 -15.09 -13.14 -0.35
CA LEU B 224 -13.69 -13.41 -0.67
C LEU B 224 -13.47 -14.91 -0.91
N THR B 225 -14.22 -15.75 -0.18
CA THR B 225 -14.20 -17.20 -0.38
C THR B 225 -14.62 -17.51 -1.81
N ALA B 226 -15.74 -16.91 -2.26
CA ALA B 226 -16.22 -17.10 -3.61
C ALA B 226 -15.18 -16.68 -4.63
N ALA B 227 -14.60 -15.47 -4.44
CA ALA B 227 -13.64 -14.94 -5.39
C ALA B 227 -12.46 -15.89 -5.50
N HIS B 228 -11.98 -16.39 -4.35
CA HIS B 228 -10.72 -17.12 -4.39
C HIS B 228 -10.94 -18.50 -5.02
N LEU B 229 -12.18 -18.97 -5.05
CA LEU B 229 -12.46 -20.23 -5.70
C LEU B 229 -12.19 -20.12 -7.20
N PHE B 230 -12.23 -18.88 -7.74
CA PHE B 230 -11.98 -18.67 -9.15
C PHE B 230 -10.56 -18.19 -9.40
N ASP B 231 -9.69 -18.38 -8.40
CA ASP B 231 -8.28 -18.05 -8.56
C ASP B 231 -7.55 -19.28 -9.04
N GLU B 232 -7.09 -19.23 -10.29
CA GLU B 232 -6.47 -20.40 -10.88
C GLU B 232 -5.00 -20.40 -10.52
N THR B 233 -4.67 -20.78 -9.29
CA THR B 233 -3.32 -20.60 -8.77
C THR B 233 -2.28 -21.42 -9.53
N ALA B 234 -2.64 -22.49 -10.24
CA ALA B 234 -1.64 -23.27 -10.97
C ALA B 234 -1.08 -22.45 -12.12
N LEU B 235 -1.97 -21.72 -12.80
CA LEU B 235 -1.55 -20.84 -13.88
C LEU B 235 -0.74 -19.69 -13.31
N PHE B 236 -1.21 -19.07 -12.24
CA PHE B 236 -0.52 -17.92 -11.68
C PHE B 236 0.88 -18.35 -11.26
N GLN B 237 1.00 -19.57 -10.74
CA GLN B 237 2.29 -19.98 -10.16
C GLN B 237 3.34 -20.07 -11.28
N LYS B 238 2.96 -20.67 -12.40
CA LYS B 238 3.82 -20.77 -13.58
C LYS B 238 4.28 -19.41 -14.08
N LEU B 239 3.32 -18.49 -14.24
CA LEU B 239 3.62 -17.13 -14.67
C LEU B 239 4.48 -16.43 -13.63
N ALA B 240 4.16 -16.62 -12.34
CA ALA B 240 4.94 -15.96 -11.30
C ALA B 240 6.39 -16.44 -11.36
N ASN B 241 6.60 -17.72 -11.71
CA ASN B 241 7.92 -18.30 -11.76
C ASN B 241 8.62 -17.86 -13.04
N GLY B 242 7.89 -17.19 -13.93
CA GLY B 242 8.47 -16.62 -15.14
C GLY B 242 8.41 -17.56 -16.34
N GLN B 243 7.58 -18.61 -16.27
CA GLN B 243 7.36 -19.47 -17.42
C GLN B 243 6.29 -18.83 -18.32
N ASP B 244 6.37 -19.16 -19.61
CA ASP B 244 5.34 -18.87 -20.60
C ASP B 244 4.57 -20.15 -20.94
N PRO B 245 3.40 -20.41 -20.31
CA PRO B 245 2.59 -21.58 -20.62
C PRO B 245 1.45 -21.29 -21.58
N LEU B 246 1.55 -20.23 -22.37
CA LEU B 246 0.36 -19.70 -23.05
C LEU B 246 0.01 -20.50 -24.31
N ASN B 247 1.00 -21.19 -24.88
CA ASN B 247 0.75 -21.87 -26.14
C ASN B 247 -0.42 -22.84 -25.97
N GLY B 248 -1.44 -22.65 -26.81
CA GLY B 248 -2.60 -23.50 -26.85
C GLY B 248 -3.69 -23.09 -25.87
N LEU B 249 -3.42 -22.08 -25.03
CA LEU B 249 -4.44 -21.57 -24.13
C LEU B 249 -5.38 -20.64 -24.91
N HIS B 250 -6.67 -20.66 -24.57
CA HIS B 250 -7.62 -19.68 -25.09
C HIS B 250 -7.31 -18.32 -24.47
N ALA B 251 -7.12 -17.33 -25.33
CA ALA B 251 -6.50 -16.07 -24.90
C ALA B 251 -7.48 -15.26 -24.05
N ASN B 252 -8.70 -15.05 -24.54
CA ASN B 252 -9.65 -14.22 -23.80
C ASN B 252 -10.13 -14.95 -22.54
N THR B 253 -10.04 -16.29 -22.54
CA THR B 253 -10.26 -17.05 -21.32
C THR B 253 -9.22 -16.64 -20.28
N THR B 254 -7.97 -16.44 -20.72
CA THR B 254 -6.86 -16.38 -19.80
C THR B 254 -6.65 -14.97 -19.23
N ILE B 255 -6.63 -13.97 -20.11
CA ILE B 255 -6.28 -12.61 -19.73
C ILE B 255 -7.08 -12.13 -18.51
N PRO B 256 -8.43 -12.19 -18.49
CA PRO B 256 -9.16 -11.70 -17.32
C PRO B 256 -8.85 -12.37 -16.00
N LYS B 257 -8.28 -13.59 -16.04
CA LYS B 257 -7.90 -14.28 -14.81
C LYS B 257 -6.84 -13.48 -14.07
N LEU B 258 -5.92 -12.86 -14.85
CA LEU B 258 -4.81 -12.09 -14.28
C LEU B 258 -5.27 -10.74 -13.78
N THR B 259 -6.26 -10.13 -14.45
CA THR B 259 -6.94 -8.98 -13.88
C THR B 259 -7.53 -9.35 -12.53
N GLY B 260 -8.07 -10.57 -12.41
CA GLY B 260 -8.61 -11.04 -11.15
C GLY B 260 -7.54 -11.18 -10.06
N ALA B 261 -6.34 -11.62 -10.45
CA ALA B 261 -5.21 -11.71 -9.54
C ALA B 261 -4.87 -10.32 -8.98
N MET B 262 -4.93 -9.30 -9.85
CA MET B 262 -4.72 -7.92 -9.45
C MET B 262 -5.87 -7.43 -8.56
N GLN B 263 -7.12 -7.82 -8.87
CA GLN B 263 -8.21 -7.41 -7.99
C GLN B 263 -8.01 -8.03 -6.61
N ARG B 264 -7.49 -9.26 -6.54
CA ARG B 264 -7.19 -9.85 -5.24
C ARG B 264 -6.20 -8.97 -4.49
N TYR B 265 -5.15 -8.55 -5.20
CA TYR B 265 -4.11 -7.69 -4.67
C TYR B 265 -4.72 -6.41 -4.12
N VAL B 266 -5.54 -5.72 -4.92
CA VAL B 266 -6.13 -4.43 -4.55
C VAL B 266 -7.12 -4.61 -3.39
N ALA B 267 -7.95 -5.63 -3.47
CA ALA B 267 -9.01 -5.84 -2.50
C ALA B 267 -8.41 -5.89 -1.09
N TYR B 268 -7.32 -6.66 -0.94
CA TYR B 268 -6.68 -6.87 0.35
C TYR B 268 -5.80 -5.69 0.77
N THR B 269 -5.07 -5.07 -0.17
CA THR B 269 -4.13 -4.03 0.23
C THR B 269 -4.85 -2.72 0.53
N GLU B 270 -6.10 -2.54 0.10
CA GLU B 270 -6.77 -1.27 0.28
C GLU B 270 -7.69 -1.30 1.50
N ASP B 271 -7.86 -2.46 2.14
CA ASP B 271 -8.73 -2.57 3.30
C ASP B 271 -7.93 -3.27 4.39
N GLU B 272 -7.60 -2.50 5.43
CA GLU B 272 -6.74 -3.00 6.50
C GLU B 272 -7.38 -4.20 7.18
N ASP B 273 -8.71 -4.26 7.30
CA ASP B 273 -9.33 -5.40 7.97
C ASP B 273 -9.14 -6.65 7.12
N LEU B 274 -9.26 -6.53 5.79
CA LEU B 274 -9.05 -7.67 4.92
C LEU B 274 -7.58 -8.06 4.94
N TYR B 275 -6.67 -7.08 4.77
CA TYR B 275 -5.24 -7.36 4.80
C TYR B 275 -4.88 -8.12 6.07
N ASN B 276 -5.44 -7.69 7.21
CA ASN B 276 -5.08 -8.23 8.51
C ASN B 276 -5.74 -9.60 8.70
N SER B 277 -6.68 -9.95 7.83
CA SER B 277 -7.33 -11.24 7.89
C SER B 277 -6.41 -12.34 7.37
N LEU B 278 -5.42 -11.98 6.55
CA LEU B 278 -4.60 -12.95 5.85
C LEU B 278 -3.52 -13.48 6.80
N SER B 279 -3.17 -14.75 6.64
CA SER B 279 -1.93 -15.26 7.19
C SER B 279 -0.73 -14.52 6.57
N ALA B 280 0.41 -14.51 7.30
CA ALA B 280 1.63 -13.89 6.81
C ALA B 280 2.03 -14.46 5.44
N ASP B 281 1.90 -15.78 5.25
CA ASP B 281 2.24 -16.39 3.98
C ASP B 281 1.43 -15.76 2.84
N GLU B 282 0.10 -15.65 3.02
CA GLU B 282 -0.76 -15.18 1.96
C GLU B 282 -0.56 -13.66 1.80
N ARG B 283 -0.23 -12.95 2.89
CA ARG B 283 0.12 -11.54 2.71
C ARG B 283 1.28 -11.43 1.72
N GLY B 284 2.31 -12.28 1.85
CA GLY B 284 3.45 -12.26 0.93
C GLY B 284 3.08 -12.63 -0.49
N LYS B 285 2.21 -13.65 -0.61
CA LYS B 285 1.81 -14.14 -1.91
C LYS B 285 0.96 -13.10 -2.65
N LEU B 286 0.40 -12.10 -1.98
CA LEU B 286 -0.21 -10.99 -2.72
C LEU B 286 0.79 -10.45 -3.75
N THR B 287 2.09 -10.31 -3.35
CA THR B 287 3.17 -9.82 -4.19
C THR B 287 3.84 -10.95 -4.94
N SER B 288 4.30 -11.99 -4.25
CA SER B 288 5.13 -13.03 -4.85
C SER B 288 4.34 -13.91 -5.84
N LEU B 289 3.02 -14.08 -5.65
CA LEU B 289 2.25 -14.93 -6.56
C LEU B 289 1.32 -14.10 -7.45
N TYR B 290 0.39 -13.33 -6.87
CA TYR B 290 -0.67 -12.68 -7.64
C TYR B 290 -0.17 -11.50 -8.48
N LEU B 291 0.48 -10.51 -7.84
CA LEU B 291 1.01 -9.36 -8.55
C LEU B 291 2.03 -9.84 -9.56
N LYS B 292 2.91 -10.75 -9.15
CA LYS B 292 3.99 -11.18 -10.02
C LYS B 292 3.42 -11.96 -11.21
N ALA B 293 2.40 -12.78 -11.00
CA ALA B 293 1.84 -13.54 -12.10
C ALA B 293 1.31 -12.56 -13.15
N ALA B 294 0.64 -11.52 -12.70
CA ALA B 294 0.07 -10.51 -13.58
C ALA B 294 1.16 -9.75 -14.32
N GLN B 295 2.19 -9.33 -13.58
CA GLN B 295 3.31 -8.58 -14.14
C GLN B 295 3.98 -9.38 -15.24
N ASN B 296 4.28 -10.65 -14.94
CA ASN B 296 4.99 -11.47 -15.90
C ASN B 296 4.08 -11.82 -17.07
N PHE B 297 2.81 -12.07 -16.79
CA PHE B 297 1.90 -12.39 -17.88
C PHE B 297 1.86 -11.25 -18.90
N PHE B 298 1.69 -10.01 -18.39
CA PHE B 298 1.66 -8.82 -19.23
C PHE B 298 2.91 -8.79 -20.13
N ASP B 299 4.08 -8.95 -19.50
CA ASP B 299 5.35 -8.80 -20.18
C ASP B 299 5.50 -9.85 -21.26
N ILE B 300 5.14 -11.10 -20.95
CA ILE B 300 5.26 -12.21 -21.88
C ILE B 300 4.30 -12.03 -23.04
N VAL B 301 3.08 -11.55 -22.76
CA VAL B 301 2.09 -11.40 -23.83
C VAL B 301 2.59 -10.32 -24.78
N VAL B 302 3.07 -9.20 -24.23
CA VAL B 302 3.42 -8.05 -25.06
C VAL B 302 4.68 -8.38 -25.85
N LYS B 303 5.66 -9.05 -25.24
CA LYS B 303 6.93 -9.29 -25.91
C LYS B 303 6.79 -10.38 -26.96
N ASP B 304 5.99 -11.43 -26.69
CA ASP B 304 6.11 -12.67 -27.47
C ASP B 304 4.80 -13.11 -28.12
N HIS B 305 3.68 -12.37 -27.90
CA HIS B 305 2.40 -12.86 -28.38
C HIS B 305 1.49 -11.75 -28.92
N THR B 306 2.03 -10.56 -29.16
CA THR B 306 1.24 -9.40 -29.49
C THR B 306 1.62 -8.88 -30.88
N TYR B 307 0.60 -8.55 -31.68
CA TYR B 307 0.75 -7.92 -32.98
C TYR B 307 0.94 -6.41 -32.79
N VAL B 308 1.28 -5.75 -33.89
CA VAL B 308 1.68 -4.35 -33.89
C VAL B 308 0.58 -3.42 -33.38
N ASN B 309 -0.70 -3.85 -33.41
CA ASN B 309 -1.76 -2.99 -32.92
C ASN B 309 -2.03 -3.20 -31.44
N GLY B 310 -1.21 -3.98 -30.72
CA GLY B 310 -1.43 -4.20 -29.29
C GLY B 310 -2.22 -5.47 -29.00
N GLY B 311 -2.78 -6.09 -30.06
CA GLY B 311 -3.64 -7.25 -29.92
C GLY B 311 -2.91 -8.59 -29.98
N ASN B 312 -3.62 -9.63 -29.56
CA ASN B 312 -3.07 -10.97 -29.48
C ASN B 312 -4.08 -12.00 -30.00
N SER B 313 -3.57 -13.22 -30.21
CA SER B 313 -4.31 -14.45 -30.43
C SER B 313 -4.60 -14.69 -31.90
N GLN B 314 -4.63 -15.98 -32.27
CA GLN B 314 -5.21 -16.42 -33.53
C GLN B 314 -6.10 -17.64 -33.24
N SER B 315 -7.27 -17.67 -33.92
CA SER B 315 -8.29 -18.69 -33.68
C SER B 315 -8.64 -18.72 -32.18
N GLU B 316 -8.67 -17.51 -31.57
CA GLU B 316 -8.99 -17.27 -30.16
C GLU B 316 -7.93 -17.80 -29.20
N HIS B 317 -6.78 -18.28 -29.69
CA HIS B 317 -5.77 -18.90 -28.84
C HIS B 317 -4.42 -18.19 -28.94
N PHE B 318 -3.66 -18.27 -27.85
CA PHE B 318 -2.22 -18.05 -27.89
C PHE B 318 -1.54 -19.25 -28.57
N HIS B 319 -0.43 -18.99 -29.27
CA HIS B 319 0.34 -20.03 -29.92
C HIS B 319 1.79 -19.91 -29.47
N VAL B 320 2.74 -20.33 -30.34
CA VAL B 320 4.14 -20.33 -29.93
C VAL B 320 4.67 -18.91 -29.80
N ALA B 321 5.44 -18.68 -28.74
CA ALA B 321 6.10 -17.40 -28.51
C ALA B 321 6.83 -16.95 -29.78
N GLY B 322 6.51 -15.74 -30.27
CA GLY B 322 7.25 -15.15 -31.37
C GLY B 322 6.75 -15.54 -32.77
N GLU B 323 5.83 -16.49 -32.88
CA GLU B 323 5.40 -16.97 -34.20
C GLU B 323 4.18 -16.22 -34.72
N LEU B 324 4.25 -14.91 -34.67
CA LEU B 324 3.10 -14.08 -35.01
C LEU B 324 2.81 -14.13 -36.50
N TRP B 325 3.84 -14.05 -37.36
CA TRP B 325 3.64 -14.12 -38.79
C TRP B 325 3.00 -15.45 -39.19
N LYS B 326 3.51 -16.54 -38.62
CA LYS B 326 3.04 -17.87 -38.92
C LYS B 326 1.55 -17.99 -38.56
N ASP B 327 1.17 -17.57 -37.35
CA ASP B 327 -0.23 -17.72 -36.92
C ASP B 327 -1.14 -16.95 -37.87
N ALA B 328 -0.68 -15.79 -38.35
CA ALA B 328 -1.52 -14.87 -39.08
C ALA B 328 -1.64 -15.21 -40.56
N THR B 329 -0.72 -16.08 -41.08
CA THR B 329 -0.62 -16.28 -42.52
C THR B 329 -0.66 -17.74 -42.97
N GLN B 330 -0.36 -18.72 -42.10
CA GLN B 330 -0.19 -20.10 -42.52
C GLN B 330 -1.36 -20.98 -42.07
N ASN B 331 -2.56 -20.38 -42.00
CA ASN B 331 -3.72 -21.07 -41.45
C ASN B 331 -4.90 -20.93 -42.40
N GLY B 332 -4.67 -20.49 -43.64
CA GLY B 332 -5.69 -20.54 -44.67
C GLY B 332 -6.42 -19.20 -44.83
N ASP B 333 -6.84 -18.92 -46.08
CA ASP B 333 -7.67 -17.77 -46.39
C ASP B 333 -9.01 -18.20 -46.99
N GLN B 334 -9.37 -19.48 -46.86
CA GLN B 334 -10.68 -19.96 -47.31
C GLN B 334 -11.77 -19.24 -46.49
N ASN B 335 -12.97 -19.13 -47.07
CA ASN B 335 -14.13 -18.53 -46.42
C ASN B 335 -14.64 -19.40 -45.26
N GLY B 336 -14.99 -18.77 -44.14
CA GLY B 336 -15.71 -19.46 -43.07
C GLY B 336 -14.76 -20.12 -42.08
N GLY B 337 -15.30 -20.48 -40.90
CA GLY B 337 -14.49 -21.00 -39.82
C GLY B 337 -13.55 -19.92 -39.28
N TYR B 338 -12.49 -20.38 -38.61
CA TYR B 338 -11.46 -19.53 -38.04
C TYR B 338 -10.13 -19.86 -38.70
N ARG B 339 -9.67 -19.00 -39.61
CA ARG B 339 -8.43 -19.21 -40.34
C ARG B 339 -7.48 -18.03 -40.10
N ASN B 340 -6.76 -17.58 -41.15
CA ASN B 340 -5.82 -16.48 -41.05
C ASN B 340 -6.51 -15.21 -40.51
N PHE B 341 -7.76 -14.98 -40.95
CA PHE B 341 -8.48 -13.79 -40.58
C PHE B 341 -8.80 -13.74 -39.09
N SER B 342 -8.66 -14.88 -38.36
CA SER B 342 -9.14 -14.96 -37.00
C SER B 342 -8.07 -14.52 -35.99
N THR B 343 -7.27 -13.53 -36.37
CA THR B 343 -6.30 -12.95 -35.45
C THR B 343 -6.99 -11.85 -34.63
N VAL B 344 -6.47 -11.64 -33.41
CA VAL B 344 -6.80 -10.47 -32.62
C VAL B 344 -8.31 -10.41 -32.43
N GLU B 345 -8.84 -11.40 -31.71
CA GLU B 345 -10.16 -11.24 -31.11
C GLU B 345 -10.16 -9.90 -30.37
N THR B 346 -11.29 -9.16 -30.36
CA THR B 346 -11.28 -7.79 -29.83
C THR B 346 -11.51 -7.76 -28.32
N CYS B 347 -12.27 -8.71 -27.79
CA CYS B 347 -12.37 -8.85 -26.34
C CYS B 347 -10.97 -8.79 -25.71
N ASN B 348 -10.02 -9.49 -26.31
CA ASN B 348 -8.71 -9.67 -25.72
C ASN B 348 -8.11 -8.33 -25.34
N GLU B 349 -8.33 -7.28 -26.15
CA GLU B 349 -7.67 -6.00 -25.93
C GLU B 349 -8.46 -5.16 -24.92
N TYR B 350 -9.78 -5.33 -24.88
CA TYR B 350 -10.55 -4.84 -23.75
C TYR B 350 -9.96 -5.35 -22.43
N ASN B 351 -9.60 -6.63 -22.43
CA ASN B 351 -9.08 -7.24 -21.23
C ASN B 351 -7.63 -6.84 -20.98
N MET B 352 -6.84 -6.73 -22.06
CA MET B 352 -5.46 -6.32 -21.87
C MET B 352 -5.45 -4.90 -21.31
N LEU B 353 -6.33 -4.03 -21.82
CA LEU B 353 -6.33 -2.65 -21.37
C LEU B 353 -6.68 -2.62 -19.88
N LYS B 354 -7.62 -3.47 -19.46
CA LYS B 354 -7.98 -3.46 -18.05
C LYS B 354 -6.84 -3.97 -17.17
N LEU B 355 -6.11 -4.94 -17.64
CA LEU B 355 -4.97 -5.46 -16.88
C LEU B 355 -3.88 -4.40 -16.75
N ALA B 356 -3.56 -3.77 -17.88
CA ALA B 356 -2.60 -2.66 -17.92
C ALA B 356 -3.03 -1.56 -16.97
N ARG B 357 -4.34 -1.26 -16.97
CA ARG B 357 -4.86 -0.18 -16.16
C ARG B 357 -4.58 -0.46 -14.69
N ILE B 358 -4.96 -1.65 -14.22
CA ILE B 358 -4.82 -1.97 -12.80
C ILE B 358 -3.33 -2.15 -12.47
N LEU B 359 -2.53 -2.63 -13.41
CA LEU B 359 -1.08 -2.65 -13.16
C LEU B 359 -0.54 -1.23 -13.04
N PHE B 360 -1.04 -0.30 -13.85
CA PHE B 360 -0.58 1.07 -13.73
C PHE B 360 -1.00 1.63 -12.38
N GLN B 361 -2.25 1.41 -11.97
CA GLN B 361 -2.72 1.96 -10.71
C GLN B 361 -1.86 1.49 -9.53
N VAL B 362 -1.47 0.20 -9.52
CA VAL B 362 -0.66 -0.34 -8.45
C VAL B 362 0.79 0.13 -8.58
N THR B 363 1.38 0.10 -9.79
CA THR B 363 2.83 0.27 -9.91
C THR B 363 3.26 1.67 -10.38
N LYS B 364 2.35 2.37 -11.07
CA LYS B 364 2.59 3.68 -11.69
C LYS B 364 3.64 3.60 -12.80
N ASP B 365 4.06 2.41 -13.22
CA ASP B 365 5.07 2.27 -14.24
C ASP B 365 4.53 2.79 -15.58
N SER B 366 5.30 3.65 -16.23
CA SER B 366 4.86 4.32 -17.44
C SER B 366 4.66 3.36 -18.61
N LYS B 367 5.33 2.22 -18.59
CA LYS B 367 5.19 1.25 -19.65
C LYS B 367 3.73 0.78 -19.77
N TYR B 368 2.96 0.74 -18.66
CA TYR B 368 1.56 0.33 -18.76
C TYR B 368 0.78 1.42 -19.49
N SER B 369 1.17 2.69 -19.28
CA SER B 369 0.49 3.79 -19.95
C SER B 369 0.87 3.82 -21.43
N GLU B 370 2.14 3.57 -21.74
CA GLU B 370 2.60 3.42 -23.12
C GLU B 370 1.77 2.36 -23.87
N TYR B 371 1.67 1.16 -23.31
CA TYR B 371 0.82 0.12 -23.87
C TYR B 371 -0.65 0.54 -23.96
N TYR B 372 -1.17 1.17 -22.91
CA TYR B 372 -2.58 1.52 -22.87
C TYR B 372 -2.92 2.40 -24.08
N GLU B 373 -2.16 3.50 -24.22
CA GLU B 373 -2.36 4.45 -25.31
C GLU B 373 -2.36 3.73 -26.64
N HIS B 374 -1.34 2.87 -26.83
CA HIS B 374 -1.09 2.19 -28.09
C HIS B 374 -2.29 1.33 -28.48
N THR B 375 -2.83 0.59 -27.49
CA THR B 375 -3.82 -0.45 -27.73
C THR B 375 -5.22 0.19 -27.73
N PHE B 376 -5.40 1.20 -26.90
CA PHE B 376 -6.64 1.96 -26.97
C PHE B 376 -6.84 2.48 -28.41
N ILE B 377 -5.80 3.07 -28.99
CA ILE B 377 -5.93 3.62 -30.34
C ILE B 377 -6.06 2.51 -31.38
N ASN B 378 -5.12 1.56 -31.34
CA ASN B 378 -4.81 0.74 -32.50
C ASN B 378 -5.63 -0.56 -32.51
N ALA B 379 -6.32 -0.86 -31.40
CA ALA B 379 -7.17 -2.05 -31.36
C ALA B 379 -8.59 -1.69 -30.90
N ILE B 380 -8.76 -0.72 -29.99
CA ILE B 380 -10.08 -0.47 -29.45
C ILE B 380 -10.77 0.57 -30.33
N VAL B 381 -10.20 1.77 -30.44
CA VAL B 381 -10.82 2.78 -31.30
C VAL B 381 -10.95 2.20 -32.70
N ALA B 382 -9.94 1.42 -33.10
CA ALA B 382 -9.87 0.78 -34.40
C ALA B 382 -10.96 -0.28 -34.63
N SER B 383 -11.65 -0.70 -33.56
CA SER B 383 -12.61 -1.78 -33.62
C SER B 383 -13.99 -1.29 -34.05
N GLN B 384 -14.20 0.03 -34.16
CA GLN B 384 -15.56 0.51 -34.37
C GLN B 384 -15.74 1.07 -35.77
N ASN B 385 -16.95 0.82 -36.30
CA ASN B 385 -17.41 1.45 -37.51
C ASN B 385 -17.98 2.81 -37.10
N PRO B 386 -17.36 3.91 -37.55
CA PRO B 386 -17.78 5.23 -37.10
C PRO B 386 -19.16 5.64 -37.62
N GLU B 387 -19.71 4.93 -38.61
CA GLU B 387 -21.04 5.29 -39.09
C GLU B 387 -22.13 4.53 -38.35
N THR B 388 -21.86 3.26 -38.02
CA THR B 388 -22.86 2.40 -37.42
C THR B 388 -22.65 2.28 -35.91
N GLY B 389 -21.39 2.46 -35.47
CA GLY B 389 -21.05 2.30 -34.07
C GLY B 389 -20.83 0.86 -33.69
N MET B 390 -21.02 -0.08 -34.63
CA MET B 390 -20.80 -1.49 -34.37
C MET B 390 -19.31 -1.80 -34.37
N THR B 391 -18.95 -2.99 -33.80
CA THR B 391 -17.56 -3.32 -33.53
C THR B 391 -17.17 -4.70 -34.05
N THR B 392 -15.85 -4.89 -34.10
CA THR B 392 -15.24 -6.06 -34.70
C THR B 392 -15.21 -7.22 -33.71
N TYR B 393 -15.10 -8.42 -34.28
CA TYR B 393 -14.70 -9.61 -33.56
C TYR B 393 -13.20 -9.76 -33.80
N PHE B 394 -12.81 -10.36 -34.93
CA PHE B 394 -11.41 -10.48 -35.27
C PHE B 394 -10.90 -9.22 -35.97
N GLN B 395 -9.58 -9.08 -35.93
CA GLN B 395 -8.86 -8.08 -36.70
C GLN B 395 -7.76 -8.78 -37.49
N PRO B 396 -8.05 -9.12 -38.77
CA PRO B 396 -7.06 -9.73 -39.64
C PRO B 396 -5.77 -8.93 -39.68
N MET B 397 -4.65 -9.62 -39.53
CA MET B 397 -3.34 -9.01 -39.68
C MET B 397 -2.76 -9.25 -41.07
N LYS B 398 -3.10 -10.38 -41.69
CA LYS B 398 -2.71 -10.59 -43.07
C LYS B 398 -3.47 -9.59 -43.93
N ALA B 399 -2.75 -9.05 -44.92
CA ALA B 399 -3.31 -8.06 -45.81
C ALA B 399 -4.37 -8.73 -46.68
N GLY B 400 -5.39 -7.97 -47.05
CA GLY B 400 -6.34 -8.36 -48.07
C GLY B 400 -7.75 -8.59 -47.53
N TYR B 401 -7.93 -8.40 -46.23
CA TYR B 401 -9.24 -8.58 -45.63
C TYR B 401 -9.88 -7.21 -45.39
N PRO B 402 -11.23 -7.18 -45.33
CA PRO B 402 -11.96 -6.04 -44.79
C PRO B 402 -12.13 -6.17 -43.28
N LYS B 403 -12.43 -5.03 -42.65
CA LYS B 403 -12.96 -5.02 -41.29
C LYS B 403 -14.43 -5.41 -41.34
N VAL B 404 -14.79 -6.40 -40.52
CA VAL B 404 -16.15 -6.88 -40.44
C VAL B 404 -16.68 -6.55 -39.05
N PHE B 405 -17.84 -5.89 -39.00
CA PHE B 405 -18.44 -5.47 -37.74
C PHE B 405 -19.72 -6.24 -37.46
N GLY B 406 -20.16 -6.26 -36.20
CA GLY B 406 -21.46 -6.82 -35.89
C GLY B 406 -22.62 -5.94 -36.38
N ILE B 407 -23.83 -6.42 -36.04
CA ILE B 407 -25.05 -5.67 -36.23
C ILE B 407 -25.74 -5.48 -34.88
N THR B 408 -26.73 -4.59 -34.91
CA THR B 408 -27.42 -4.10 -33.72
C THR B 408 -28.34 -5.17 -33.14
N GLY B 409 -29.13 -5.80 -34.03
CA GLY B 409 -30.17 -6.71 -33.61
C GLY B 409 -31.33 -5.98 -32.96
N THR B 410 -31.35 -4.66 -33.16
CA THR B 410 -32.38 -3.74 -32.69
C THR B 410 -32.79 -2.83 -33.85
N ASP B 411 -33.68 -1.87 -33.56
CA ASP B 411 -34.10 -0.86 -34.52
C ASP B 411 -32.99 0.16 -34.75
N TYR B 412 -31.98 0.25 -33.88
CA TYR B 412 -30.84 1.11 -34.16
C TYR B 412 -30.12 0.63 -35.43
N ASP B 413 -29.78 1.60 -36.31
CA ASP B 413 -29.05 1.36 -37.54
C ASP B 413 -29.89 0.51 -38.51
N ALA B 414 -31.21 0.55 -38.39
CA ALA B 414 -32.09 -0.20 -39.27
C ALA B 414 -31.82 0.14 -40.75
N ASP B 415 -31.35 1.36 -41.05
CA ASP B 415 -30.98 1.75 -42.40
C ASP B 415 -29.84 0.87 -42.93
N TRP B 416 -29.04 0.33 -42.02
CA TRP B 416 -27.92 -0.50 -42.42
C TRP B 416 -28.31 -1.98 -42.39
N PHE B 417 -29.08 -2.40 -41.37
CA PHE B 417 -29.18 -3.81 -41.04
C PHE B 417 -30.62 -4.32 -41.15
N GLY B 418 -31.56 -3.42 -41.37
CA GLY B 418 -32.94 -3.84 -41.53
C GLY B 418 -33.50 -4.39 -40.23
N GLY B 419 -34.18 -5.55 -40.34
CA GLY B 419 -34.73 -6.21 -39.18
C GLY B 419 -33.94 -7.47 -38.82
N ALA B 420 -32.67 -7.55 -39.26
CA ALA B 420 -31.86 -8.72 -38.97
C ALA B 420 -31.74 -8.91 -37.45
N ILE B 421 -31.81 -10.18 -37.06
CA ILE B 421 -31.72 -10.59 -35.66
C ILE B 421 -30.25 -10.47 -35.25
N GLY B 422 -30.01 -9.97 -34.03
CA GLY B 422 -28.65 -9.74 -33.57
C GLY B 422 -27.92 -11.02 -33.28
N GLU B 423 -26.57 -10.92 -33.15
CA GLU B 423 -25.75 -12.04 -32.77
C GLU B 423 -25.23 -11.89 -31.35
N TYR B 424 -24.88 -10.67 -30.93
CA TYR B 424 -24.46 -10.40 -29.55
C TYR B 424 -23.26 -11.27 -29.14
N TRP B 425 -22.25 -11.24 -29.99
CA TRP B 425 -20.98 -11.84 -29.65
C TRP B 425 -20.41 -11.22 -28.37
N CYS B 426 -19.48 -11.97 -27.80
CA CYS B 426 -18.56 -11.50 -26.77
C CYS B 426 -17.98 -10.15 -27.16
N CYS B 427 -17.44 -10.06 -28.38
CA CYS B 427 -16.72 -8.88 -28.79
C CYS B 427 -17.63 -7.67 -28.90
N GLN B 428 -18.95 -7.92 -29.03
CA GLN B 428 -19.93 -6.86 -29.08
C GLN B 428 -20.28 -6.39 -27.68
N GLY B 429 -20.24 -7.34 -26.75
CA GLY B 429 -20.45 -7.01 -25.36
C GLY B 429 -19.29 -6.20 -24.77
N THR B 430 -18.07 -6.70 -24.90
CA THR B 430 -16.94 -5.88 -24.49
C THR B 430 -16.97 -4.59 -25.28
N GLY B 431 -17.36 -4.67 -26.55
CA GLY B 431 -17.37 -3.51 -27.42
C GLY B 431 -18.26 -2.39 -26.90
N ILE B 432 -19.45 -2.71 -26.40
CA ILE B 432 -20.35 -1.67 -25.89
C ILE B 432 -19.73 -1.01 -24.67
N GLU B 433 -19.07 -1.80 -23.81
CA GLU B 433 -18.36 -1.24 -22.67
C GLU B 433 -17.21 -0.37 -23.17
N ASN B 434 -16.45 -0.85 -24.17
CA ASN B 434 -15.29 -0.08 -24.64
C ASN B 434 -15.66 1.38 -24.92
N PHE B 435 -16.81 1.56 -25.58
CA PHE B 435 -17.20 2.87 -26.08
C PHE B 435 -18.02 3.61 -25.02
N ALA B 436 -18.58 2.89 -24.05
CA ALA B 436 -19.36 3.50 -22.97
C ALA B 436 -18.44 4.15 -21.94
N LYS B 437 -17.30 3.52 -21.69
CA LYS B 437 -16.37 4.01 -20.69
C LYS B 437 -15.16 4.62 -21.40
N LEU B 438 -15.39 5.15 -22.60
CA LEU B 438 -14.31 5.56 -23.51
C LEU B 438 -13.42 6.66 -22.92
N ASN B 439 -13.91 7.39 -21.93
CA ASN B 439 -13.15 8.48 -21.32
C ASN B 439 -12.61 8.10 -19.93
N ASP B 440 -12.54 6.81 -19.59
CA ASP B 440 -12.33 6.47 -18.19
C ASP B 440 -10.85 6.38 -17.82
N SER B 441 -9.97 6.49 -18.84
CA SER B 441 -8.55 6.28 -18.68
C SER B 441 -7.72 7.33 -19.42
N PHE B 442 -8.27 8.56 -19.55
CA PHE B 442 -7.49 9.67 -20.06
C PHE B 442 -6.49 10.11 -18.99
N TYR B 443 -6.94 10.17 -17.74
CA TYR B 443 -6.08 10.55 -16.62
C TYR B 443 -6.25 9.57 -15.47
N PHE B 444 -5.18 9.44 -14.68
CA PHE B 444 -5.23 8.79 -13.38
C PHE B 444 -4.81 9.80 -12.32
N THR B 445 -5.51 9.79 -11.20
CA THR B 445 -5.30 10.74 -10.14
C THR B 445 -4.93 9.95 -8.89
N ASP B 446 -3.93 10.46 -8.16
CA ASP B 446 -3.72 10.04 -6.78
C ASP B 446 -3.59 11.31 -5.93
N GLU B 447 -2.97 11.17 -4.76
CA GLU B 447 -3.02 12.23 -3.77
C GLU B 447 -2.41 13.52 -4.32
N ASN B 448 -1.19 13.45 -4.86
CA ASN B 448 -0.53 14.68 -5.28
C ASN B 448 -0.42 14.79 -6.80
N ASN B 449 -0.79 13.73 -7.53
CA ASN B 449 -0.44 13.59 -8.94
C ASN B 449 -1.64 13.41 -9.88
N VAL B 450 -1.51 13.97 -11.08
CA VAL B 450 -2.42 13.73 -12.17
C VAL B 450 -1.58 13.14 -13.29
N TYR B 451 -1.80 11.86 -13.60
CA TYR B 451 -1.05 11.20 -14.65
C TYR B 451 -1.80 11.38 -15.96
N VAL B 452 -1.13 11.94 -16.98
CA VAL B 452 -1.66 12.01 -18.33
C VAL B 452 -1.42 10.64 -18.97
N ASN B 453 -2.49 9.83 -19.07
CA ASN B 453 -2.37 8.51 -19.66
C ASN B 453 -2.36 8.57 -21.19
N MET B 454 -3.17 9.46 -21.78
CA MET B 454 -3.21 9.56 -23.22
C MET B 454 -3.29 11.05 -23.62
N PHE B 455 -3.00 11.34 -24.89
CA PHE B 455 -3.04 12.72 -25.37
C PHE B 455 -4.26 12.91 -26.26
N TRP B 456 -5.32 13.47 -25.66
CA TRP B 456 -6.59 13.77 -26.32
C TRP B 456 -7.05 15.16 -25.88
N SER B 457 -7.82 15.81 -26.75
CA SER B 457 -8.46 17.07 -26.38
C SER B 457 -9.64 16.76 -25.47
N SER B 458 -9.55 17.32 -24.27
CA SER B 458 -10.55 17.09 -23.25
C SER B 458 -10.47 18.21 -22.23
N THR B 459 -11.47 18.26 -21.37
CA THR B 459 -11.37 19.00 -20.14
C THR B 459 -11.63 18.06 -18.98
N TYR B 460 -10.69 18.04 -18.03
CA TYR B 460 -10.78 17.24 -16.83
C TYR B 460 -11.06 18.17 -15.65
N THR B 461 -12.21 17.97 -14.99
CA THR B 461 -12.50 18.67 -13.75
C THR B 461 -12.04 17.78 -12.60
N ASP B 462 -10.86 18.13 -12.11
CA ASP B 462 -10.16 17.37 -11.10
C ASP B 462 -10.65 17.84 -9.74
N THR B 463 -11.70 17.18 -9.24
CA THR B 463 -12.32 17.56 -7.99
C THR B 463 -11.47 17.13 -6.79
N ARG B 464 -10.42 16.33 -7.00
CA ARG B 464 -9.58 15.95 -5.88
C ARG B 464 -8.62 17.10 -5.55
N HIS B 465 -8.14 17.81 -6.57
CA HIS B 465 -7.13 18.85 -6.40
C HIS B 465 -7.66 20.25 -6.73
N ASN B 466 -8.96 20.34 -7.05
CA ASN B 466 -9.61 21.62 -7.33
C ASN B 466 -8.95 22.33 -8.50
N LEU B 467 -8.74 21.59 -9.59
CA LEU B 467 -8.21 22.12 -10.82
C LEU B 467 -9.04 21.60 -11.98
N THR B 468 -9.21 22.46 -12.97
CA THR B 468 -9.71 22.08 -14.27
C THR B 468 -8.51 22.09 -15.20
N ILE B 469 -8.32 20.98 -15.93
CA ILE B 469 -7.23 20.81 -16.86
C ILE B 469 -7.82 20.62 -18.25
N THR B 470 -7.49 21.57 -19.13
CA THR B 470 -7.95 21.51 -20.51
C THR B 470 -6.75 21.12 -21.34
N GLN B 471 -6.84 19.93 -21.93
CA GLN B 471 -5.81 19.46 -22.82
C GLN B 471 -6.32 19.67 -24.22
N THR B 472 -5.39 20.10 -25.08
CA THR B 472 -5.55 20.19 -26.53
C THR B 472 -4.44 19.33 -27.14
N ALA B 473 -4.84 18.31 -27.92
CA ALA B 473 -3.94 17.36 -28.54
C ALA B 473 -4.52 16.88 -29.88
N ASN B 474 -3.61 16.72 -30.83
CA ASN B 474 -3.97 16.24 -32.16
C ASN B 474 -2.90 15.28 -32.64
N VAL B 475 -2.07 14.75 -31.72
CA VAL B 475 -0.94 13.93 -32.13
C VAL B 475 -1.48 12.69 -32.86
N PRO B 476 -0.80 12.21 -33.91
CA PRO B 476 0.40 12.82 -34.46
C PRO B 476 0.18 13.68 -35.70
N LYS B 477 -1.05 14.16 -35.92
CA LYS B 477 -1.36 15.05 -37.04
C LYS B 477 -0.56 16.36 -36.88
N THR B 478 -0.57 16.93 -35.67
CA THR B 478 0.31 18.02 -35.30
C THR B 478 0.99 17.65 -33.98
N GLU B 479 2.11 18.30 -33.67
CA GLU B 479 2.99 17.78 -32.64
C GLU B 479 2.78 18.41 -31.27
N ASP B 480 2.09 19.55 -31.15
CA ASP B 480 2.06 20.26 -29.88
C ASP B 480 0.84 19.84 -29.06
N VAL B 481 1.10 19.41 -27.82
CA VAL B 481 0.06 19.18 -26.84
C VAL B 481 0.09 20.35 -25.86
N THR B 482 -1.06 21.00 -25.66
CA THR B 482 -1.13 22.09 -24.70
C THR B 482 -2.05 21.73 -23.54
N PHE B 483 -1.62 22.15 -22.34
CA PHE B 483 -2.43 22.10 -21.15
C PHE B 483 -2.63 23.50 -20.59
N GLU B 484 -3.89 23.81 -20.24
CA GLU B 484 -4.22 25.02 -19.51
C GLU B 484 -4.94 24.61 -18.23
N VAL B 485 -4.53 25.22 -17.12
CA VAL B 485 -5.04 24.86 -15.82
C VAL B 485 -5.72 26.08 -15.19
N SER B 486 -6.90 25.87 -14.62
CA SER B 486 -7.54 26.88 -13.79
C SER B 486 -8.01 26.20 -12.52
N GLY B 487 -8.26 26.99 -11.48
CA GLY B 487 -8.86 26.48 -10.26
C GLY B 487 -8.25 27.12 -9.03
N THR B 488 -8.18 26.34 -7.93
CA THR B 488 -7.79 26.88 -6.63
C THR B 488 -6.79 25.97 -5.92
N GLY B 489 -6.61 24.73 -6.41
CA GLY B 489 -5.70 23.81 -5.75
C GLY B 489 -4.38 23.71 -6.50
N SER B 490 -3.70 22.59 -6.27
CA SER B 490 -2.37 22.35 -6.82
C SER B 490 -2.17 20.85 -6.93
N ALA B 491 -1.34 20.45 -7.89
CA ALA B 491 -1.02 19.05 -8.09
C ALA B 491 0.25 19.02 -8.91
N ASN B 492 0.81 17.81 -9.07
CA ASN B 492 1.81 17.57 -10.08
C ASN B 492 1.19 16.83 -11.25
N LEU B 493 1.36 17.41 -12.45
CA LEU B 493 1.04 16.72 -13.68
C LEU B 493 2.20 15.79 -14.00
N LYS B 494 1.89 14.57 -14.44
CA LYS B 494 2.90 13.60 -14.79
C LYS B 494 2.76 13.27 -16.26
N LEU B 495 3.85 13.41 -17.01
CA LEU B 495 3.88 13.23 -18.44
C LEU B 495 4.84 12.12 -18.82
N ARG B 496 4.40 11.29 -19.76
CA ARG B 496 5.23 10.30 -20.41
C ARG B 496 6.01 10.98 -21.53
N VAL B 497 7.28 10.61 -21.70
CA VAL B 497 8.01 10.82 -22.93
C VAL B 497 7.79 9.57 -23.78
N PRO B 498 6.89 9.62 -24.78
CA PRO B 498 6.54 8.43 -25.52
C PRO B 498 7.72 7.93 -26.34
N ASP B 499 7.83 6.60 -26.40
CA ASP B 499 8.84 5.97 -27.22
C ASP B 499 8.53 6.22 -28.70
N TRP B 500 7.31 6.62 -29.05
CA TRP B 500 6.93 6.88 -30.43
C TRP B 500 7.26 8.30 -30.87
N ALA B 501 7.80 9.10 -29.95
CA ALA B 501 8.25 10.44 -30.31
C ALA B 501 9.74 10.38 -30.65
N ILE B 502 10.15 11.29 -31.54
CA ILE B 502 11.56 11.51 -31.81
C ILE B 502 12.16 12.20 -30.58
N THR B 503 12.93 11.43 -29.81
CA THR B 503 13.39 11.82 -28.48
C THR B 503 13.97 13.23 -28.49
N ASN B 504 14.85 13.50 -29.46
CA ASN B 504 15.63 14.73 -29.50
C ASN B 504 14.73 15.92 -29.76
N GLY B 505 13.53 15.67 -30.31
CA GLY B 505 12.60 16.73 -30.67
C GLY B 505 11.60 17.02 -29.55
N VAL B 506 11.60 16.18 -28.51
CA VAL B 506 10.63 16.38 -27.45
C VAL B 506 11.04 17.62 -26.67
N LYS B 507 10.09 18.52 -26.44
CA LYS B 507 10.35 19.75 -25.71
C LYS B 507 9.20 20.03 -24.77
N LEU B 508 9.53 20.43 -23.53
CA LEU B 508 8.55 20.78 -22.52
C LEU B 508 8.72 22.24 -22.13
N VAL B 509 7.66 23.03 -22.33
CA VAL B 509 7.63 24.44 -21.93
C VAL B 509 6.50 24.65 -20.92
N VAL B 510 6.88 25.20 -19.75
CA VAL B 510 5.99 25.42 -18.63
C VAL B 510 6.00 26.92 -18.30
N ASP B 511 4.80 27.53 -18.34
CA ASP B 511 4.63 28.96 -18.10
C ASP B 511 5.78 29.73 -18.76
N GLY B 512 6.06 29.41 -20.04
CA GLY B 512 7.01 30.16 -20.84
C GLY B 512 8.47 29.72 -20.72
N THR B 513 8.81 28.81 -19.79
CA THR B 513 10.19 28.41 -19.58
C THR B 513 10.37 26.92 -19.84
N GLU B 514 11.31 26.58 -20.72
CA GLU B 514 11.60 25.18 -21.01
C GLU B 514 12.03 24.47 -19.73
N GLN B 515 11.55 23.23 -19.59
CA GLN B 515 11.84 22.41 -18.43
C GLN B 515 12.44 21.10 -18.92
N ALA B 516 13.35 20.52 -18.13
CA ALA B 516 14.07 19.33 -18.55
C ALA B 516 13.10 18.15 -18.50
N LEU B 517 13.43 17.08 -19.23
CA LEU B 517 12.62 15.87 -19.25
C LEU B 517 13.12 14.87 -18.21
N THR B 518 13.29 15.31 -16.96
CA THR B 518 13.74 14.43 -15.90
C THR B 518 12.62 13.47 -15.51
N LYS B 519 12.91 12.17 -15.54
CA LYS B 519 11.91 11.15 -15.26
C LYS B 519 12.01 10.74 -13.81
N ASP B 520 10.86 10.54 -13.16
CA ASP B 520 10.84 9.89 -11.86
C ASP B 520 11.22 8.42 -12.06
N GLU B 521 11.22 7.65 -10.97
CA GLU B 521 11.67 6.27 -10.99
C GLU B 521 10.72 5.38 -11.79
N ASN B 522 9.54 5.91 -12.12
CA ASN B 522 8.50 5.19 -12.83
C ASN B 522 8.38 5.64 -14.29
N GLY B 523 9.23 6.59 -14.73
CA GLY B 523 9.31 7.00 -16.12
C GLY B 523 8.59 8.32 -16.46
N TRP B 524 8.11 9.05 -15.45
CA TRP B 524 7.26 10.21 -15.65
C TRP B 524 8.03 11.51 -15.41
N VAL B 525 7.79 12.50 -16.28
CA VAL B 525 8.19 13.88 -16.07
C VAL B 525 7.12 14.62 -15.25
N THR B 526 7.57 15.47 -14.33
CA THR B 526 6.71 16.05 -13.32
C THR B 526 6.57 17.56 -13.55
N VAL B 527 5.33 18.09 -13.56
CA VAL B 527 5.12 19.52 -13.72
C VAL B 527 4.16 20.01 -12.65
N ALA B 528 4.68 20.89 -11.76
CA ALA B 528 3.87 21.60 -10.81
C ALA B 528 2.80 22.39 -11.56
N ILE B 529 1.53 22.20 -11.16
CA ILE B 529 0.45 22.96 -11.75
C ILE B 529 -0.46 23.52 -10.65
N LYS B 530 -1.20 24.56 -11.08
CA LYS B 530 -2.08 25.39 -10.28
C LYS B 530 -2.73 26.40 -11.22
N ASP B 531 -3.67 27.19 -10.68
CA ASP B 531 -4.40 28.18 -11.44
C ASP B 531 -3.46 28.93 -12.38
N GLY B 532 -3.81 28.96 -13.66
CA GLY B 532 -3.14 29.75 -14.69
C GLY B 532 -1.95 29.08 -15.34
N ALA B 533 -1.58 27.87 -14.88
CA ALA B 533 -0.45 27.16 -15.47
C ALA B 533 -0.74 26.88 -16.95
N LYS B 534 0.30 26.97 -17.76
CA LYS B 534 0.22 26.77 -19.19
C LYS B 534 1.42 25.94 -19.63
N ILE B 535 1.13 24.85 -20.33
CA ILE B 535 2.15 23.89 -20.71
C ILE B 535 2.01 23.63 -22.20
N THR B 536 3.13 23.71 -22.93
CA THR B 536 3.22 23.24 -24.30
C THR B 536 4.20 22.06 -24.32
N TYR B 537 3.68 20.87 -24.64
CA TYR B 537 4.47 19.66 -24.72
C TYR B 537 4.59 19.25 -26.18
N THR B 538 5.78 19.43 -26.77
CA THR B 538 6.03 19.12 -28.16
C THR B 538 6.51 17.67 -28.29
N LEU B 539 5.73 16.90 -29.08
CA LEU B 539 5.91 15.46 -29.25
C LEU B 539 5.98 15.17 -30.74
N PRO B 540 7.15 15.38 -31.38
CA PRO B 540 7.30 15.08 -32.80
C PRO B 540 7.18 13.58 -33.02
N ALA B 541 6.34 13.21 -34.00
CA ALA B 541 6.01 11.82 -34.26
C ALA B 541 7.15 11.14 -35.03
N LYS B 542 7.51 9.94 -34.57
CA LYS B 542 8.48 9.09 -35.23
C LYS B 542 7.74 8.12 -36.16
N LEU B 543 8.25 7.99 -37.39
CA LEU B 543 7.81 6.94 -38.29
C LEU B 543 8.70 5.72 -38.08
N GLN B 544 8.12 4.53 -38.01
CA GLN B 544 8.93 3.35 -37.75
C GLN B 544 8.31 2.13 -38.42
N ALA B 545 9.20 1.20 -38.76
CA ALA B 545 8.83 -0.10 -39.28
C ALA B 545 8.87 -1.09 -38.14
N ILE B 546 7.90 -2.00 -38.10
CA ILE B 546 7.81 -2.99 -37.06
C ILE B 546 7.52 -4.33 -37.71
N ASP B 547 8.43 -5.30 -37.54
CA ASP B 547 8.30 -6.57 -38.20
C ASP B 547 7.74 -7.57 -37.19
N ALA B 548 7.63 -8.83 -37.59
CA ALA B 548 7.32 -9.93 -36.69
C ALA B 548 8.61 -10.64 -36.29
N ALA B 549 8.65 -11.12 -35.05
CA ALA B 549 9.81 -11.83 -34.57
C ALA B 549 10.22 -12.94 -35.54
N ASP B 550 9.23 -13.59 -36.17
CA ASP B 550 9.45 -14.75 -37.02
C ASP B 550 9.45 -14.40 -38.50
N ASN B 551 9.44 -13.12 -38.84
CA ASN B 551 9.54 -12.75 -40.24
C ASN B 551 9.91 -11.28 -40.40
N LYS B 552 11.18 -11.03 -40.76
CA LYS B 552 11.69 -9.70 -41.00
C LYS B 552 11.03 -9.05 -42.21
N ASP B 553 10.42 -9.84 -43.11
CA ASP B 553 9.83 -9.30 -44.32
C ASP B 553 8.32 -9.12 -44.19
N TRP B 554 7.80 -9.27 -42.97
CA TRP B 554 6.39 -8.98 -42.69
C TRP B 554 6.37 -7.73 -41.83
N VAL B 555 6.04 -6.57 -42.42
CA VAL B 555 6.41 -5.29 -41.83
C VAL B 555 5.19 -4.36 -41.77
N ALA B 556 4.98 -3.76 -40.58
CA ALA B 556 3.94 -2.77 -40.41
C ALA B 556 4.61 -1.41 -40.16
N PHE B 557 3.88 -0.33 -40.51
CA PHE B 557 4.36 1.02 -40.30
C PHE B 557 3.48 1.76 -39.29
N GLN B 558 4.17 2.53 -38.43
CA GLN B 558 3.55 3.30 -37.37
C GLN B 558 4.12 4.71 -37.39
N TYR B 559 3.25 5.70 -37.15
CA TYR B 559 3.62 7.10 -37.06
C TYR B 559 3.06 7.67 -35.76
N GLY B 560 3.94 8.18 -34.91
CA GLY B 560 3.59 8.44 -33.53
C GLY B 560 2.88 7.24 -32.92
N PRO B 561 1.74 7.43 -32.24
CA PRO B 561 1.01 6.30 -31.65
C PRO B 561 0.04 5.62 -32.61
N VAL B 562 0.13 5.92 -33.92
CA VAL B 562 -0.88 5.50 -34.85
C VAL B 562 -0.29 4.51 -35.82
N VAL B 563 -0.82 3.28 -35.79
CA VAL B 563 -0.44 2.29 -36.79
C VAL B 563 -1.17 2.63 -38.09
N LEU B 564 -0.41 2.55 -39.20
CA LEU B 564 -0.90 2.87 -40.54
C LEU B 564 -1.44 1.63 -41.22
N ALA B 565 -2.38 1.86 -42.15
CA ALA B 565 -2.87 0.78 -42.98
C ALA B 565 -3.00 1.32 -44.40
N GLY B 566 -2.68 0.48 -45.40
CA GLY B 566 -2.94 0.86 -46.77
C GLY B 566 -4.35 0.46 -47.19
N ALA B 567 -5.06 1.36 -47.88
CA ALA B 567 -6.36 1.03 -48.46
C ALA B 567 -6.09 0.24 -49.73
N LEU B 568 -6.74 -0.92 -49.89
CA LEU B 568 -6.39 -1.85 -50.96
C LEU B 568 -7.48 -1.93 -52.02
N THR B 569 -8.66 -2.43 -51.66
CA THR B 569 -9.79 -2.54 -52.57
C THR B 569 -11.04 -2.08 -51.83
N ASP B 570 -12.10 -1.80 -52.58
CA ASP B 570 -13.41 -1.55 -51.99
C ASP B 570 -13.92 -2.84 -51.36
N THR B 571 -14.84 -2.70 -50.39
CA THR B 571 -15.47 -3.84 -49.74
C THR B 571 -16.95 -3.52 -49.55
N ASN B 572 -17.76 -4.56 -49.62
CA ASN B 572 -19.19 -4.41 -49.45
C ASN B 572 -19.58 -5.10 -48.15
N TYR B 573 -20.05 -4.30 -47.18
CA TYR B 573 -20.31 -4.82 -45.85
C TYR B 573 -21.43 -5.85 -45.86
N LYS B 574 -22.25 -5.89 -46.93
CA LYS B 574 -23.38 -6.80 -46.97
C LYS B 574 -22.94 -8.21 -47.35
N THR B 575 -21.79 -8.34 -48.00
CA THR B 575 -21.43 -9.62 -48.58
C THR B 575 -20.02 -10.04 -48.25
N ASN B 576 -19.30 -9.25 -47.43
CA ASN B 576 -17.85 -9.45 -47.30
C ASN B 576 -17.47 -10.37 -46.14
N TYR B 577 -18.44 -11.10 -45.58
CA TYR B 577 -18.16 -12.01 -44.48
C TYR B 577 -18.82 -13.36 -44.69
N SER B 578 -18.30 -14.36 -43.97
CA SER B 578 -18.87 -15.67 -43.78
C SER B 578 -19.12 -15.88 -42.29
N TYR B 579 -19.26 -17.14 -41.88
CA TYR B 579 -19.45 -17.44 -40.47
C TYR B 579 -18.44 -18.45 -39.98
N GLY B 580 -18.16 -18.33 -38.68
CA GLY B 580 -17.34 -19.24 -37.93
C GLY B 580 -17.87 -19.38 -36.51
N GLY B 581 -17.33 -20.35 -35.78
CA GLY B 581 -17.70 -20.56 -34.39
C GLY B 581 -19.21 -20.53 -34.24
N VAL B 582 -19.70 -19.83 -33.20
CA VAL B 582 -21.13 -19.71 -32.97
C VAL B 582 -21.60 -18.34 -33.47
N LYS B 583 -22.18 -18.33 -34.67
CA LYS B 583 -22.73 -17.12 -35.25
C LYS B 583 -21.70 -15.97 -35.33
N VAL B 584 -20.40 -16.28 -35.41
CA VAL B 584 -19.39 -15.25 -35.51
C VAL B 584 -19.14 -14.94 -36.99
N ARG B 585 -19.32 -13.68 -37.36
CA ARG B 585 -18.97 -13.21 -38.70
C ARG B 585 -17.47 -13.05 -38.82
N VAL B 586 -16.95 -13.50 -39.98
CA VAL B 586 -15.53 -13.56 -40.24
C VAL B 586 -15.32 -13.10 -41.67
N ALA B 587 -14.18 -12.43 -41.88
CA ALA B 587 -13.88 -11.71 -43.11
C ALA B 587 -13.50 -12.66 -44.23
N ASN B 588 -13.98 -12.34 -45.44
CA ASN B 588 -13.61 -13.03 -46.68
C ASN B 588 -12.39 -12.36 -47.31
N TYR B 589 -11.42 -13.19 -47.71
CA TYR B 589 -10.17 -12.74 -48.30
C TYR B 589 -10.39 -12.16 -49.68
N ASP B 590 -9.71 -11.03 -49.97
CA ASP B 590 -9.57 -10.49 -51.30
C ASP B 590 -8.13 -10.73 -51.75
N SER B 591 -7.91 -11.77 -52.57
CA SER B 591 -6.59 -12.18 -52.97
C SER B 591 -5.95 -11.14 -53.89
N GLU B 592 -6.76 -10.42 -54.67
CA GLU B 592 -6.27 -9.30 -55.45
C GLU B 592 -5.67 -8.27 -54.51
N ALA B 593 -6.48 -7.87 -53.52
CA ALA B 593 -6.07 -6.89 -52.55
C ALA B 593 -4.75 -7.31 -51.91
N ASN B 594 -4.64 -8.60 -51.54
CA ASN B 594 -3.45 -9.07 -50.88
C ASN B 594 -2.22 -8.84 -51.78
N ALA B 595 -2.36 -9.13 -53.07
CA ALA B 595 -1.25 -9.00 -54.01
C ALA B 595 -0.73 -7.56 -54.09
N LYS B 596 -1.60 -6.56 -53.89
CA LYS B 596 -1.17 -5.16 -53.91
C LYS B 596 -0.31 -4.81 -52.70
N ALA B 597 -0.35 -5.65 -51.66
CA ALA B 597 0.43 -5.43 -50.45
C ALA B 597 1.84 -5.99 -50.59
N ALA B 598 2.23 -6.36 -51.81
CA ALA B 598 3.61 -6.68 -52.13
C ALA B 598 4.42 -5.39 -52.23
N VAL B 599 5.51 -5.30 -51.46
CA VAL B 599 6.36 -4.13 -51.46
C VAL B 599 7.73 -4.56 -52.00
N ILE B 600 8.02 -4.08 -53.22
CA ILE B 600 9.22 -4.44 -53.97
C ILE B 600 10.06 -3.18 -54.14
N PRO B 601 11.23 -3.06 -53.48
CA PRO B 601 12.11 -1.91 -53.68
C PRO B 601 12.52 -1.72 -55.14
N THR B 602 12.45 -0.47 -55.60
CA THR B 602 12.95 -0.02 -56.89
C THR B 602 14.47 -0.18 -56.93
N SER B 603 15.19 0.59 -56.11
CA SER B 603 16.64 0.41 -55.99
C SER B 603 16.99 -0.06 -54.58
N GLY B 604 17.97 -0.97 -54.50
CA GLY B 604 18.40 -1.54 -53.23
C GLY B 604 17.62 -2.80 -52.83
N SER B 605 18.11 -3.46 -51.77
CA SER B 605 17.48 -4.61 -51.17
C SER B 605 16.36 -4.18 -50.23
N VAL B 606 15.60 -5.15 -49.71
CA VAL B 606 14.61 -4.91 -48.67
C VAL B 606 15.28 -4.21 -47.50
N THR B 607 16.39 -4.78 -47.03
CA THR B 607 17.10 -4.23 -45.89
C THR B 607 17.42 -2.76 -46.13
N ASP B 608 17.98 -2.44 -47.30
CA ASP B 608 18.34 -1.08 -47.65
C ASP B 608 17.12 -0.18 -47.65
N TRP B 609 16.01 -0.70 -48.20
CA TRP B 609 14.82 0.08 -48.35
C TRP B 609 14.24 0.41 -46.96
N LEU B 610 14.32 -0.53 -46.03
CA LEU B 610 13.86 -0.28 -44.68
C LEU B 610 14.74 0.76 -43.98
N LYS B 611 16.05 0.77 -44.25
CA LYS B 611 16.97 1.77 -43.68
C LYS B 611 16.66 3.17 -44.23
N GLY B 612 16.08 3.23 -45.43
CA GLY B 612 15.76 4.52 -46.03
C GLY B 612 14.50 5.15 -45.46
N ILE B 613 13.81 4.44 -44.55
CA ILE B 613 12.66 5.03 -43.89
C ILE B 613 13.14 6.00 -42.82
N LYS B 614 12.82 7.28 -42.98
CA LYS B 614 13.29 8.30 -42.06
C LYS B 614 12.26 8.44 -40.95
N GLU B 615 12.76 8.67 -39.72
CA GLU B 615 11.90 8.85 -38.56
C GLU B 615 10.92 9.99 -38.75
N ASP B 616 11.30 11.03 -39.51
CA ASP B 616 10.45 12.22 -39.63
C ASP B 616 9.51 12.12 -40.84
N ALA B 617 9.56 11.04 -41.62
CA ALA B 617 8.64 10.81 -42.74
C ALA B 617 8.81 11.84 -43.86
N SER B 618 9.98 12.53 -43.88
CA SER B 618 10.25 13.64 -44.80
C SER B 618 10.77 13.14 -46.14
N GLU B 619 10.77 14.04 -47.13
CA GLU B 619 11.29 13.75 -48.47
C GLU B 619 12.65 13.08 -48.35
N GLY B 620 12.85 12.04 -49.16
CA GLY B 620 14.05 11.23 -49.03
C GLY B 620 13.77 9.89 -48.35
N SER B 621 12.68 9.83 -47.56
CA SER B 621 12.23 8.61 -46.92
C SER B 621 11.57 7.68 -47.93
N ASN B 622 11.70 6.36 -47.71
CA ASN B 622 11.05 5.37 -48.55
C ASN B 622 9.56 5.27 -48.21
N LEU B 623 9.17 5.92 -47.12
CA LEU B 623 7.77 6.11 -46.79
C LEU B 623 7.61 7.55 -46.30
N VAL B 624 6.81 8.34 -47.02
CA VAL B 624 6.80 9.78 -46.84
C VAL B 624 5.41 10.21 -46.38
N ARG B 625 5.37 11.18 -45.46
CA ARG B 625 4.11 11.77 -45.04
C ARG B 625 3.64 12.79 -46.08
N THR B 626 2.42 12.61 -46.58
CA THR B 626 1.91 13.40 -47.70
C THR B 626 0.86 14.42 -47.28
N ASP B 627 0.25 14.25 -46.09
CA ASP B 627 -0.80 15.20 -45.69
C ASP B 627 -0.12 16.45 -45.18
N ASP B 628 -0.89 17.54 -45.19
CA ASP B 628 -0.43 18.81 -44.65
C ASP B 628 -0.78 18.88 -43.18
N PRO B 629 0.20 19.01 -42.26
CA PRO B 629 -0.09 19.09 -40.82
C PRO B 629 -1.17 20.08 -40.41
N ASN B 630 -1.36 21.16 -41.19
CA ASN B 630 -2.24 22.23 -40.76
C ASN B 630 -3.63 22.20 -41.42
N THR B 631 -3.89 21.18 -42.24
CA THR B 631 -5.17 21.08 -42.92
C THR B 631 -5.76 19.71 -42.61
N GLY B 632 -7.02 19.71 -42.15
CA GLY B 632 -7.76 18.48 -41.90
C GLY B 632 -7.61 18.00 -40.45
N ASN B 633 -8.49 17.08 -40.07
CA ASN B 633 -8.44 16.44 -38.75
C ASN B 633 -7.43 15.30 -38.77
N ARG B 634 -7.31 14.60 -37.64
CA ARG B 634 -6.25 13.63 -37.45
C ARG B 634 -6.38 12.50 -38.45
N GLU B 635 -7.62 12.21 -38.85
CA GLU B 635 -7.90 11.10 -39.74
C GLU B 635 -7.46 11.40 -41.17
N THR B 636 -7.06 12.65 -41.50
CA THR B 636 -6.52 12.95 -42.82
C THR B 636 -5.02 12.64 -42.93
N LEU B 637 -4.41 12.06 -41.89
CA LEU B 637 -3.03 11.60 -42.00
C LEU B 637 -2.87 10.70 -43.22
N SER B 638 -1.82 10.93 -44.01
CA SER B 638 -1.61 10.16 -45.23
C SER B 638 -0.13 10.01 -45.52
N PHE B 639 0.23 8.86 -46.09
CA PHE B 639 1.60 8.56 -46.43
C PHE B 639 1.61 7.81 -47.74
N LYS B 640 2.73 7.88 -48.46
CA LYS B 640 2.93 7.05 -49.63
C LYS B 640 4.33 6.44 -49.53
N PHE B 641 4.45 5.22 -50.04
CA PHE B 641 5.74 4.60 -50.26
C PHE B 641 6.44 5.34 -51.39
N ALA B 642 7.77 5.44 -51.30
CA ALA B 642 8.60 5.92 -52.38
C ALA B 642 9.55 4.79 -52.76
N ASN B 643 9.94 4.74 -54.05
CA ASN B 643 10.98 3.84 -54.52
C ASN B 643 10.50 2.40 -54.42
N VAL B 644 9.26 2.16 -54.86
CA VAL B 644 8.68 0.83 -54.84
C VAL B 644 8.01 0.56 -56.18
N ASP B 645 8.05 -0.71 -56.58
CA ASP B 645 7.46 -1.15 -57.84
C ASP B 645 6.03 -1.61 -57.56
N GLY B 646 5.23 -1.63 -58.63
CA GLY B 646 3.90 -2.24 -58.59
C GLY B 646 2.85 -1.28 -58.03
N ASP B 647 1.70 -1.86 -57.68
CA ASP B 647 0.53 -1.12 -57.21
C ASP B 647 0.81 -0.39 -55.90
N ALA B 648 1.76 -0.91 -55.08
CA ALA B 648 2.16 -0.28 -53.82
C ALA B 648 2.49 1.20 -54.04
N ALA B 649 3.18 1.50 -55.14
CA ALA B 649 3.45 2.89 -55.51
C ALA B 649 2.20 3.75 -55.39
N ASP B 650 1.02 3.20 -55.74
CA ASP B 650 -0.19 3.99 -55.89
C ASP B 650 -1.01 4.04 -54.60
N LEU B 651 -0.75 3.12 -53.67
CA LEU B 651 -1.53 3.01 -52.44
C LEU B 651 -1.31 4.25 -51.58
N THR B 652 -2.34 4.64 -50.83
CA THR B 652 -2.19 5.62 -49.75
C THR B 652 -2.29 4.88 -48.42
N LEU B 653 -1.39 5.20 -47.49
CA LEU B 653 -1.46 4.70 -46.13
C LEU B 653 -2.09 5.77 -45.24
N GLN B 654 -3.00 5.34 -44.36
CA GLN B 654 -3.76 6.21 -43.48
C GLN B 654 -3.82 5.54 -42.10
N PRO B 655 -4.42 6.15 -41.07
CA PRO B 655 -4.59 5.45 -39.78
C PRO B 655 -5.39 4.16 -39.94
N TYR B 656 -4.86 3.08 -39.34
CA TYR B 656 -5.60 1.83 -39.27
C TYR B 656 -6.92 2.05 -38.54
N TYR B 657 -6.95 2.88 -37.48
CA TYR B 657 -8.11 2.90 -36.61
C TYR B 657 -9.36 3.43 -37.33
N SER B 658 -9.15 4.30 -38.31
CA SER B 658 -10.23 4.90 -39.08
C SER B 658 -10.36 4.26 -40.46
N THR B 659 -9.65 3.16 -40.74
CA THR B 659 -9.85 2.43 -41.99
C THR B 659 -11.03 1.48 -41.85
N TYR B 660 -12.08 1.62 -42.66
CA TYR B 660 -13.21 0.71 -42.55
C TYR B 660 -13.98 0.48 -43.87
N LYS B 661 -13.76 1.29 -44.91
CA LYS B 661 -14.51 1.19 -46.16
C LYS B 661 -13.84 0.25 -47.16
N THR B 662 -12.59 -0.10 -46.88
CA THR B 662 -11.76 -0.83 -47.82
C THR B 662 -11.14 -2.04 -47.11
N THR B 663 -10.73 -3.02 -47.92
CA THR B 663 -9.79 -4.01 -47.46
C THR B 663 -8.50 -3.24 -47.14
N TYR B 664 -7.62 -3.84 -46.35
CA TYR B 664 -6.48 -3.08 -45.86
C TYR B 664 -5.27 -3.98 -45.71
N ALA B 665 -4.09 -3.34 -45.71
CA ALA B 665 -2.87 -3.96 -45.24
C ALA B 665 -2.32 -3.17 -44.06
N ILE B 666 -2.02 -3.89 -42.99
CA ILE B 666 -1.32 -3.36 -41.83
C ILE B 666 0.11 -3.90 -41.86
N TYR B 667 0.24 -5.21 -42.03
CA TYR B 667 1.54 -5.81 -42.32
C TYR B 667 1.72 -5.96 -43.83
N TRP B 668 2.89 -5.55 -44.32
CA TRP B 668 3.22 -5.60 -45.73
C TRP B 668 4.20 -6.73 -45.97
N ASP B 669 4.16 -7.31 -47.18
CA ASP B 669 5.08 -8.37 -47.56
C ASP B 669 6.23 -7.75 -48.34
N MET B 670 7.38 -7.61 -47.68
CA MET B 670 8.58 -7.07 -48.32
C MET B 670 9.14 -8.15 -49.25
N ALA B 671 9.42 -7.78 -50.50
CA ALA B 671 9.88 -8.72 -51.51
C ALA B 671 11.15 -8.20 -52.18
N GLU B 672 12.19 -9.03 -52.16
CA GLU B 672 13.56 -8.67 -52.50
C GLU B 672 13.70 -8.52 -54.02
ZN ZN C . 12.02 13.07 25.95
ZN ZN D . -14.86 -11.69 -28.01
#